data_6L5M
#
_entry.id   6L5M
#
_cell.length_a   36.390
_cell.length_b   219.070
_cell.length_c   126.390
_cell.angle_alpha   90.000
_cell.angle_beta   90.790
_cell.angle_gamma   90.000
#
_symmetry.space_group_name_H-M   'P 1 21 1'
#
loop_
_entity.id
_entity.type
_entity.pdbx_description
1 polymer 'Nucleolar RNA helicase 2'
2 non-polymer 'ADENOSINE MONOPHOSPHATE'
3 water water
#
_entity_poly.entity_id   1
_entity_poly.type   'polypeptide(L)'
_entity_poly.pdbx_seq_one_letter_code
;SFSNFPISEETIKLLKGRGVTFLFPIQAKTFHHVYSGKDLIAQARTGTGKTFSFAIPLIEKLHGELQDRKRGRAPQVLVL
APTRELANQVSKDFSDITKKLSVACFYGGTPYGGQFERMRNGIDILVGTPGRIKDHIQNGKLDLTKLKHVVLDEVDQMLD
MGFADQVEEILSVAYKKDSEDNPQTLLFSATCPHWVFNVAKKYMKSTYEQVDLIGKKTQKTAITVEHLAIKCHWTQRAAV
IGDVIRVYSGHQGRTIIFCETKKEAQELSQNSAIKQDAQSLHGDIPQKQREITLKGFRNGSFGVLVATNVAARGLDIPEV
DLVIQSSPPKDVESYIHRSGRTGRAGRTGVCICFYQHKEEYQLVQVEQKAGIKFKRI
;
_entity_poly.pdbx_strand_id   A,B,C,D,E
#
loop_
_chem_comp.id
_chem_comp.type
_chem_comp.name
_chem_comp.formula
AMP non-polymer 'ADENOSINE MONOPHOSPHATE' 'C10 H14 N5 O7 P'
#
# COMPACT_ATOMS: atom_id res chain seq x y z
N PHE A 2 16.81 -38.42 -12.34
CA PHE A 2 17.66 -39.60 -12.15
C PHE A 2 18.15 -40.21 -13.48
N SER A 3 18.06 -39.42 -14.57
CA SER A 3 18.36 -39.82 -15.95
C SER A 3 19.72 -40.55 -16.18
N ASN A 4 20.78 -40.14 -15.47
CA ASN A 4 22.10 -40.77 -15.59
C ASN A 4 22.16 -42.22 -14.97
N PHE A 5 21.17 -42.61 -14.17
CA PHE A 5 21.23 -43.86 -13.45
C PHE A 5 20.13 -44.85 -13.74
N PRO A 6 20.47 -46.16 -13.79
CA PRO A 6 19.46 -47.21 -14.03
C PRO A 6 18.50 -47.51 -12.85
N ILE A 7 17.72 -46.51 -12.42
CA ILE A 7 16.74 -46.69 -11.35
C ILE A 7 15.37 -46.88 -12.02
N SER A 8 14.69 -48.03 -11.74
CA SER A 8 13.36 -48.42 -12.22
C SER A 8 12.29 -47.40 -11.82
N GLU A 9 11.19 -47.30 -12.62
CA GLU A 9 10.08 -46.36 -12.36
C GLU A 9 9.36 -46.60 -11.03
N GLU A 10 9.31 -47.89 -10.60
CA GLU A 10 8.71 -48.35 -9.34
C GLU A 10 9.50 -47.78 -8.14
N THR A 11 10.85 -47.86 -8.21
CA THR A 11 11.79 -47.36 -7.21
C THR A 11 11.72 -45.83 -7.17
N ILE A 12 11.66 -45.17 -8.36
CA ILE A 12 11.51 -43.72 -8.50
C ILE A 12 10.23 -43.22 -7.80
N LYS A 13 9.11 -43.98 -7.93
CA LYS A 13 7.85 -43.59 -7.29
C LYS A 13 7.92 -43.70 -5.77
N LEU A 14 8.54 -44.79 -5.26
CA LEU A 14 8.74 -44.98 -3.82
C LEU A 14 9.70 -43.90 -3.27
N LEU A 15 10.73 -43.53 -4.06
CA LEU A 15 11.71 -42.51 -3.70
C LEU A 15 11.08 -41.13 -3.57
N LYS A 16 10.15 -40.76 -4.48
CA LYS A 16 9.44 -39.47 -4.40
C LYS A 16 8.61 -39.33 -3.10
N GLY A 17 8.14 -40.45 -2.55
CA GLY A 17 7.46 -40.51 -1.26
C GLY A 17 8.36 -40.12 -0.10
N ARG A 18 9.67 -40.40 -0.21
CA ARG A 18 10.69 -40.04 0.78
C ARG A 18 11.32 -38.66 0.52
N GLY A 19 10.81 -37.96 -0.50
CA GLY A 19 11.29 -36.63 -0.88
C GLY A 19 12.58 -36.65 -1.68
N VAL A 20 12.91 -37.80 -2.31
CA VAL A 20 14.10 -38.03 -3.14
C VAL A 20 13.72 -37.96 -4.65
N THR A 21 14.13 -36.85 -5.29
CA THR A 21 13.85 -36.59 -6.72
C THR A 21 15.11 -36.59 -7.56
N PHE A 22 16.28 -36.48 -6.90
CA PHE A 22 17.61 -36.46 -7.51
C PHE A 22 18.61 -37.01 -6.49
N LEU A 23 19.80 -37.40 -6.95
CA LEU A 23 20.88 -37.94 -6.12
C LEU A 23 21.82 -36.87 -5.59
N PHE A 24 22.23 -36.99 -4.32
CA PHE A 24 23.23 -36.16 -3.65
C PHE A 24 24.63 -36.59 -4.15
N PRO A 25 25.69 -35.76 -4.03
CA PRO A 25 27.01 -36.15 -4.60
C PRO A 25 27.56 -37.55 -4.20
N ILE A 26 27.50 -37.94 -2.91
CA ILE A 26 28.01 -39.26 -2.46
C ILE A 26 27.28 -40.40 -3.20
N GLN A 27 25.99 -40.19 -3.50
CA GLN A 27 25.15 -41.15 -4.20
C GLN A 27 25.57 -41.31 -5.67
N ALA A 28 25.61 -40.20 -6.41
CA ALA A 28 26.00 -40.22 -7.83
C ALA A 28 27.41 -40.79 -8.10
N LYS A 29 28.37 -40.52 -7.16
CA LYS A 29 29.75 -40.99 -7.26
C LYS A 29 29.89 -42.49 -7.00
N THR A 30 29.08 -43.04 -6.08
CA THR A 30 29.16 -44.46 -5.66
C THR A 30 28.20 -45.40 -6.41
N PHE A 31 27.07 -44.89 -6.90
CA PHE A 31 26.05 -45.69 -7.58
C PHE A 31 26.59 -46.81 -8.46
N HIS A 32 27.41 -46.48 -9.50
CA HIS A 32 27.91 -47.48 -10.44
C HIS A 32 28.93 -48.42 -9.83
N HIS A 33 29.79 -47.93 -8.87
CA HIS A 33 30.75 -48.80 -8.18
C HIS A 33 29.98 -49.83 -7.37
N VAL A 34 28.91 -49.37 -6.68
CA VAL A 34 28.04 -50.22 -5.87
C VAL A 34 27.28 -51.20 -6.76
N TYR A 35 26.56 -50.70 -7.77
CA TYR A 35 25.79 -51.56 -8.67
C TYR A 35 26.63 -52.65 -9.33
N SER A 36 27.81 -52.30 -9.91
CA SER A 36 28.69 -53.23 -10.60
C SER A 36 29.39 -54.27 -9.71
N GLY A 37 29.20 -54.20 -8.40
CA GLY A 37 29.80 -55.14 -7.46
C GLY A 37 31.23 -54.86 -7.01
N LYS A 38 31.71 -53.62 -7.16
CA LYS A 38 33.05 -53.22 -6.72
C LYS A 38 33.11 -53.08 -5.18
N ASP A 39 34.30 -53.32 -4.59
CA ASP A 39 34.50 -53.13 -3.16
C ASP A 39 34.75 -51.64 -2.98
N LEU A 40 34.26 -51.08 -1.87
CA LEU A 40 34.32 -49.65 -1.68
C LEU A 40 34.59 -49.20 -0.25
N ILE A 41 35.41 -48.15 -0.12
CA ILE A 41 35.70 -47.46 1.14
C ILE A 41 35.25 -46.02 0.92
N ALA A 42 34.20 -45.58 1.63
CA ALA A 42 33.64 -44.25 1.48
C ALA A 42 33.81 -43.42 2.77
N GLN A 43 34.30 -42.17 2.61
CA GLN A 43 34.49 -41.19 3.69
C GLN A 43 33.48 -40.08 3.51
N ALA A 44 32.52 -39.99 4.41
CA ALA A 44 31.48 -38.96 4.28
C ALA A 44 30.95 -38.53 5.65
N ARG A 45 30.63 -37.22 5.76
CA ARG A 45 30.11 -36.59 6.98
C ARG A 45 28.63 -36.93 7.15
N THR A 46 28.08 -36.70 8.36
CA THR A 46 26.66 -36.95 8.67
C THR A 46 25.78 -36.06 7.78
N GLY A 47 24.60 -36.55 7.43
CA GLY A 47 23.66 -35.80 6.60
C GLY A 47 23.97 -35.68 5.12
N THR A 48 25.05 -36.32 4.66
CA THR A 48 25.41 -36.31 3.24
C THR A 48 24.56 -37.31 2.41
N GLY A 49 23.78 -38.16 3.09
CA GLY A 49 22.97 -39.20 2.45
C GLY A 49 23.74 -40.48 2.20
N LYS A 50 24.50 -41.00 3.22
CA LYS A 50 25.30 -42.23 3.12
C LYS A 50 24.41 -43.49 2.96
N THR A 51 23.26 -43.56 3.64
CA THR A 51 22.37 -44.73 3.61
C THR A 51 21.88 -45.05 2.19
N PHE A 52 21.35 -44.06 1.45
CA PHE A 52 20.84 -44.25 0.11
C PHE A 52 21.92 -44.52 -0.91
N SER A 53 23.19 -44.17 -0.61
CA SER A 53 24.35 -44.39 -1.51
C SER A 53 24.69 -45.87 -1.66
N PHE A 54 24.17 -46.72 -0.75
CA PHE A 54 24.32 -48.16 -0.81
C PHE A 54 22.97 -48.81 -1.01
N ALA A 55 21.91 -48.30 -0.32
CA ALA A 55 20.55 -48.82 -0.39
C ALA A 55 19.94 -48.79 -1.77
N ILE A 56 19.89 -47.62 -2.46
CA ILE A 56 19.32 -47.50 -3.81
C ILE A 56 20.02 -48.44 -4.84
N PRO A 57 21.37 -48.39 -5.09
CA PRO A 57 21.97 -49.30 -6.07
C PRO A 57 21.90 -50.78 -5.67
N LEU A 58 21.94 -51.08 -4.34
CA LEU A 58 21.81 -52.47 -3.89
C LEU A 58 20.42 -53.01 -4.17
N ILE A 59 19.37 -52.23 -3.93
CA ILE A 59 18.00 -52.64 -4.19
C ILE A 59 17.75 -52.84 -5.68
N GLU A 60 18.31 -51.96 -6.52
CA GLU A 60 18.18 -52.05 -7.98
C GLU A 60 18.81 -53.32 -8.54
N LYS A 61 20.05 -53.63 -8.11
CA LYS A 61 20.80 -54.83 -8.50
C LYS A 61 20.04 -56.10 -8.08
N LEU A 62 19.52 -56.13 -6.83
CA LEU A 62 18.78 -57.26 -6.29
C LEU A 62 17.43 -57.47 -6.98
N HIS A 63 16.72 -56.38 -7.30
CA HIS A 63 15.44 -56.43 -7.99
C HIS A 63 15.56 -57.01 -9.40
N GLY A 64 16.71 -56.81 -10.03
CA GLY A 64 16.99 -57.28 -11.38
C GLY A 64 17.33 -58.75 -11.47
N GLU A 65 17.65 -59.39 -10.32
CA GLU A 65 18.00 -60.82 -10.25
C GLU A 65 17.08 -61.59 -9.29
N LEU A 66 15.89 -61.02 -9.03
CA LEU A 66 14.88 -61.54 -8.11
C LEU A 66 14.34 -62.93 -8.49
N GLN A 67 14.77 -63.94 -7.71
CA GLN A 67 14.35 -65.34 -7.79
C GLN A 67 13.37 -65.60 -6.66
N ASP A 68 12.30 -66.37 -6.94
CA ASP A 68 11.19 -66.71 -6.05
C ASP A 68 11.53 -66.79 -4.57
N ARG A 69 10.74 -66.04 -3.76
CA ARG A 69 10.83 -65.94 -2.30
C ARG A 69 10.66 -67.30 -1.62
N LYS A 70 11.77 -68.05 -1.49
CA LYS A 70 11.81 -69.38 -0.89
C LYS A 70 11.86 -69.28 0.64
N ARG A 71 11.01 -70.06 1.35
CA ARG A 71 10.98 -70.03 2.82
C ARG A 71 12.31 -70.53 3.41
N GLY A 72 12.73 -69.90 4.50
CA GLY A 72 13.98 -70.17 5.21
C GLY A 72 15.24 -69.75 4.48
N ARG A 73 15.13 -68.84 3.50
CA ARG A 73 16.29 -68.35 2.73
C ARG A 73 17.23 -67.53 3.58
N ALA A 74 18.54 -67.71 3.33
CA ALA A 74 19.64 -67.01 3.96
C ALA A 74 19.69 -65.55 3.44
N PRO A 75 20.12 -64.55 4.26
CA PRO A 75 20.21 -63.17 3.73
C PRO A 75 21.26 -63.04 2.61
N GLN A 76 20.98 -62.14 1.67
CA GLN A 76 21.86 -61.83 0.54
C GLN A 76 22.71 -60.61 0.86
N VAL A 77 22.17 -59.71 1.73
CA VAL A 77 22.78 -58.46 2.22
C VAL A 77 22.90 -58.46 3.75
N LEU A 78 24.08 -58.06 4.28
CA LEU A 78 24.32 -57.87 5.72
C LEU A 78 24.81 -56.44 5.97
N VAL A 79 24.05 -55.67 6.73
CA VAL A 79 24.40 -54.31 7.10
C VAL A 79 24.68 -54.30 8.63
N LEU A 80 25.94 -54.03 9.01
CA LEU A 80 26.31 -53.93 10.42
C LEU A 80 26.30 -52.47 10.81
N ALA A 81 25.54 -52.16 11.86
CA ALA A 81 25.36 -50.80 12.37
C ALA A 81 25.72 -50.79 13.88
N PRO A 82 26.25 -49.69 14.43
CA PRO A 82 26.63 -49.70 15.87
C PRO A 82 25.49 -49.71 16.89
N THR A 83 24.34 -49.06 16.58
CA THR A 83 23.21 -48.91 17.50
C THR A 83 21.87 -49.36 16.93
N ARG A 84 20.91 -49.65 17.84
CA ARG A 84 19.52 -50.04 17.59
C ARG A 84 18.83 -48.95 16.75
N GLU A 85 18.99 -47.70 17.20
CA GLU A 85 18.45 -46.49 16.56
C GLU A 85 18.88 -46.38 15.08
N LEU A 86 20.20 -46.53 14.80
CA LEU A 86 20.77 -46.46 13.46
C LEU A 86 20.38 -47.68 12.61
N ALA A 87 20.37 -48.89 13.21
CA ALA A 87 19.93 -50.11 12.51
C ALA A 87 18.46 -49.97 12.06
N ASN A 88 17.58 -49.44 12.93
CA ASN A 88 16.16 -49.22 12.60
C ASN A 88 15.98 -48.20 11.47
N GLN A 89 16.86 -47.17 11.40
CA GLN A 89 16.79 -46.16 10.33
C GLN A 89 17.20 -46.75 8.99
N VAL A 90 18.31 -47.52 8.97
CA VAL A 90 18.80 -48.20 7.77
C VAL A 90 17.72 -49.19 7.26
N SER A 91 17.10 -49.96 8.17
CA SER A 91 16.02 -50.92 7.86
C SER A 91 14.84 -50.21 7.20
N LYS A 92 14.36 -49.12 7.84
CA LYS A 92 13.23 -48.33 7.35
C LYS A 92 13.53 -47.80 5.95
N ASP A 93 14.75 -47.28 5.73
CA ASP A 93 15.20 -46.73 4.44
C ASP A 93 15.15 -47.78 3.33
N PHE A 94 15.55 -49.03 3.66
CA PHE A 94 15.46 -50.16 2.73
C PHE A 94 14.00 -50.52 2.48
N SER A 95 13.22 -50.73 3.57
CA SER A 95 11.81 -51.10 3.52
C SER A 95 10.91 -50.10 2.76
N ASP A 96 11.26 -48.80 2.78
CA ASP A 96 10.49 -47.76 2.13
C ASP A 96 10.66 -47.72 0.61
N ILE A 97 11.74 -48.33 0.08
CA ILE A 97 12.04 -48.29 -1.36
C ILE A 97 12.01 -49.69 -2.02
N THR A 98 11.73 -50.74 -1.25
CA THR A 98 11.54 -52.09 -1.77
C THR A 98 10.29 -52.72 -1.16
N LYS A 99 9.37 -53.19 -2.03
CA LYS A 99 8.15 -53.89 -1.63
C LYS A 99 8.21 -55.38 -2.05
N LYS A 100 9.38 -55.83 -2.56
CA LYS A 100 9.62 -57.19 -3.03
C LYS A 100 10.59 -57.96 -2.12
N LEU A 101 11.52 -57.25 -1.45
CA LEU A 101 12.55 -57.86 -0.60
C LEU A 101 12.19 -57.86 0.88
N SER A 102 12.57 -58.95 1.58
CA SER A 102 12.31 -59.13 3.00
C SER A 102 13.46 -58.48 3.79
N VAL A 103 13.12 -57.44 4.57
CA VAL A 103 14.06 -56.63 5.38
C VAL A 103 13.93 -56.96 6.88
N ALA A 104 14.99 -57.52 7.49
CA ALA A 104 15.03 -57.87 8.92
C ALA A 104 15.99 -56.96 9.70
N CYS A 105 15.59 -56.56 10.92
CA CYS A 105 16.41 -55.75 11.82
C CYS A 105 16.66 -56.51 13.12
N PHE A 106 17.91 -57.00 13.31
CA PHE A 106 18.31 -57.77 14.49
C PHE A 106 19.26 -57.06 15.43
N TYR A 107 18.72 -56.44 16.49
CA TYR A 107 19.52 -55.79 17.52
C TYR A 107 19.42 -56.57 18.84
N GLY A 108 20.33 -56.27 19.77
CA GLY A 108 20.38 -56.91 21.08
C GLY A 108 19.43 -56.26 22.07
N GLY A 109 19.12 -56.99 23.15
CA GLY A 109 18.20 -56.54 24.20
C GLY A 109 16.76 -56.54 23.75
N THR A 110 16.35 -57.61 23.05
CA THR A 110 15.02 -57.83 22.50
C THR A 110 14.83 -59.37 22.39
N PRO A 111 13.57 -59.93 22.47
CA PRO A 111 13.41 -61.39 22.40
C PRO A 111 13.90 -62.05 21.12
N TYR A 112 14.58 -63.19 21.28
CA TYR A 112 15.14 -64.03 20.21
C TYR A 112 14.07 -64.66 19.31
N GLY A 113 12.89 -64.94 19.90
CA GLY A 113 11.73 -65.57 19.26
C GLY A 113 11.30 -64.96 17.95
N GLY A 114 11.03 -63.65 17.98
CA GLY A 114 10.64 -62.85 16.83
C GLY A 114 11.66 -62.88 15.69
N GLN A 115 12.95 -62.99 16.06
CA GLN A 115 14.09 -63.04 15.15
C GLN A 115 14.24 -64.44 14.53
N PHE A 116 14.04 -65.51 15.35
CA PHE A 116 14.08 -66.91 14.91
C PHE A 116 12.97 -67.18 13.88
N GLU A 117 11.79 -66.56 14.11
CA GLU A 117 10.60 -66.62 13.26
C GLU A 117 10.93 -66.01 11.89
N ARG A 118 11.50 -64.78 11.87
CA ARG A 118 11.92 -64.05 10.67
C ARG A 118 12.97 -64.86 9.89
N MET A 119 13.89 -65.56 10.62
CA MET A 119 14.90 -66.41 10.01
C MET A 119 14.32 -67.64 9.34
N ARG A 120 13.27 -68.20 9.95
CA ARG A 120 12.55 -69.37 9.42
C ARG A 120 11.77 -68.98 8.15
N ASN A 121 11.07 -67.83 8.17
CA ASN A 121 10.32 -67.34 7.01
C ASN A 121 11.20 -66.98 5.80
N GLY A 122 12.45 -66.58 6.07
CA GLY A 122 13.41 -66.19 5.04
C GLY A 122 13.69 -64.70 5.04
N ILE A 123 15.00 -64.33 4.94
CA ILE A 123 15.49 -62.95 4.94
C ILE A 123 16.23 -62.65 3.66
N ASP A 124 16.00 -61.44 3.12
CA ASP A 124 16.71 -60.98 1.94
C ASP A 124 17.81 -60.01 2.35
N ILE A 125 17.43 -58.98 3.13
CA ILE A 125 18.35 -57.95 3.65
C ILE A 125 18.30 -57.97 5.18
N LEU A 126 19.46 -58.19 5.81
CA LEU A 126 19.61 -58.21 7.26
C LEU A 126 20.47 -57.04 7.75
N VAL A 127 19.88 -56.22 8.63
CA VAL A 127 20.49 -55.07 9.30
C VAL A 127 20.57 -55.44 10.79
N GLY A 128 21.76 -55.34 11.39
CA GLY A 128 21.91 -55.65 12.80
C GLY A 128 23.16 -55.16 13.49
N THR A 129 23.09 -55.08 14.86
CA THR A 129 24.19 -54.70 15.76
C THR A 129 25.13 -55.91 15.86
N PRO A 130 26.48 -55.73 15.97
CA PRO A 130 27.41 -56.88 16.00
C PRO A 130 27.14 -57.97 17.04
N GLY A 131 26.71 -57.58 18.25
CA GLY A 131 26.41 -58.52 19.34
C GLY A 131 25.38 -59.56 18.98
N ARG A 132 24.16 -59.10 18.61
CA ARG A 132 23.05 -59.97 18.24
C ARG A 132 23.35 -60.82 16.99
N ILE A 133 24.04 -60.25 15.96
CA ILE A 133 24.43 -61.01 14.75
C ILE A 133 25.38 -62.18 15.12
N LYS A 134 26.36 -61.93 16.03
CA LYS A 134 27.30 -62.95 16.52
C LYS A 134 26.56 -64.07 17.30
N ASP A 135 25.52 -63.69 18.09
CA ASP A 135 24.69 -64.64 18.85
C ASP A 135 24.00 -65.65 17.91
N HIS A 136 23.30 -65.16 16.86
CA HIS A 136 22.62 -66.04 15.91
C HIS A 136 23.55 -66.85 15.03
N ILE A 137 24.85 -66.50 14.99
CA ILE A 137 25.86 -67.26 14.26
C ILE A 137 26.20 -68.51 15.11
N GLN A 138 26.39 -68.30 16.45
CA GLN A 138 26.69 -69.33 17.45
C GLN A 138 25.56 -70.35 17.51
N ASN A 139 24.28 -69.85 17.56
CA ASN A 139 23.02 -70.63 17.54
C ASN A 139 22.93 -71.56 16.31
N GLY A 140 23.65 -71.20 15.23
CA GLY A 140 23.66 -71.92 13.97
C GLY A 140 22.52 -71.53 13.06
N LYS A 141 21.43 -71.02 13.69
CA LYS A 141 20.17 -70.56 13.11
C LYS A 141 20.34 -69.60 11.92
N LEU A 142 21.33 -68.69 11.98
CA LEU A 142 21.63 -67.72 10.93
C LEU A 142 22.76 -68.21 10.01
N ASP A 143 22.49 -68.19 8.69
CA ASP A 143 23.45 -68.57 7.65
C ASP A 143 23.96 -67.33 6.90
N LEU A 144 25.25 -67.02 7.14
CA LEU A 144 25.91 -65.87 6.51
C LEU A 144 26.97 -66.31 5.51
N THR A 145 26.88 -67.56 5.01
CA THR A 145 27.82 -68.10 4.02
C THR A 145 27.30 -67.89 2.59
N LYS A 146 26.03 -67.41 2.47
CA LYS A 146 25.34 -67.19 1.20
C LYS A 146 25.20 -65.70 0.84
N LEU A 147 25.95 -64.83 1.55
CA LEU A 147 25.96 -63.38 1.37
C LEU A 147 26.57 -62.97 0.06
N LYS A 148 25.99 -61.92 -0.55
CA LYS A 148 26.48 -61.34 -1.80
C LYS A 148 27.04 -59.97 -1.49
N HIS A 149 26.50 -59.29 -0.43
CA HIS A 149 26.87 -57.92 -0.05
C HIS A 149 27.00 -57.73 1.45
N VAL A 150 28.06 -57.01 1.85
CA VAL A 150 28.34 -56.63 3.24
C VAL A 150 28.57 -55.11 3.31
N VAL A 151 27.77 -54.42 4.15
CA VAL A 151 27.88 -53.00 4.43
C VAL A 151 28.29 -52.82 5.92
N LEU A 152 29.41 -52.15 6.17
CA LEU A 152 29.86 -51.81 7.51
C LEU A 152 29.57 -50.31 7.63
N ASP A 153 28.42 -49.99 8.24
CA ASP A 153 27.94 -48.61 8.37
C ASP A 153 28.39 -48.01 9.69
N GLU A 154 28.86 -46.75 9.65
CA GLU A 154 29.36 -45.96 10.79
C GLU A 154 30.47 -46.73 11.52
N VAL A 155 31.51 -47.12 10.77
CA VAL A 155 32.64 -47.91 11.27
C VAL A 155 33.33 -47.27 12.48
N ASP A 156 33.52 -45.94 12.45
CA ASP A 156 34.19 -45.18 13.50
C ASP A 156 33.51 -45.36 14.84
N GLN A 157 32.17 -45.23 14.87
CA GLN A 157 31.34 -45.39 16.06
C GLN A 157 31.45 -46.82 16.62
N MET A 158 31.43 -47.85 15.74
CA MET A 158 31.56 -49.28 16.09
C MET A 158 32.91 -49.54 16.75
N LEU A 159 33.98 -48.85 16.31
CA LEU A 159 35.31 -49.01 16.86
C LEU A 159 35.43 -48.32 18.21
N ASP A 160 34.81 -47.12 18.33
CA ASP A 160 34.74 -46.33 19.57
C ASP A 160 33.95 -47.01 20.68
N MET A 161 33.05 -47.95 20.29
CA MET A 161 32.17 -48.73 21.17
C MET A 161 32.74 -50.13 21.51
N GLY A 162 33.91 -50.46 20.94
CA GLY A 162 34.62 -51.71 21.18
C GLY A 162 34.13 -52.92 20.41
N PHE A 163 33.44 -52.72 19.26
CA PHE A 163 32.90 -53.84 18.47
C PHE A 163 33.87 -54.42 17.42
N ALA A 164 35.13 -53.96 17.40
CA ALA A 164 36.14 -54.43 16.44
C ALA A 164 36.23 -55.94 16.34
N ASP A 165 36.38 -56.62 17.49
CA ASP A 165 36.53 -58.07 17.57
C ASP A 165 35.27 -58.85 17.20
N GLN A 166 34.06 -58.32 17.53
CA GLN A 166 32.78 -58.93 17.16
C GLN A 166 32.58 -58.89 15.63
N VAL A 167 32.96 -57.76 14.98
CA VAL A 167 32.87 -57.54 13.55
C VAL A 167 33.84 -58.48 12.84
N GLU A 168 35.10 -58.57 13.35
CA GLU A 168 36.12 -59.45 12.79
C GLU A 168 35.69 -60.93 12.85
N GLU A 169 34.95 -61.33 13.91
CA GLU A 169 34.42 -62.68 14.06
C GLU A 169 33.36 -62.95 12.95
N ILE A 170 32.39 -62.02 12.78
CA ILE A 170 31.33 -62.11 11.77
C ILE A 170 31.97 -62.22 10.38
N LEU A 171 32.99 -61.38 10.12
CA LEU A 171 33.73 -61.33 8.88
C LEU A 171 34.44 -62.61 8.56
N SER A 172 34.97 -63.31 9.59
CA SER A 172 35.68 -64.60 9.45
C SER A 172 34.74 -65.73 9.00
N VAL A 173 33.45 -65.63 9.33
CA VAL A 173 32.38 -66.57 8.94
C VAL A 173 31.97 -66.35 7.45
N ALA A 174 31.67 -65.08 7.08
CA ALA A 174 31.23 -64.68 5.74
C ALA A 174 32.32 -64.59 4.68
N TYR A 175 33.60 -64.54 5.08
CA TYR A 175 34.71 -64.38 4.14
C TYR A 175 35.76 -65.50 4.22
N LYS A 176 36.33 -65.85 3.05
CA LYS A 176 37.42 -66.82 2.94
C LYS A 176 38.68 -66.04 2.59
N LYS A 177 39.72 -66.14 3.45
CA LYS A 177 41.00 -65.45 3.24
C LYS A 177 41.57 -65.77 1.82
N ASP A 178 41.82 -64.68 1.02
CA ASP A 178 42.32 -64.64 -0.38
C ASP A 178 41.24 -64.83 -1.48
N SER A 179 40.00 -65.27 -1.15
CA SER A 179 38.97 -65.50 -2.18
C SER A 179 38.49 -64.23 -2.92
N GLU A 180 38.51 -64.29 -4.27
CA GLU A 180 38.05 -63.24 -5.19
C GLU A 180 36.53 -63.42 -5.49
N ASP A 181 35.88 -64.28 -4.69
CA ASP A 181 34.47 -64.65 -4.79
C ASP A 181 33.67 -64.21 -3.55
N ASN A 182 34.35 -63.64 -2.55
CA ASN A 182 33.80 -63.16 -1.28
C ASN A 182 32.67 -62.10 -1.50
N PRO A 183 31.78 -61.78 -0.51
CA PRO A 183 30.75 -60.76 -0.78
C PRO A 183 31.35 -59.40 -1.14
N GLN A 184 30.56 -58.54 -1.79
CA GLN A 184 30.95 -57.17 -2.11
C GLN A 184 31.00 -56.42 -0.76
N THR A 185 32.11 -55.71 -0.48
CA THR A 185 32.25 -54.98 0.79
C THR A 185 32.16 -53.46 0.60
N LEU A 186 31.24 -52.84 1.32
CA LEU A 186 31.04 -51.39 1.33
C LEU A 186 31.31 -50.94 2.75
N LEU A 187 32.46 -50.29 2.94
CA LEU A 187 32.92 -49.81 4.24
C LEU A 187 32.69 -48.29 4.33
N PHE A 188 32.00 -47.82 5.40
CA PHE A 188 31.70 -46.41 5.64
C PHE A 188 32.38 -45.87 6.90
N SER A 189 33.59 -45.32 6.71
CA SER A 189 34.40 -44.74 7.77
C SER A 189 34.67 -43.29 7.47
N ALA A 190 34.28 -42.41 8.40
CA ALA A 190 34.47 -40.96 8.24
C ALA A 190 35.95 -40.51 8.37
N THR A 191 36.75 -41.19 9.22
CA THR A 191 38.14 -40.81 9.48
C THR A 191 39.20 -41.82 8.98
N CYS A 192 38.77 -43.01 8.57
CA CYS A 192 39.61 -44.11 8.08
C CYS A 192 40.81 -44.45 9.01
N PRO A 193 40.56 -44.96 10.25
CA PRO A 193 41.70 -45.37 11.11
C PRO A 193 42.44 -46.59 10.56
N HIS A 194 43.49 -47.03 11.26
CA HIS A 194 44.31 -48.17 10.83
C HIS A 194 43.50 -49.47 10.66
N TRP A 195 42.48 -49.70 11.52
CA TRP A 195 41.59 -50.88 11.48
C TRP A 195 40.91 -51.05 10.13
N VAL A 196 40.55 -49.94 9.47
CA VAL A 196 39.89 -49.90 8.17
C VAL A 196 40.79 -50.46 7.07
N PHE A 197 42.07 -50.10 7.10
CA PHE A 197 43.00 -50.56 6.06
C PHE A 197 43.52 -51.99 6.33
N ASN A 198 43.39 -52.49 7.57
CA ASN A 198 43.76 -53.88 7.93
C ASN A 198 42.62 -54.80 7.47
N VAL A 199 41.36 -54.36 7.66
CA VAL A 199 40.16 -55.09 7.21
C VAL A 199 40.15 -55.17 5.69
N ALA A 200 40.54 -54.07 5.00
CA ALA A 200 40.63 -53.99 3.56
C ALA A 200 41.68 -54.93 2.96
N LYS A 201 42.81 -55.17 3.66
CA LYS A 201 43.84 -56.07 3.12
C LYS A 201 43.64 -57.54 3.57
N LYS A 202 42.83 -57.80 4.63
CA LYS A 202 42.49 -59.16 5.08
C LYS A 202 41.22 -59.72 4.41
N TYR A 203 40.14 -58.91 4.31
CA TYR A 203 38.83 -59.36 3.82
C TYR A 203 38.36 -58.80 2.47
N MET A 204 38.80 -57.59 2.08
CA MET A 204 38.36 -56.98 0.82
C MET A 204 39.17 -57.44 -0.38
N LYS A 205 38.60 -57.27 -1.59
CA LYS A 205 39.19 -57.62 -2.89
C LYS A 205 40.47 -56.81 -3.12
N SER A 206 41.42 -57.39 -3.90
CA SER A 206 42.72 -56.78 -4.22
C SER A 206 42.55 -55.30 -4.62
N THR A 207 41.60 -55.06 -5.54
CA THR A 207 41.25 -53.76 -6.07
C THR A 207 39.96 -53.29 -5.44
N TYR A 208 39.96 -52.08 -4.87
CA TYR A 208 38.76 -51.48 -4.31
C TYR A 208 38.71 -49.98 -4.61
N GLU A 209 37.49 -49.44 -4.65
CA GLU A 209 37.29 -48.03 -4.88
C GLU A 209 37.36 -47.26 -3.57
N GLN A 210 37.77 -46.00 -3.66
CA GLN A 210 37.88 -45.11 -2.52
C GLN A 210 37.29 -43.76 -2.89
N VAL A 211 36.33 -43.26 -2.10
CA VAL A 211 35.70 -41.96 -2.38
C VAL A 211 35.71 -41.07 -1.15
N ASP A 212 36.17 -39.84 -1.31
CA ASP A 212 36.26 -38.85 -0.23
C ASP A 212 35.23 -37.74 -0.46
N LEU A 213 34.81 -37.07 0.65
CA LEU A 213 33.89 -35.92 0.71
C LEU A 213 34.04 -35.17 2.03
N THR A 224 50.97 -17.63 -5.62
CA THR A 224 51.32 -16.46 -6.44
C THR A 224 51.82 -15.27 -5.58
N VAL A 225 51.06 -14.87 -4.52
CA VAL A 225 51.46 -13.75 -3.63
C VAL A 225 51.37 -14.19 -2.19
N GLU A 226 52.26 -13.65 -1.37
CA GLU A 226 52.12 -13.94 0.04
C GLU A 226 51.39 -12.82 0.76
N HIS A 227 50.33 -13.18 1.49
CA HIS A 227 49.50 -12.27 2.28
C HIS A 227 49.81 -12.45 3.76
N LEU A 228 50.36 -11.41 4.37
CA LEU A 228 50.69 -11.44 5.79
C LEU A 228 49.83 -10.49 6.57
N ALA A 229 49.49 -10.87 7.78
CA ALA A 229 48.69 -10.04 8.67
C ALA A 229 49.52 -9.82 9.95
N ILE A 230 49.80 -8.54 10.29
CA ILE A 230 50.58 -8.19 11.47
C ILE A 230 49.71 -7.51 12.53
N LYS A 231 49.61 -8.13 13.72
CA LYS A 231 48.90 -7.57 14.86
C LYS A 231 49.82 -6.48 15.41
N CYS A 232 49.36 -5.23 15.35
CA CYS A 232 50.17 -4.10 15.77
C CYS A 232 49.32 -3.00 16.40
N HIS A 233 49.80 -2.46 17.54
CA HIS A 233 49.18 -1.32 18.22
C HIS A 233 49.49 -0.09 17.34
N TRP A 234 48.49 0.78 17.09
CA TRP A 234 48.63 1.96 16.22
C TRP A 234 49.85 2.85 16.52
N THR A 235 50.29 2.88 17.78
CA THR A 235 51.45 3.69 18.19
C THR A 235 52.81 3.15 17.71
N GLN A 236 52.89 1.85 17.31
CA GLN A 236 54.16 1.26 16.83
C GLN A 236 54.16 0.97 15.33
N ARG A 237 52.97 1.05 14.69
CA ARG A 237 52.75 0.77 13.27
C ARG A 237 53.80 1.39 12.38
N ALA A 238 54.09 2.70 12.50
CA ALA A 238 55.09 3.35 11.68
C ALA A 238 56.52 2.77 11.84
N ALA A 239 56.89 2.32 13.07
CA ALA A 239 58.19 1.71 13.33
C ALA A 239 58.31 0.33 12.66
N VAL A 240 57.25 -0.51 12.80
CA VAL A 240 57.16 -1.84 12.18
C VAL A 240 57.12 -1.68 10.64
N ILE A 241 56.43 -0.64 10.13
CA ILE A 241 56.35 -0.34 8.69
C ILE A 241 57.80 -0.18 8.14
N GLY A 242 58.62 0.62 8.83
CA GLY A 242 60.03 0.82 8.50
C GLY A 242 60.81 -0.48 8.50
N ASP A 243 60.49 -1.39 9.46
CA ASP A 243 61.14 -2.72 9.54
C ASP A 243 60.75 -3.65 8.42
N VAL A 244 59.45 -3.72 8.04
CA VAL A 244 59.02 -4.65 6.99
C VAL A 244 59.53 -4.20 5.60
N ILE A 245 59.66 -2.89 5.38
CA ILE A 245 60.16 -2.28 4.14
C ILE A 245 61.62 -2.72 3.97
N ARG A 246 62.44 -2.53 5.02
CA ARG A 246 63.83 -2.93 5.10
C ARG A 246 64.01 -4.42 4.74
N VAL A 247 63.06 -5.29 5.17
CA VAL A 247 63.10 -6.72 4.94
C VAL A 247 62.63 -7.14 3.56
N TYR A 248 61.43 -6.69 3.13
CA TYR A 248 60.84 -7.19 1.88
C TYR A 248 61.12 -6.35 0.64
N SER A 249 61.48 -5.07 0.81
CA SER A 249 61.75 -4.16 -0.29
C SER A 249 63.24 -3.87 -0.36
N GLY A 250 63.78 -3.32 0.73
CA GLY A 250 65.19 -2.98 0.89
C GLY A 250 65.68 -1.93 -0.08
N HIS A 251 66.94 -2.11 -0.51
CA HIS A 251 67.69 -1.28 -1.45
C HIS A 251 67.13 -1.41 -2.89
N GLN A 252 66.93 -0.25 -3.57
CA GLN A 252 66.35 -0.11 -4.93
C GLN A 252 64.91 -0.68 -5.03
N GLY A 253 64.29 -0.89 -3.87
CA GLY A 253 62.95 -1.44 -3.76
C GLY A 253 61.84 -0.43 -3.96
N ARG A 254 60.61 -0.93 -4.16
CA ARG A 254 59.38 -0.18 -4.37
C ARG A 254 58.31 -0.71 -3.42
N THR A 255 57.77 0.20 -2.59
CA THR A 255 56.71 -0.09 -1.64
C THR A 255 55.60 0.92 -1.79
N ILE A 256 54.35 0.43 -1.83
CA ILE A 256 53.17 1.29 -1.82
C ILE A 256 52.39 1.05 -0.52
N ILE A 257 52.24 2.09 0.32
CA ILE A 257 51.45 2.03 1.55
C ILE A 257 50.07 2.66 1.24
N PHE A 258 48.98 1.96 1.63
CA PHE A 258 47.59 2.41 1.49
C PHE A 258 46.98 2.74 2.85
N CYS A 259 46.55 4.01 3.00
CA CYS A 259 45.91 4.59 4.20
C CYS A 259 44.54 5.07 3.79
N GLU A 260 43.50 4.79 4.61
CA GLU A 260 42.11 5.16 4.33
C GLU A 260 41.87 6.67 4.31
N THR A 261 42.36 7.38 5.34
CA THR A 261 42.21 8.83 5.45
C THR A 261 43.41 9.57 4.88
N LYS A 262 43.12 10.70 4.24
CA LYS A 262 44.06 11.63 3.60
C LYS A 262 44.99 12.26 4.66
N LYS A 263 44.51 12.30 5.92
CA LYS A 263 45.25 12.81 7.09
C LYS A 263 46.36 11.82 7.50
N GLU A 264 45.98 10.54 7.69
CA GLU A 264 46.83 9.42 8.10
C GLU A 264 47.98 9.24 7.11
N ALA A 265 47.64 9.23 5.80
CA ALA A 265 48.55 9.12 4.65
C ALA A 265 49.60 10.23 4.70
N GLN A 266 49.18 11.48 4.97
CA GLN A 266 50.06 12.64 5.08
C GLN A 266 50.96 12.49 6.33
N GLU A 267 50.35 12.16 7.49
CA GLU A 267 51.03 11.94 8.78
C GLU A 267 52.12 10.85 8.66
N LEU A 268 51.80 9.73 7.97
CA LEU A 268 52.69 8.59 7.78
C LEU A 268 53.88 8.87 6.85
N SER A 269 53.65 9.58 5.73
CA SER A 269 54.69 9.96 4.77
C SER A 269 55.70 10.94 5.39
N GLN A 270 55.30 11.59 6.48
CA GLN A 270 56.14 12.54 7.20
C GLN A 270 56.80 11.94 8.47
N ASN A 271 56.40 10.71 8.88
CA ASN A 271 56.95 9.99 10.04
C ASN A 271 58.42 9.66 9.83
N SER A 272 59.26 9.96 10.84
CA SER A 272 60.72 9.76 10.89
C SER A 272 61.21 8.40 10.40
N ALA A 273 60.42 7.32 10.60
CA ALA A 273 60.76 5.95 10.19
C ALA A 273 60.91 5.77 8.66
N ILE A 274 60.13 6.52 7.86
CA ILE A 274 60.13 6.41 6.39
C ILE A 274 60.34 7.76 5.65
N LYS A 275 59.88 8.90 6.25
CA LYS A 275 59.94 10.28 5.71
C LYS A 275 61.05 10.54 4.64
N GLN A 276 62.32 10.18 4.96
CA GLN A 276 63.50 10.36 4.11
C GLN A 276 63.39 9.74 2.68
N ASP A 277 62.57 8.67 2.50
CA ASP A 277 62.38 8.02 1.21
C ASP A 277 60.91 7.91 0.78
N ALA A 278 60.03 8.70 1.38
CA ALA A 278 58.62 8.63 1.03
C ALA A 278 58.03 9.89 0.44
N GLN A 279 56.94 9.72 -0.33
CA GLN A 279 56.14 10.77 -0.97
C GLN A 279 54.67 10.41 -0.87
N SER A 280 53.87 11.40 -0.48
CA SER A 280 52.43 11.29 -0.29
C SER A 280 51.65 11.46 -1.60
N LEU A 281 50.45 10.87 -1.67
CA LEU A 281 49.57 10.95 -2.84
C LEU A 281 48.10 10.79 -2.42
N HIS A 282 47.27 11.84 -2.60
CA HIS A 282 45.84 11.83 -2.27
C HIS A 282 45.02 12.82 -3.09
N GLY A 283 43.78 13.04 -2.65
CA GLY A 283 42.84 13.96 -3.26
C GLY A 283 43.16 15.43 -3.05
N ASP A 284 43.86 15.77 -1.95
CA ASP A 284 44.28 17.14 -1.61
C ASP A 284 45.63 17.56 -2.25
N ILE A 285 46.07 16.85 -3.32
CA ILE A 285 47.29 17.20 -4.06
C ILE A 285 46.91 17.42 -5.54
N PRO A 286 47.39 18.52 -6.16
CA PRO A 286 47.03 18.80 -7.56
C PRO A 286 47.44 17.71 -8.56
N GLN A 287 46.72 17.61 -9.71
CA GLN A 287 46.97 16.62 -10.78
C GLN A 287 48.39 16.74 -11.33
N LYS A 288 48.96 17.97 -11.32
CA LYS A 288 50.33 18.30 -11.73
C LYS A 288 51.34 17.64 -10.74
N GLN A 289 51.07 17.71 -9.41
CA GLN A 289 51.93 17.11 -8.38
C GLN A 289 51.85 15.60 -8.42
N ARG A 290 50.64 15.04 -8.70
CA ARG A 290 50.35 13.60 -8.80
C ARG A 290 51.15 12.94 -9.92
N GLU A 291 51.11 13.49 -11.15
CA GLU A 291 51.86 12.92 -12.29
C GLU A 291 53.38 12.97 -12.07
N ILE A 292 53.87 14.01 -11.36
CA ILE A 292 55.28 14.20 -11.00
C ILE A 292 55.72 13.13 -9.97
N THR A 293 54.91 12.91 -8.90
CA THR A 293 55.19 11.91 -7.87
C THR A 293 55.12 10.47 -8.44
N LEU A 294 54.22 10.23 -9.40
CA LEU A 294 54.14 8.95 -10.08
C LEU A 294 55.42 8.72 -10.91
N LYS A 295 55.95 9.78 -11.57
CA LYS A 295 57.21 9.71 -12.33
C LYS A 295 58.40 9.41 -11.40
N GLY A 296 58.41 10.05 -10.24
CA GLY A 296 59.42 9.90 -9.20
C GLY A 296 59.52 8.49 -8.66
N PHE A 297 58.35 7.86 -8.44
CA PHE A 297 58.23 6.49 -7.95
C PHE A 297 58.73 5.52 -9.03
N ARG A 298 58.20 5.68 -10.28
CA ARG A 298 58.55 4.88 -11.47
C ARG A 298 60.03 4.92 -11.84
N ASN A 299 60.69 6.10 -11.72
CA ASN A 299 62.12 6.28 -12.06
C ASN A 299 63.13 6.05 -10.90
N GLY A 300 62.65 5.81 -9.70
CA GLY A 300 63.52 5.54 -8.56
C GLY A 300 64.00 6.75 -7.76
N SER A 301 63.25 7.87 -7.80
CA SER A 301 63.60 9.05 -7.02
C SER A 301 63.38 8.75 -5.53
N PHE A 302 62.36 7.93 -5.22
CA PHE A 302 62.00 7.49 -3.86
C PHE A 302 61.41 6.08 -3.95
N GLY A 303 61.55 5.32 -2.86
CA GLY A 303 61.12 3.93 -2.82
C GLY A 303 59.80 3.66 -2.14
N VAL A 304 59.21 4.66 -1.47
CA VAL A 304 57.98 4.48 -0.72
C VAL A 304 56.92 5.49 -1.19
N LEU A 305 55.77 4.99 -1.65
CA LEU A 305 54.67 5.84 -2.07
C LEU A 305 53.52 5.65 -1.08
N VAL A 306 53.16 6.71 -0.35
CA VAL A 306 52.05 6.67 0.61
C VAL A 306 50.79 7.20 -0.07
N ALA A 307 49.77 6.36 -0.21
CA ALA A 307 48.54 6.69 -0.90
C ALA A 307 47.27 6.35 -0.14
N THR A 308 46.13 6.82 -0.68
CA THR A 308 44.80 6.49 -0.17
C THR A 308 44.20 5.51 -1.18
N ASN A 309 43.44 4.52 -0.68
CA ASN A 309 42.81 3.47 -1.49
C ASN A 309 41.98 3.97 -2.71
N VAL A 310 41.29 5.13 -2.54
CA VAL A 310 40.44 5.71 -3.60
C VAL A 310 41.26 6.56 -4.58
N ALA A 311 42.21 7.38 -4.06
CA ALA A 311 43.06 8.26 -4.86
C ALA A 311 44.09 7.49 -5.70
N ALA A 312 43.90 6.17 -5.86
CA ALA A 312 44.79 5.29 -6.60
C ALA A 312 44.04 4.47 -7.65
N ARG A 313 42.70 4.34 -7.46
CA ARG A 313 41.73 3.53 -8.24
C ARG A 313 42.01 3.41 -9.76
N GLY A 314 42.18 4.53 -10.46
CA GLY A 314 42.43 4.50 -11.90
C GLY A 314 43.84 4.80 -12.32
N LEU A 315 44.72 5.09 -11.34
CA LEU A 315 46.12 5.47 -11.55
C LEU A 315 47.02 4.34 -12.01
N ASP A 316 48.03 4.66 -12.83
CA ASP A 316 49.01 3.68 -13.29
C ASP A 316 50.16 3.61 -12.29
N ILE A 317 50.10 2.61 -11.41
CA ILE A 317 51.08 2.36 -10.37
C ILE A 317 52.02 1.28 -10.89
N PRO A 318 53.36 1.47 -10.82
CA PRO A 318 54.28 0.44 -11.32
C PRO A 318 54.29 -0.83 -10.45
N GLU A 319 54.93 -1.91 -10.95
CA GLU A 319 55.10 -3.14 -10.19
C GLU A 319 55.86 -2.82 -8.92
N VAL A 320 55.41 -3.38 -7.80
CA VAL A 320 56.07 -3.11 -6.52
C VAL A 320 56.65 -4.39 -5.94
N ASP A 321 57.43 -4.26 -4.89
CA ASP A 321 57.96 -5.42 -4.20
C ASP A 321 57.06 -5.69 -3.04
N LEU A 322 56.50 -4.62 -2.45
CA LEU A 322 55.69 -4.71 -1.25
C LEU A 322 54.48 -3.79 -1.25
N VAL A 323 53.32 -4.33 -0.89
CA VAL A 323 52.09 -3.59 -0.66
C VAL A 323 51.79 -3.58 0.85
N ILE A 324 51.49 -2.42 1.42
CA ILE A 324 51.10 -2.35 2.83
C ILE A 324 49.71 -1.70 3.01
N GLN A 325 48.75 -2.40 3.67
CA GLN A 325 47.45 -1.82 4.05
C GLN A 325 47.56 -1.46 5.51
N SER A 326 47.27 -0.20 5.88
CA SER A 326 47.35 0.26 7.28
C SER A 326 46.35 -0.44 8.19
N SER A 327 45.20 -0.87 7.63
CA SER A 327 44.13 -1.58 8.35
C SER A 327 43.44 -2.49 7.35
N PRO A 328 42.66 -3.54 7.78
CA PRO A 328 42.03 -4.42 6.78
C PRO A 328 41.22 -3.61 5.75
N PRO A 329 41.45 -3.80 4.43
CA PRO A 329 40.75 -2.97 3.44
C PRO A 329 39.24 -3.16 3.36
N LYS A 330 38.50 -2.05 3.13
CA LYS A 330 37.04 -2.05 2.90
C LYS A 330 36.86 -2.47 1.43
N ASP A 331 37.67 -1.82 0.53
CA ASP A 331 37.76 -2.02 -0.92
C ASP A 331 38.68 -3.23 -1.23
N VAL A 332 38.08 -4.43 -1.17
CA VAL A 332 38.74 -5.71 -1.39
C VAL A 332 39.21 -5.87 -2.87
N GLU A 333 38.40 -5.45 -3.86
CA GLU A 333 38.79 -5.56 -5.28
C GLU A 333 40.02 -4.72 -5.64
N SER A 334 40.20 -3.56 -4.98
CA SER A 334 41.37 -2.68 -5.13
C SER A 334 42.61 -3.38 -4.54
N TYR A 335 42.42 -4.13 -3.41
CA TYR A 335 43.45 -4.88 -2.70
C TYR A 335 43.98 -6.02 -3.58
N ILE A 336 43.07 -6.81 -4.20
CA ILE A 336 43.42 -7.94 -5.06
C ILE A 336 44.01 -7.49 -6.39
N HIS A 337 43.53 -6.34 -6.92
CA HIS A 337 44.06 -5.83 -8.17
C HIS A 337 45.52 -5.42 -7.97
N ARG A 338 45.79 -4.63 -6.91
CA ARG A 338 47.12 -4.18 -6.55
C ARG A 338 48.06 -5.34 -6.17
N SER A 339 47.48 -6.42 -5.57
CA SER A 339 48.20 -7.65 -5.17
C SER A 339 48.79 -8.38 -6.40
N GLY A 340 48.08 -8.36 -7.53
CA GLY A 340 48.52 -8.99 -8.77
C GLY A 340 49.68 -8.29 -9.47
N ARG A 341 49.97 -7.04 -9.04
CA ARG A 341 51.04 -6.17 -9.54
C ARG A 341 52.22 -6.08 -8.53
N THR A 342 52.40 -7.13 -7.70
CA THR A 342 53.44 -7.19 -6.66
C THR A 342 54.35 -8.35 -6.97
N GLY A 343 55.66 -8.11 -6.85
CA GLY A 343 56.68 -9.10 -7.12
C GLY A 343 57.36 -8.84 -8.46
N ARG A 344 58.60 -8.37 -8.39
CA ARG A 344 59.43 -8.03 -9.55
C ARG A 344 60.60 -9.05 -9.69
N ALA A 345 61.13 -9.21 -10.92
CA ALA A 345 62.29 -10.08 -11.25
C ALA A 345 62.16 -11.53 -10.76
N GLY A 346 60.94 -12.05 -10.77
CA GLY A 346 60.69 -13.43 -10.35
C GLY A 346 60.65 -13.66 -8.87
N ARG A 347 60.70 -12.58 -8.07
CA ARG A 347 60.58 -12.70 -6.63
C ARG A 347 59.09 -12.73 -6.31
N THR A 348 58.71 -13.45 -5.24
CA THR A 348 57.32 -13.53 -4.80
C THR A 348 56.92 -12.16 -4.21
N GLY A 349 55.73 -11.69 -4.64
CA GLY A 349 55.16 -10.44 -4.16
C GLY A 349 54.68 -10.58 -2.73
N VAL A 350 54.80 -9.50 -1.94
CA VAL A 350 54.38 -9.52 -0.53
C VAL A 350 53.34 -8.44 -0.26
N CYS A 351 52.22 -8.86 0.32
CA CYS A 351 51.14 -7.95 0.75
C CYS A 351 51.01 -8.04 2.23
N ILE A 352 51.24 -6.93 2.89
CA ILE A 352 51.12 -6.87 4.33
C ILE A 352 49.88 -6.09 4.74
N CYS A 353 49.18 -6.64 5.70
CA CYS A 353 48.02 -6.02 6.29
C CYS A 353 48.18 -5.81 7.79
N PHE A 354 48.15 -4.55 8.25
CA PHE A 354 48.23 -4.26 9.68
C PHE A 354 46.83 -4.31 10.31
N TYR A 355 46.73 -4.85 11.50
CA TYR A 355 45.45 -4.92 12.20
C TYR A 355 45.62 -4.81 13.72
N GLN A 356 44.53 -4.39 14.39
CA GLN A 356 44.41 -4.29 15.86
C GLN A 356 43.40 -5.36 16.30
N HIS A 357 43.28 -5.62 17.62
CA HIS A 357 42.31 -6.62 18.11
C HIS A 357 40.85 -6.33 17.66
N LYS A 358 40.47 -5.03 17.55
CA LYS A 358 39.12 -4.64 17.14
C LYS A 358 38.83 -4.94 15.65
N GLU A 359 39.92 -5.03 14.85
CA GLU A 359 39.86 -5.27 13.41
C GLU A 359 40.04 -6.76 13.06
N GLU A 360 40.03 -7.67 14.06
CA GLU A 360 40.24 -9.11 13.87
C GLU A 360 39.18 -9.82 13.01
N TYR A 361 37.88 -9.53 13.16
CA TYR A 361 36.86 -10.17 12.30
C TYR A 361 36.88 -9.58 10.88
N GLN A 362 37.32 -8.32 10.74
CA GLN A 362 37.48 -7.58 9.49
C GLN A 362 38.45 -8.31 8.57
N LEU A 363 39.51 -8.92 9.16
CA LEU A 363 40.53 -9.72 8.50
C LEU A 363 39.90 -10.96 7.86
N VAL A 364 39.04 -11.67 8.63
CA VAL A 364 38.27 -12.84 8.20
C VAL A 364 37.32 -12.43 7.03
N GLN A 365 36.72 -11.22 7.09
CA GLN A 365 35.85 -10.71 6.03
C GLN A 365 36.64 -10.52 4.72
N VAL A 366 37.87 -9.96 4.84
CA VAL A 366 38.78 -9.76 3.70
C VAL A 366 39.16 -11.14 3.15
N GLU A 367 39.49 -12.10 4.05
CA GLU A 367 39.86 -13.46 3.63
C GLU A 367 38.78 -14.11 2.80
N GLN A 368 37.53 -14.02 3.27
CA GLN A 368 36.32 -14.58 2.65
C GLN A 368 35.94 -13.93 1.32
N LYS A 369 35.99 -12.59 1.22
CA LYS A 369 35.67 -11.86 -0.01
C LYS A 369 36.71 -12.11 -1.11
N ALA A 370 38.02 -12.09 -0.75
CA ALA A 370 39.16 -12.23 -1.65
C ALA A 370 39.58 -13.65 -1.98
N GLY A 371 39.07 -14.62 -1.21
CA GLY A 371 39.40 -16.03 -1.37
C GLY A 371 40.85 -16.36 -1.04
N ILE A 372 41.45 -15.57 -0.11
CA ILE A 372 42.84 -15.65 0.35
C ILE A 372 42.91 -16.07 1.82
N LYS A 373 44.11 -16.46 2.26
CA LYS A 373 44.37 -16.80 3.65
C LYS A 373 45.63 -16.04 4.07
N PHE A 374 45.53 -15.27 5.18
CA PHE A 374 46.64 -14.52 5.73
C PHE A 374 47.46 -15.37 6.68
N LYS A 375 48.78 -15.14 6.70
CA LYS A 375 49.71 -15.72 7.66
C LYS A 375 49.70 -14.71 8.82
N ARG A 376 49.24 -15.13 9.99
CA ARG A 376 49.10 -14.22 11.13
C ARG A 376 50.33 -14.20 11.97
N ILE A 377 50.97 -13.03 12.00
CA ILE A 377 52.21 -12.76 12.74
C ILE A 377 52.08 -11.44 13.59
N PHE B 2 23.50 33.21 4.44
CA PHE B 2 24.88 33.53 4.02
C PHE B 2 25.88 33.56 5.19
N SER B 3 25.47 33.07 6.38
CA SER B 3 26.23 33.10 7.64
C SER B 3 27.71 32.62 7.56
N ASN B 4 27.99 31.63 6.69
CA ASN B 4 29.33 31.02 6.49
C ASN B 4 30.30 31.91 5.69
N PHE B 5 29.78 32.98 5.07
CA PHE B 5 30.56 33.85 4.20
C PHE B 5 30.58 35.31 4.61
N PRO B 6 31.76 35.98 4.45
CA PRO B 6 31.87 37.41 4.81
C PRO B 6 31.19 38.41 3.85
N ILE B 7 29.87 38.28 3.65
CA ILE B 7 29.08 39.20 2.81
C ILE B 7 28.44 40.25 3.73
N SER B 8 28.76 41.55 3.49
CA SER B 8 28.25 42.73 4.20
C SER B 8 26.73 42.83 4.13
N GLU B 9 26.09 43.48 5.14
CA GLU B 9 24.62 43.63 5.22
C GLU B 9 24.03 44.41 4.04
N GLU B 10 24.82 45.39 3.51
CA GLU B 10 24.50 46.24 2.36
C GLU B 10 24.36 45.39 1.09
N THR B 11 25.32 44.47 0.87
CA THR B 11 25.38 43.54 -0.25
C THR B 11 24.24 42.54 -0.14
N ILE B 12 23.97 42.02 1.09
CA ILE B 12 22.88 41.09 1.39
C ILE B 12 21.52 41.73 1.03
N LYS B 13 21.33 43.04 1.32
CA LYS B 13 20.07 43.72 1.01
C LYS B 13 19.88 43.87 -0.49
N LEU B 14 20.95 44.26 -1.23
CA LEU B 14 20.94 44.36 -2.69
C LEU B 14 20.68 42.99 -3.34
N LEU B 15 21.28 41.91 -2.74
CA LEU B 15 21.12 40.53 -3.21
C LEU B 15 19.70 40.03 -3.07
N LYS B 16 19.02 40.41 -1.97
CA LYS B 16 17.61 40.08 -1.71
C LYS B 16 16.72 40.56 -2.87
N GLY B 17 17.03 41.76 -3.39
CA GLY B 17 16.35 42.37 -4.53
C GLY B 17 16.42 41.54 -5.80
N ARG B 18 17.54 40.82 -5.99
CA ARG B 18 17.76 39.94 -7.14
C ARG B 18 17.25 38.50 -6.91
N GLY B 19 16.64 38.26 -5.75
CA GLY B 19 16.11 36.95 -5.37
C GLY B 19 17.17 35.98 -4.89
N VAL B 20 18.32 36.51 -4.41
CA VAL B 20 19.46 35.75 -3.88
C VAL B 20 19.45 35.80 -2.34
N THR B 21 19.09 34.66 -1.71
CA THR B 21 18.99 34.52 -0.25
C THR B 21 20.01 33.55 0.31
N PHE B 22 20.62 32.73 -0.56
CA PHE B 22 21.64 31.72 -0.24
C PHE B 22 22.49 31.51 -1.49
N LEU B 23 23.68 30.92 -1.33
CA LEU B 23 24.61 30.63 -2.43
C LEU B 23 24.37 29.26 -3.04
N PHE B 24 24.46 29.16 -4.38
CA PHE B 24 24.39 27.91 -5.16
C PHE B 24 25.75 27.18 -4.99
N PRO B 25 25.85 25.85 -5.23
CA PRO B 25 27.14 25.16 -4.98
C PRO B 25 28.41 25.77 -5.59
N ILE B 26 28.38 26.22 -6.87
CA ILE B 26 29.58 26.81 -7.52
C ILE B 26 30.07 28.05 -6.76
N GLN B 27 29.12 28.85 -6.21
CA GLN B 27 29.37 30.06 -5.42
C GLN B 27 30.03 29.74 -4.10
N ALA B 28 29.42 28.86 -3.30
CA ALA B 28 29.96 28.46 -1.99
C ALA B 28 31.38 27.82 -2.07
N LYS B 29 31.68 27.07 -3.17
CA LYS B 29 32.96 26.41 -3.38
C LYS B 29 34.09 27.34 -3.75
N THR B 30 33.75 28.39 -4.52
CA THR B 30 34.69 29.37 -5.06
C THR B 30 34.95 30.55 -4.15
N PHE B 31 33.91 30.98 -3.38
CA PHE B 31 33.93 32.18 -2.55
C PHE B 31 35.26 32.50 -1.88
N HIS B 32 35.78 31.62 -1.02
CA HIS B 32 37.02 31.90 -0.32
C HIS B 32 38.23 31.90 -1.24
N HIS B 33 38.24 31.06 -2.29
CA HIS B 33 39.33 31.07 -3.26
C HIS B 33 39.43 32.42 -3.94
N VAL B 34 38.26 32.94 -4.42
CA VAL B 34 38.12 34.22 -5.10
C VAL B 34 38.50 35.37 -4.18
N TYR B 35 37.88 35.42 -2.98
CA TYR B 35 38.13 36.45 -1.98
C TYR B 35 39.61 36.56 -1.59
N SER B 36 40.25 35.44 -1.25
CA SER B 36 41.65 35.40 -0.80
C SER B 36 42.70 35.70 -1.89
N GLY B 37 42.26 35.87 -3.13
CA GLY B 37 43.16 36.18 -4.24
C GLY B 37 43.84 35.03 -4.92
N LYS B 38 43.29 33.81 -4.78
CA LYS B 38 43.80 32.60 -5.44
C LYS B 38 43.42 32.60 -6.96
N ASP B 39 44.27 31.97 -7.78
CA ASP B 39 43.99 31.81 -9.20
C ASP B 39 43.02 30.62 -9.29
N LEU B 40 42.09 30.66 -10.25
CA LEU B 40 41.05 29.65 -10.29
C LEU B 40 40.63 29.28 -11.70
N ILE B 41 40.39 27.97 -11.90
CA ILE B 41 39.85 27.39 -13.11
C ILE B 41 38.55 26.69 -12.66
N ALA B 42 37.41 27.20 -13.13
CA ALA B 42 36.10 26.67 -12.75
C ALA B 42 35.36 26.08 -13.95
N GLN B 43 34.82 24.86 -13.76
CA GLN B 43 34.07 24.09 -14.75
C GLN B 43 32.63 24.03 -14.28
N ALA B 44 31.74 24.68 -15.02
CA ALA B 44 30.33 24.67 -14.65
C ALA B 44 29.42 24.83 -15.86
N ARG B 45 28.26 24.16 -15.82
CA ARG B 45 27.24 24.20 -16.87
C ARG B 45 26.43 25.49 -16.77
N THR B 46 25.68 25.82 -17.84
CA THR B 46 24.82 27.02 -17.89
C THR B 46 23.74 26.94 -16.78
N GLY B 47 23.37 28.09 -16.24
CA GLY B 47 22.34 28.19 -15.20
C GLY B 47 22.76 27.75 -13.80
N THR B 48 24.06 27.41 -13.61
CA THR B 48 24.58 27.04 -12.30
C THR B 48 24.90 28.26 -11.43
N GLY B 49 24.84 29.48 -12.01
CA GLY B 49 25.14 30.73 -11.32
C GLY B 49 26.63 31.08 -11.28
N LYS B 50 27.31 30.99 -12.47
CA LYS B 50 28.73 31.29 -12.63
C LYS B 50 29.06 32.76 -12.38
N THR B 51 28.17 33.70 -12.83
CA THR B 51 28.39 35.15 -12.71
C THR B 51 28.58 35.62 -11.24
N PHE B 52 27.66 35.23 -10.34
CA PHE B 52 27.75 35.64 -8.96
C PHE B 52 28.87 34.97 -8.19
N SER B 53 29.41 33.83 -8.70
CA SER B 53 30.53 33.10 -8.09
C SER B 53 31.85 33.87 -8.13
N PHE B 54 31.90 34.90 -8.97
CA PHE B 54 33.05 35.79 -9.09
C PHE B 54 32.64 37.20 -8.67
N ALA B 55 31.46 37.68 -9.11
CA ALA B 55 31.00 39.05 -8.80
C ALA B 55 30.82 39.30 -7.29
N ILE B 56 30.04 38.46 -6.55
CA ILE B 56 29.85 38.63 -5.09
C ILE B 56 31.21 38.67 -4.31
N PRO B 57 32.09 37.61 -4.28
CA PRO B 57 33.38 37.74 -3.55
C PRO B 57 34.30 38.86 -4.07
N LEU B 58 34.28 39.17 -5.39
CA LEU B 58 35.09 40.27 -5.93
C LEU B 58 34.62 41.64 -5.46
N ILE B 59 33.30 41.86 -5.41
CA ILE B 59 32.72 43.09 -4.90
C ILE B 59 33.01 43.27 -3.42
N GLU B 60 32.92 42.18 -2.63
CA GLU B 60 33.20 42.21 -1.20
C GLU B 60 34.64 42.59 -0.89
N LYS B 61 35.61 41.98 -1.59
CA LYS B 61 37.03 42.25 -1.45
C LYS B 61 37.33 43.72 -1.80
N LEU B 62 36.75 44.21 -2.91
CA LEU B 62 36.96 45.58 -3.39
C LEU B 62 36.35 46.63 -2.47
N HIS B 63 35.15 46.36 -1.92
CA HIS B 63 34.45 47.22 -0.97
C HIS B 63 35.23 47.39 0.35
N GLY B 64 35.99 46.37 0.73
CA GLY B 64 36.79 46.36 1.94
C GLY B 64 38.08 47.13 1.87
N GLU B 65 38.53 47.47 0.64
CA GLU B 65 39.75 48.24 0.39
C GLU B 65 39.47 49.53 -0.41
N LEU B 66 38.21 50.00 -0.36
CA LEU B 66 37.69 51.16 -1.08
C LEU B 66 38.34 52.50 -0.70
N GLN B 67 39.09 53.05 -1.67
CA GLN B 67 39.77 54.34 -1.59
C GLN B 67 38.87 55.40 -2.28
N ASP B 68 39.26 56.68 -2.27
CA ASP B 68 38.41 57.71 -2.89
C ASP B 68 38.47 57.64 -4.41
N ARG B 69 37.27 57.69 -5.05
CA ARG B 69 37.11 57.65 -6.51
C ARG B 69 37.77 58.91 -7.10
N LYS B 70 38.88 58.73 -7.83
CA LYS B 70 39.59 59.84 -8.46
C LYS B 70 39.43 59.78 -9.98
N ARG B 71 39.33 60.95 -10.61
CA ARG B 71 39.18 61.10 -12.06
C ARG B 71 40.24 60.34 -12.84
N GLY B 72 39.80 59.73 -13.94
CA GLY B 72 40.66 59.00 -14.87
C GLY B 72 41.36 57.77 -14.33
N ARG B 73 40.82 57.17 -13.25
CA ARG B 73 41.39 55.95 -12.65
C ARG B 73 41.28 54.76 -13.60
N ALA B 74 42.33 53.92 -13.59
CA ALA B 74 42.43 52.70 -14.39
C ALA B 74 41.54 51.62 -13.76
N PRO B 75 40.93 50.69 -14.57
CA PRO B 75 40.12 49.62 -13.95
C PRO B 75 40.95 48.68 -13.06
N GLN B 76 40.32 48.18 -12.01
CA GLN B 76 40.90 47.23 -11.07
C GLN B 76 40.53 45.79 -11.45
N VAL B 77 39.36 45.62 -12.14
CA VAL B 77 38.79 44.36 -12.58
C VAL B 77 38.53 44.39 -14.10
N LEU B 78 38.96 43.31 -14.82
CA LEU B 78 38.71 43.11 -16.25
C LEU B 78 37.97 41.80 -16.47
N VAL B 79 36.75 41.88 -17.01
CA VAL B 79 35.95 40.70 -17.30
C VAL B 79 35.83 40.63 -18.83
N LEU B 80 36.41 39.57 -19.44
CA LEU B 80 36.31 39.36 -20.88
C LEU B 80 35.16 38.37 -21.13
N ALA B 81 34.22 38.77 -21.98
CA ALA B 81 33.03 37.99 -22.32
C ALA B 81 32.95 37.85 -23.85
N PRO B 82 32.41 36.74 -24.41
CA PRO B 82 32.39 36.59 -25.89
C PRO B 82 31.42 37.49 -26.67
N THR B 83 30.23 37.76 -26.11
CA THR B 83 29.14 38.54 -26.73
C THR B 83 28.77 39.81 -25.93
N ARG B 84 28.09 40.78 -26.62
CA ARG B 84 27.60 42.01 -26.00
C ARG B 84 26.40 41.71 -25.10
N GLU B 85 25.55 40.71 -25.46
CA GLU B 85 24.43 40.24 -24.65
C GLU B 85 24.94 39.75 -23.27
N LEU B 86 25.99 38.89 -23.27
CA LEU B 86 26.60 38.33 -22.06
C LEU B 86 27.39 39.39 -21.27
N ALA B 87 28.13 40.26 -21.96
CA ALA B 87 28.84 41.38 -21.31
C ALA B 87 27.85 42.29 -20.57
N ASN B 88 26.70 42.65 -21.19
CA ASN B 88 25.65 43.48 -20.57
C ASN B 88 25.03 42.80 -19.37
N GLN B 89 24.85 41.44 -19.44
CA GLN B 89 24.30 40.60 -18.36
C GLN B 89 25.25 40.66 -17.12
N VAL B 90 26.60 40.44 -17.32
CA VAL B 90 27.65 40.48 -16.31
C VAL B 90 27.74 41.88 -15.68
N SER B 91 27.71 42.94 -16.51
CA SER B 91 27.73 44.34 -16.08
C SER B 91 26.55 44.65 -15.14
N LYS B 92 25.31 44.29 -15.57
CA LYS B 92 24.09 44.50 -14.80
C LYS B 92 24.19 43.80 -13.44
N ASP B 93 24.68 42.54 -13.43
CA ASP B 93 24.85 41.73 -12.22
C ASP B 93 25.80 42.40 -11.23
N PHE B 94 26.90 43.01 -11.73
CA PHE B 94 27.84 43.78 -10.91
C PHE B 94 27.16 45.06 -10.40
N SER B 95 26.56 45.84 -11.30
CA SER B 95 25.87 47.10 -11.01
C SER B 95 24.72 46.98 -10.00
N ASP B 96 24.01 45.83 -9.99
CA ASP B 96 22.88 45.58 -9.09
C ASP B 96 23.29 45.29 -7.64
N ILE B 97 24.57 44.91 -7.40
CA ILE B 97 25.03 44.55 -6.06
C ILE B 97 26.16 45.47 -5.53
N THR B 98 26.56 46.49 -6.32
CA THR B 98 27.49 47.52 -5.88
C THR B 98 26.97 48.90 -6.27
N LYS B 99 26.86 49.79 -5.28
CA LYS B 99 26.45 51.20 -5.48
C LYS B 99 27.65 52.17 -5.26
N LYS B 100 28.85 51.60 -4.97
CA LYS B 100 30.10 52.33 -4.70
C LYS B 100 31.11 52.26 -5.85
N LEU B 101 31.06 51.17 -6.65
CA LEU B 101 31.99 50.97 -7.76
C LEU B 101 31.36 51.31 -9.12
N SER B 102 32.15 51.97 -10.01
CA SER B 102 31.68 52.30 -11.35
C SER B 102 32.08 51.19 -12.31
N VAL B 103 31.04 50.59 -12.88
CA VAL B 103 31.02 49.46 -13.78
C VAL B 103 30.84 49.99 -15.25
N ALA B 104 31.80 49.66 -16.13
CA ALA B 104 31.77 50.01 -17.57
C ALA B 104 31.63 48.77 -18.42
N CYS B 105 30.83 48.86 -19.49
CA CYS B 105 30.62 47.78 -20.47
C CYS B 105 31.07 48.22 -21.86
N PHE B 106 32.23 47.69 -22.34
CA PHE B 106 32.80 48.04 -23.63
C PHE B 106 32.73 46.92 -24.67
N TYR B 107 31.73 46.97 -25.54
CA TYR B 107 31.59 46.02 -26.64
C TYR B 107 31.82 46.72 -27.99
N GLY B 108 32.00 45.93 -29.04
CA GLY B 108 32.20 46.41 -30.42
C GLY B 108 30.90 46.72 -31.11
N GLY B 109 30.97 47.59 -32.14
CA GLY B 109 29.82 48.06 -32.92
C GLY B 109 28.95 49.02 -32.14
N THR B 110 29.62 49.95 -31.41
CA THR B 110 29.07 51.02 -30.57
C THR B 110 30.05 52.24 -30.64
N PRO B 111 29.56 53.51 -30.59
CA PRO B 111 30.49 54.66 -30.68
C PRO B 111 31.57 54.69 -29.60
N TYR B 112 32.81 55.01 -30.01
CA TYR B 112 34.00 55.11 -29.15
C TYR B 112 33.91 56.24 -28.12
N GLY B 113 33.22 57.32 -28.47
CA GLY B 113 33.04 58.53 -27.68
C GLY B 113 32.57 58.32 -26.26
N GLY B 114 31.45 57.60 -26.11
CA GLY B 114 30.86 57.25 -24.83
C GLY B 114 31.80 56.45 -23.93
N GLN B 115 32.65 55.62 -24.56
CA GLN B 115 33.64 54.75 -23.92
C GLN B 115 34.86 55.56 -23.48
N PHE B 116 35.32 56.53 -24.33
CA PHE B 116 36.45 57.43 -24.04
C PHE B 116 36.10 58.33 -22.84
N GLU B 117 34.82 58.75 -22.77
CA GLU B 117 34.21 59.53 -21.70
C GLU B 117 34.36 58.76 -20.40
N ARG B 118 33.81 57.52 -20.36
CA ARG B 118 33.85 56.62 -19.20
C ARG B 118 35.27 56.37 -18.75
N MET B 119 36.22 56.28 -19.69
CA MET B 119 37.63 56.10 -19.38
C MET B 119 38.27 57.34 -18.74
N ARG B 120 37.83 58.56 -19.18
CA ARG B 120 38.28 59.85 -18.65
C ARG B 120 37.74 60.06 -17.24
N ASN B 121 36.46 59.70 -16.99
CA ASN B 121 35.83 59.81 -15.67
C ASN B 121 36.43 58.85 -14.64
N GLY B 122 36.91 57.69 -15.09
CA GLY B 122 37.49 56.64 -14.26
C GLY B 122 36.61 55.41 -14.16
N ILE B 123 37.24 54.22 -14.25
CA ILE B 123 36.56 52.91 -14.20
C ILE B 123 37.11 52.07 -13.05
N ASP B 124 36.25 51.24 -12.44
CA ASP B 124 36.70 50.30 -11.41
C ASP B 124 36.59 48.84 -11.93
N ILE B 125 35.41 48.45 -12.47
CA ILE B 125 35.13 47.14 -13.07
C ILE B 125 34.79 47.35 -14.55
N LEU B 126 35.64 46.80 -15.42
CA LEU B 126 35.46 46.85 -16.87
C LEU B 126 35.10 45.47 -17.42
N VAL B 127 33.96 45.39 -18.09
CA VAL B 127 33.41 44.21 -18.74
C VAL B 127 33.43 44.53 -20.25
N GLY B 128 34.02 43.64 -21.05
CA GLY B 128 34.06 43.87 -22.50
C GLY B 128 34.43 42.69 -23.36
N THR B 129 34.04 42.78 -24.65
CA THR B 129 34.34 41.80 -25.72
C THR B 129 35.83 41.99 -26.11
N PRO B 130 36.57 40.91 -26.49
CA PRO B 130 38.00 41.04 -26.78
C PRO B 130 38.42 42.07 -27.84
N GLY B 131 37.67 42.17 -28.95
CA GLY B 131 37.98 43.11 -30.03
C GLY B 131 38.06 44.55 -29.57
N ARG B 132 36.99 45.04 -28.90
CA ARG B 132 36.90 46.40 -28.38
C ARG B 132 37.97 46.69 -27.32
N ILE B 133 38.18 45.77 -26.34
CA ILE B 133 39.22 45.93 -25.31
C ILE B 133 40.62 46.08 -25.97
N LYS B 134 40.91 45.25 -26.99
CA LYS B 134 42.15 45.30 -27.78
C LYS B 134 42.26 46.68 -28.48
N ASP B 135 41.14 47.21 -29.05
CA ASP B 135 41.10 48.53 -29.72
C ASP B 135 41.56 49.66 -28.79
N HIS B 136 40.97 49.76 -27.57
CA HIS B 136 41.33 50.79 -26.60
C HIS B 136 42.74 50.63 -26.01
N ILE B 137 43.36 49.44 -26.17
CA ILE B 137 44.73 49.18 -25.74
C ILE B 137 45.67 49.86 -26.79
N GLN B 138 45.35 49.65 -28.10
CA GLN B 138 46.08 50.21 -29.25
C GLN B 138 46.05 51.73 -29.24
N ASN B 139 44.83 52.37 -29.14
CA ASN B 139 44.71 53.83 -29.09
C ASN B 139 45.24 54.46 -27.75
N GLY B 140 45.96 53.65 -26.96
CA GLY B 140 46.63 54.03 -25.71
C GLY B 140 45.81 54.61 -24.57
N LYS B 141 44.50 54.84 -24.79
CA LYS B 141 43.57 55.45 -23.81
C LYS B 141 43.35 54.58 -22.57
N LEU B 142 43.18 53.26 -22.77
CA LEU B 142 42.94 52.28 -21.72
C LEU B 142 44.22 51.73 -21.08
N ASP B 143 44.29 51.82 -19.72
CA ASP B 143 45.39 51.33 -18.90
C ASP B 143 45.00 50.05 -18.15
N LEU B 144 45.59 48.94 -18.59
CA LEU B 144 45.36 47.62 -18.02
C LEU B 144 46.58 47.10 -17.28
N THR B 145 47.48 48.01 -16.87
CA THR B 145 48.69 47.62 -16.12
C THR B 145 48.47 47.77 -14.61
N LYS B 146 47.31 48.31 -14.21
CA LYS B 146 46.93 48.55 -12.81
C LYS B 146 45.83 47.57 -12.30
N LEU B 147 45.56 46.51 -13.10
CA LEU B 147 44.58 45.47 -12.80
C LEU B 147 44.98 44.64 -11.59
N LYS B 148 43.97 44.24 -10.80
CA LYS B 148 44.13 43.38 -9.64
C LYS B 148 43.42 42.05 -9.90
N HIS B 149 42.42 42.04 -10.83
CA HIS B 149 41.62 40.85 -11.15
C HIS B 149 41.30 40.75 -12.61
N VAL B 150 41.40 39.53 -13.17
CA VAL B 150 41.05 39.18 -14.54
C VAL B 150 40.10 37.96 -14.54
N VAL B 151 38.91 38.13 -15.12
CA VAL B 151 37.90 37.08 -15.28
C VAL B 151 37.73 36.78 -16.79
N LEU B 152 37.97 35.52 -17.19
CA LEU B 152 37.75 35.07 -18.57
C LEU B 152 36.46 34.26 -18.49
N ASP B 153 35.34 34.91 -18.81
CA ASP B 153 34.01 34.31 -18.73
C ASP B 153 33.64 33.67 -20.07
N GLU B 154 33.04 32.45 -20.01
CA GLU B 154 32.59 31.64 -21.15
C GLU B 154 33.71 31.42 -22.14
N VAL B 155 34.87 30.93 -21.66
CA VAL B 155 36.09 30.69 -22.43
C VAL B 155 35.84 29.83 -23.69
N ASP B 156 35.03 28.77 -23.57
CA ASP B 156 34.70 27.85 -24.66
C ASP B 156 34.09 28.57 -25.86
N GLN B 157 33.10 29.45 -25.61
CA GLN B 157 32.44 30.25 -26.63
C GLN B 157 33.42 31.21 -27.32
N MET B 158 34.26 31.93 -26.55
CA MET B 158 35.30 32.82 -27.09
C MET B 158 36.24 32.07 -28.02
N LEU B 159 36.60 30.79 -27.68
CA LEU B 159 37.50 29.97 -28.51
C LEU B 159 36.81 29.53 -29.80
N ASP B 160 35.52 29.14 -29.71
CA ASP B 160 34.67 28.74 -30.83
C ASP B 160 34.40 29.91 -31.79
N MET B 161 34.57 31.15 -31.31
CA MET B 161 34.35 32.40 -32.07
C MET B 161 35.65 32.99 -32.66
N GLY B 162 36.78 32.32 -32.37
CA GLY B 162 38.13 32.69 -32.82
C GLY B 162 38.81 33.82 -32.07
N PHE B 163 38.41 34.07 -30.79
CA PHE B 163 39.00 35.16 -30.00
C PHE B 163 40.26 34.77 -29.22
N ALA B 164 40.79 33.56 -29.41
CA ALA B 164 41.98 33.07 -28.71
C ALA B 164 43.16 34.02 -28.75
N ASP B 165 43.51 34.49 -29.96
CA ASP B 165 44.63 35.40 -30.19
C ASP B 165 44.39 36.78 -29.67
N GLN B 166 43.13 37.27 -29.68
CA GLN B 166 42.74 38.57 -29.14
C GLN B 166 42.96 38.60 -27.60
N VAL B 167 42.49 37.53 -26.93
CA VAL B 167 42.57 37.32 -25.48
C VAL B 167 44.03 37.20 -25.07
N GLU B 168 44.85 36.45 -25.84
CA GLU B 168 46.27 36.28 -25.57
C GLU B 168 47.02 37.62 -25.69
N GLU B 169 46.57 38.50 -26.61
CA GLU B 169 47.16 39.83 -26.79
C GLU B 169 46.91 40.67 -25.53
N ILE B 170 45.64 40.71 -25.06
CA ILE B 170 45.22 41.45 -23.86
C ILE B 170 45.98 40.93 -22.63
N LEU B 171 46.10 39.60 -22.48
CA LEU B 171 46.83 38.97 -21.38
C LEU B 171 48.32 39.32 -21.35
N SER B 172 48.92 39.53 -22.54
CA SER B 172 50.34 39.90 -22.69
C SER B 172 50.62 41.30 -22.18
N VAL B 173 49.61 42.18 -22.24
CA VAL B 173 49.64 43.57 -21.74
C VAL B 173 49.53 43.63 -20.19
N ALA B 174 48.53 42.93 -19.62
CA ALA B 174 48.28 42.91 -18.17
C ALA B 174 49.24 42.00 -17.37
N TYR B 175 49.94 41.07 -18.04
CA TYR B 175 50.80 40.11 -17.32
C TYR B 175 52.27 40.15 -17.69
N LYS B 176 53.13 39.88 -16.68
CA LYS B 176 54.58 39.75 -16.81
C LYS B 176 54.99 38.46 -16.07
N LYS B 177 55.79 37.62 -16.74
CA LYS B 177 56.31 36.34 -16.23
C LYS B 177 57.00 36.44 -14.83
N ASP B 178 56.39 35.79 -13.80
CA ASP B 178 56.83 35.65 -12.39
C ASP B 178 56.50 36.84 -11.43
N SER B 179 56.00 37.99 -11.96
CA SER B 179 55.68 39.17 -11.15
C SER B 179 54.61 38.92 -10.09
N GLU B 180 54.85 39.41 -8.84
CA GLU B 180 53.89 39.30 -7.74
C GLU B 180 52.74 40.30 -7.97
N ASP B 181 53.02 41.33 -8.80
CA ASP B 181 52.07 42.36 -9.16
C ASP B 181 51.06 41.90 -10.26
N ASN B 182 51.13 40.60 -10.69
CA ASN B 182 50.22 40.04 -11.71
C ASN B 182 48.79 39.92 -11.18
N PRO B 183 47.72 40.18 -11.99
CA PRO B 183 46.35 40.06 -11.45
C PRO B 183 45.98 38.64 -11.03
N GLN B 184 44.92 38.52 -10.23
CA GLN B 184 44.29 37.27 -9.85
C GLN B 184 43.52 36.81 -11.13
N THR B 185 43.69 35.53 -11.55
CA THR B 185 43.01 35.03 -12.76
C THR B 185 41.91 34.05 -12.44
N LEU B 186 40.70 34.34 -12.91
CA LEU B 186 39.53 33.47 -12.74
C LEU B 186 39.10 33.07 -14.14
N LEU B 187 39.36 31.82 -14.50
CA LEU B 187 39.06 31.24 -15.81
C LEU B 187 37.79 30.35 -15.72
N PHE B 188 36.80 30.60 -16.61
CA PHE B 188 35.54 29.85 -16.63
C PHE B 188 35.36 29.09 -17.94
N SER B 189 35.79 27.83 -17.95
CA SER B 189 35.71 26.94 -19.10
C SER B 189 34.91 25.70 -18.73
N ALA B 190 33.82 25.44 -19.47
CA ALA B 190 32.96 24.29 -19.23
C ALA B 190 33.61 22.93 -19.58
N THR B 191 34.46 22.88 -20.62
CA THR B 191 35.06 21.65 -21.12
C THR B 191 36.59 21.55 -20.92
N CYS B 192 37.24 22.65 -20.54
CA CYS B 192 38.68 22.76 -20.34
C CYS B 192 39.52 22.19 -21.51
N PRO B 193 39.49 22.82 -22.72
CA PRO B 193 40.36 22.36 -23.81
C PRO B 193 41.84 22.63 -23.54
N HIS B 194 42.73 22.26 -24.47
CA HIS B 194 44.17 22.43 -24.33
C HIS B 194 44.58 23.88 -24.10
N TRP B 195 43.89 24.84 -24.76
CA TRP B 195 44.14 26.29 -24.65
C TRP B 195 44.10 26.79 -23.21
N VAL B 196 43.18 26.23 -22.40
CA VAL B 196 42.97 26.56 -21.00
C VAL B 196 44.19 26.22 -20.15
N PHE B 197 44.81 25.04 -20.39
CA PHE B 197 45.96 24.60 -19.60
C PHE B 197 47.27 25.25 -20.08
N ASN B 198 47.25 25.79 -21.31
CA ASN B 198 48.36 26.51 -21.91
C ASN B 198 48.42 27.94 -21.40
N VAL B 199 47.25 28.55 -21.18
CA VAL B 199 47.07 29.88 -20.60
C VAL B 199 47.44 29.83 -19.11
N ALA B 200 47.03 28.74 -18.41
CA ALA B 200 47.33 28.49 -17.00
C ALA B 200 48.84 28.37 -16.73
N LYS B 201 49.60 27.82 -17.69
CA LYS B 201 51.06 27.66 -17.56
C LYS B 201 51.78 28.99 -17.86
N LYS B 202 51.35 29.68 -18.92
CA LYS B 202 51.94 30.93 -19.39
C LYS B 202 51.65 32.15 -18.52
N TYR B 203 50.36 32.35 -18.11
CA TYR B 203 49.94 33.55 -17.38
C TYR B 203 49.53 33.38 -15.92
N MET B 204 48.99 32.21 -15.54
CA MET B 204 48.52 31.98 -14.16
C MET B 204 49.65 31.60 -13.20
N LYS B 205 49.38 31.78 -11.89
CA LYS B 205 50.29 31.49 -10.78
C LYS B 205 50.57 29.97 -10.72
N SER B 206 51.77 29.58 -10.22
CA SER B 206 52.23 28.19 -10.07
C SER B 206 51.14 27.31 -9.47
N THR B 207 50.52 27.82 -8.39
CA THR B 207 49.45 27.15 -7.66
C THR B 207 48.14 27.80 -8.00
N TYR B 208 47.16 27.01 -8.43
CA TYR B 208 45.83 27.51 -8.73
C TYR B 208 44.78 26.51 -8.32
N GLU B 209 43.61 27.00 -7.99
CA GLU B 209 42.51 26.14 -7.61
C GLU B 209 41.74 25.65 -8.84
N GLN B 210 41.14 24.49 -8.72
CA GLN B 210 40.36 23.89 -9.77
C GLN B 210 39.09 23.34 -9.14
N VAL B 211 37.95 23.85 -9.58
CA VAL B 211 36.61 23.49 -9.11
C VAL B 211 35.82 22.92 -10.30
N ASP B 212 35.27 21.72 -10.12
CA ASP B 212 34.48 21.02 -11.13
C ASP B 212 33.04 20.86 -10.66
N LEU B 213 32.09 20.76 -11.61
CA LEU B 213 30.64 20.54 -11.41
C LEU B 213 29.99 20.00 -12.69
N THR B 224 32.16 -3.73 -7.99
CA THR B 224 32.19 -5.03 -7.31
C THR B 224 31.49 -6.17 -8.09
N VAL B 225 30.44 -5.89 -8.90
CA VAL B 225 29.72 -6.88 -9.71
C VAL B 225 29.63 -6.38 -11.15
N GLU B 226 29.71 -7.30 -12.11
CA GLU B 226 29.55 -6.95 -13.51
C GLU B 226 28.11 -7.20 -13.94
N HIS B 227 27.44 -6.15 -14.40
CA HIS B 227 26.05 -6.24 -14.88
C HIS B 227 26.08 -6.21 -16.40
N LEU B 228 25.65 -7.29 -17.02
CA LEU B 228 25.63 -7.39 -18.48
C LEU B 228 24.21 -7.45 -18.98
N ALA B 229 23.95 -6.82 -20.13
CA ALA B 229 22.64 -6.86 -20.78
C ALA B 229 22.79 -7.46 -22.18
N ILE B 230 22.13 -8.61 -22.42
CA ILE B 230 22.21 -9.31 -23.71
C ILE B 230 20.91 -9.16 -24.50
N LYS B 231 21.01 -8.53 -25.68
CA LYS B 231 19.87 -8.38 -26.59
C LYS B 231 19.68 -9.76 -27.23
N CYS B 232 18.54 -10.39 -26.94
CA CYS B 232 18.25 -11.71 -27.44
C CYS B 232 16.78 -11.92 -27.77
N HIS B 233 16.50 -12.53 -28.93
CA HIS B 233 15.16 -12.92 -29.33
C HIS B 233 14.75 -14.10 -28.44
N TRP B 234 13.51 -14.11 -27.91
CA TRP B 234 13.01 -15.15 -26.98
C TRP B 234 13.23 -16.59 -27.46
N THR B 235 13.22 -16.80 -28.78
CA THR B 235 13.44 -18.12 -29.38
C THR B 235 14.89 -18.63 -29.29
N GLN B 236 15.86 -17.75 -28.97
CA GLN B 236 17.28 -18.08 -28.87
C GLN B 236 17.80 -18.08 -27.42
N ARG B 237 17.05 -17.47 -26.50
CA ARG B 237 17.37 -17.27 -25.10
C ARG B 237 17.90 -18.51 -24.40
N ALA B 238 17.21 -19.65 -24.49
CA ALA B 238 17.67 -20.88 -23.84
C ALA B 238 19.05 -21.39 -24.34
N ALA B 239 19.35 -21.20 -25.63
CA ALA B 239 20.63 -21.58 -26.21
C ALA B 239 21.77 -20.67 -25.69
N VAL B 240 21.54 -19.34 -25.70
CA VAL B 240 22.49 -18.35 -25.18
C VAL B 240 22.67 -18.54 -23.64
N ILE B 241 21.59 -18.90 -22.93
CA ILE B 241 21.65 -19.18 -21.49
C ILE B 241 22.69 -20.30 -21.23
N GLY B 242 22.60 -21.39 -22.00
CA GLY B 242 23.55 -22.50 -21.95
C GLY B 242 24.97 -22.06 -22.21
N ASP B 243 25.16 -21.09 -23.15
CA ASP B 243 26.47 -20.54 -23.47
C ASP B 243 27.06 -19.68 -22.39
N VAL B 244 26.27 -18.78 -21.76
CA VAL B 244 26.81 -17.90 -20.73
C VAL B 244 27.16 -18.69 -19.45
N ILE B 245 26.39 -19.76 -19.13
CA ILE B 245 26.61 -20.64 -17.99
C ILE B 245 27.99 -21.32 -18.14
N ARG B 246 28.22 -21.90 -19.33
CA ARG B 246 29.45 -22.56 -19.73
C ARG B 246 30.66 -21.63 -19.54
N VAL B 247 30.47 -20.32 -19.81
CA VAL B 247 31.53 -19.32 -19.72
C VAL B 247 31.76 -18.79 -18.30
N TYR B 248 30.68 -18.35 -17.60
CA TYR B 248 30.83 -17.70 -16.31
C TYR B 248 30.73 -18.61 -15.08
N SER B 249 30.15 -19.80 -15.21
CA SER B 249 30.08 -20.77 -14.13
C SER B 249 30.98 -21.96 -14.45
N GLY B 250 30.61 -22.66 -15.53
CA GLY B 250 31.27 -23.87 -15.97
C GLY B 250 31.05 -25.01 -14.97
N HIS B 251 32.00 -25.98 -14.94
CA HIS B 251 32.00 -27.14 -14.05
C HIS B 251 32.22 -26.65 -12.61
N GLN B 252 31.48 -27.30 -11.65
CA GLN B 252 31.48 -27.03 -10.19
C GLN B 252 30.81 -25.69 -9.82
N GLY B 253 30.25 -25.03 -10.82
CA GLY B 253 29.60 -23.73 -10.67
C GLY B 253 28.19 -23.75 -10.11
N ARG B 254 27.70 -22.54 -9.77
CA ARG B 254 26.38 -22.25 -9.25
C ARG B 254 25.77 -21.08 -10.01
N THR B 255 24.62 -21.34 -10.65
CA THR B 255 23.88 -20.35 -11.42
C THR B 255 22.44 -20.37 -10.98
N ILE B 256 21.89 -19.18 -10.77
CA ILE B 256 20.47 -19.01 -10.44
C ILE B 256 19.81 -18.22 -11.59
N ILE B 257 18.84 -18.83 -12.27
CA ILE B 257 18.05 -18.17 -13.31
C ILE B 257 16.71 -17.72 -12.68
N PHE B 258 16.34 -16.45 -12.90
CA PHE B 258 15.10 -15.85 -12.41
C PHE B 258 14.14 -15.59 -13.57
N CYS B 259 12.91 -16.06 -13.42
CA CYS B 259 11.84 -15.91 -14.39
C CYS B 259 10.68 -15.11 -13.83
N GLU B 260 9.79 -14.65 -14.73
CA GLU B 260 8.60 -13.87 -14.41
C GLU B 260 7.37 -14.73 -14.10
N THR B 261 7.14 -15.83 -14.87
CA THR B 261 5.99 -16.70 -14.69
C THR B 261 6.37 -18.17 -14.43
N LYS B 262 5.53 -18.87 -13.62
CA LYS B 262 5.61 -20.28 -13.17
C LYS B 262 5.73 -21.25 -14.33
N LYS B 263 5.16 -20.87 -15.49
CA LYS B 263 5.21 -21.63 -16.74
C LYS B 263 6.64 -21.58 -17.26
N GLU B 264 7.16 -20.34 -17.53
CA GLU B 264 8.49 -20.03 -18.06
C GLU B 264 9.63 -20.73 -17.29
N ALA B 265 9.64 -20.61 -15.93
CA ALA B 265 10.59 -21.26 -15.02
C ALA B 265 10.57 -22.78 -15.20
N GLN B 266 9.36 -23.38 -15.31
CA GLN B 266 9.18 -24.82 -15.55
C GLN B 266 9.65 -25.17 -16.97
N GLU B 267 9.22 -24.37 -17.97
CA GLU B 267 9.58 -24.47 -19.40
C GLU B 267 11.09 -24.55 -19.60
N LEU B 268 11.81 -23.60 -18.96
CA LEU B 268 13.25 -23.41 -19.01
C LEU B 268 14.05 -24.50 -18.31
N SER B 269 13.56 -24.94 -17.13
CA SER B 269 14.13 -26.01 -16.31
C SER B 269 14.16 -27.33 -17.10
N GLN B 270 13.20 -27.51 -18.04
CA GLN B 270 13.02 -28.69 -18.90
C GLN B 270 13.73 -28.59 -20.26
N ASN B 271 14.23 -27.38 -20.65
CA ASN B 271 14.92 -27.14 -21.92
C ASN B 271 16.24 -27.92 -22.02
N SER B 272 16.45 -28.63 -23.15
CA SER B 272 17.61 -29.45 -23.47
C SER B 272 18.98 -28.80 -23.20
N ALA B 273 19.08 -27.46 -23.35
CA ALA B 273 20.31 -26.69 -23.14
C ALA B 273 20.87 -26.75 -21.70
N ILE B 274 19.98 -26.90 -20.70
CA ILE B 274 20.33 -26.93 -19.27
C ILE B 274 19.62 -28.04 -18.43
N LYS B 275 18.64 -28.80 -19.03
CA LYS B 275 17.83 -29.87 -18.38
C LYS B 275 18.65 -30.87 -17.53
N GLN B 276 19.84 -31.26 -18.04
CA GLN B 276 20.81 -32.20 -17.45
C GLN B 276 21.33 -31.78 -16.05
N ASP B 277 21.42 -30.45 -15.77
CA ASP B 277 21.92 -29.98 -14.48
C ASP B 277 21.01 -28.96 -13.78
N ALA B 278 19.71 -28.93 -14.14
CA ALA B 278 18.78 -27.96 -13.58
C ALA B 278 17.67 -28.53 -12.69
N GLN B 279 17.19 -27.69 -11.76
CA GLN B 279 16.05 -27.94 -10.88
C GLN B 279 15.21 -26.67 -10.77
N SER B 280 13.89 -26.84 -10.91
CA SER B 280 12.90 -25.78 -10.87
C SER B 280 12.48 -25.46 -9.43
N LEU B 281 12.06 -24.21 -9.18
CA LEU B 281 11.60 -23.76 -7.85
C LEU B 281 10.58 -22.63 -8.01
N HIS B 282 9.29 -22.92 -7.73
CA HIS B 282 8.21 -21.93 -7.85
C HIS B 282 7.07 -22.12 -6.81
N GLY B 283 5.96 -21.41 -6.99
CA GLY B 283 4.79 -21.46 -6.12
C GLY B 283 4.05 -22.78 -6.12
N ASP B 284 4.08 -23.51 -7.27
CA ASP B 284 3.45 -24.83 -7.45
C ASP B 284 4.37 -26.00 -7.03
N ILE B 285 5.30 -25.72 -6.08
CA ILE B 285 6.25 -26.67 -5.50
C ILE B 285 6.06 -26.66 -3.96
N PRO B 286 5.83 -27.86 -3.34
CA PRO B 286 5.61 -27.90 -1.88
C PRO B 286 6.80 -27.50 -1.02
N GLN B 287 6.54 -27.09 0.25
CA GLN B 287 7.46 -26.62 1.29
C GLN B 287 8.72 -27.51 1.49
N LYS B 288 8.56 -28.82 1.74
CA LYS B 288 9.70 -29.74 1.92
C LYS B 288 10.44 -29.98 0.60
N GLN B 289 9.68 -30.21 -0.51
CA GLN B 289 10.17 -30.43 -1.88
C GLN B 289 11.03 -29.26 -2.38
N ARG B 290 10.93 -28.10 -1.69
CA ARG B 290 11.62 -26.84 -1.93
C ARG B 290 12.90 -26.77 -1.11
N GLU B 291 12.87 -27.10 0.20
CA GLU B 291 14.10 -27.09 1.00
C GLU B 291 15.08 -28.14 0.52
N ILE B 292 14.54 -29.29 0.03
CA ILE B 292 15.35 -30.35 -0.55
C ILE B 292 16.17 -29.78 -1.73
N THR B 293 15.50 -29.02 -2.62
CA THR B 293 16.08 -28.37 -3.78
C THR B 293 17.17 -27.41 -3.31
N LEU B 294 16.89 -26.56 -2.31
CA LEU B 294 17.90 -25.66 -1.73
C LEU B 294 19.11 -26.43 -1.18
N LYS B 295 18.89 -27.59 -0.50
CA LYS B 295 19.97 -28.44 0.03
C LYS B 295 20.82 -29.01 -1.14
N GLY B 296 20.14 -29.41 -2.23
CA GLY B 296 20.76 -29.92 -3.45
C GLY B 296 21.59 -28.87 -4.16
N PHE B 297 21.12 -27.62 -4.16
CA PHE B 297 21.84 -26.51 -4.78
C PHE B 297 23.09 -26.17 -3.94
N ARG B 298 22.95 -26.22 -2.58
CA ARG B 298 24.04 -25.96 -1.63
C ARG B 298 25.12 -27.03 -1.70
N ASN B 299 24.75 -28.31 -1.52
CA ASN B 299 25.67 -29.46 -1.49
C ASN B 299 26.25 -29.87 -2.85
N GLY B 300 25.81 -29.26 -3.94
CA GLY B 300 26.36 -29.55 -5.26
C GLY B 300 25.70 -30.66 -6.05
N SER B 301 24.42 -31.01 -5.74
CA SER B 301 23.69 -32.04 -6.47
C SER B 301 23.42 -31.60 -7.92
N PHE B 302 23.17 -30.30 -8.13
CA PHE B 302 22.93 -29.68 -9.43
C PHE B 302 23.51 -28.27 -9.36
N GLY B 303 23.87 -27.69 -10.51
CA GLY B 303 24.50 -26.38 -10.58
C GLY B 303 23.65 -25.24 -11.13
N VAL B 304 22.40 -25.53 -11.54
CA VAL B 304 21.51 -24.53 -12.10
C VAL B 304 20.19 -24.59 -11.36
N LEU B 305 19.79 -23.47 -10.75
CA LEU B 305 18.52 -23.37 -10.04
C LEU B 305 17.64 -22.40 -10.80
N VAL B 306 16.53 -22.89 -11.35
CA VAL B 306 15.57 -22.04 -12.09
C VAL B 306 14.44 -21.65 -11.12
N ALA B 307 14.31 -20.35 -10.85
CA ALA B 307 13.35 -19.79 -9.91
C ALA B 307 12.53 -18.63 -10.47
N THR B 308 11.43 -18.26 -9.79
CA THR B 308 10.62 -17.09 -10.09
C THR B 308 11.04 -16.13 -8.98
N ASN B 309 10.99 -14.81 -9.24
CA ASN B 309 11.42 -13.79 -8.27
C ASN B 309 10.65 -13.82 -6.95
N VAL B 310 9.33 -14.13 -7.00
CA VAL B 310 8.44 -14.22 -5.84
C VAL B 310 8.82 -15.45 -4.97
N ALA B 311 9.00 -16.63 -5.61
CA ALA B 311 9.36 -17.90 -4.97
C ALA B 311 10.72 -17.91 -4.27
N ALA B 312 11.60 -16.94 -4.57
CA ALA B 312 12.95 -16.89 -4.02
C ALA B 312 13.14 -15.87 -2.90
N ARG B 313 12.17 -14.93 -2.78
CA ARG B 313 12.14 -13.79 -1.85
C ARG B 313 12.77 -14.04 -0.45
N GLY B 314 12.06 -14.72 0.44
CA GLY B 314 12.53 -14.95 1.79
C GLY B 314 13.51 -16.09 1.97
N LEU B 315 13.75 -16.84 0.88
CA LEU B 315 14.60 -18.04 0.87
C LEU B 315 16.09 -17.78 1.02
N ASP B 316 16.80 -18.71 1.68
CA ASP B 316 18.23 -18.61 1.87
C ASP B 316 18.92 -19.27 0.66
N ILE B 317 19.38 -18.44 -0.28
CA ILE B 317 20.05 -18.87 -1.49
C ILE B 317 21.54 -18.75 -1.25
N PRO B 318 22.35 -19.80 -1.56
CA PRO B 318 23.81 -19.68 -1.36
C PRO B 318 24.46 -18.73 -2.36
N GLU B 319 25.75 -18.41 -2.13
CA GLU B 319 26.55 -17.58 -3.03
C GLU B 319 26.59 -18.24 -4.40
N VAL B 320 26.44 -17.46 -5.46
CA VAL B 320 26.43 -18.04 -6.80
C VAL B 320 27.60 -17.48 -7.59
N ASP B 321 27.82 -18.01 -8.76
CA ASP B 321 28.85 -17.45 -9.64
C ASP B 321 28.15 -16.56 -10.62
N LEU B 322 26.91 -16.91 -10.99
CA LEU B 322 26.17 -16.22 -12.02
C LEU B 322 24.67 -16.11 -11.72
N VAL B 323 24.15 -14.89 -11.90
CA VAL B 323 22.72 -14.61 -11.80
C VAL B 323 22.20 -14.31 -13.21
N ILE B 324 21.09 -14.94 -13.61
CA ILE B 324 20.46 -14.64 -14.91
C ILE B 324 19.00 -14.17 -14.74
N GLN B 325 18.67 -12.98 -15.24
CA GLN B 325 17.28 -12.51 -15.28
C GLN B 325 16.81 -12.74 -16.70
N SER B 326 15.70 -13.45 -16.87
CA SER B 326 15.14 -13.73 -18.19
C SER B 326 14.70 -12.46 -18.94
N SER B 327 14.27 -11.45 -18.19
CA SER B 327 13.82 -10.17 -18.72
C SER B 327 14.14 -9.10 -17.68
N PRO B 328 14.19 -7.78 -18.01
CA PRO B 328 14.53 -6.78 -16.98
C PRO B 328 13.62 -6.93 -15.74
N PRO B 329 14.20 -7.05 -14.51
CA PRO B 329 13.37 -7.26 -13.32
C PRO B 329 12.42 -6.11 -12.95
N LYS B 330 11.21 -6.48 -12.48
CA LYS B 330 10.20 -5.55 -11.97
C LYS B 330 10.65 -5.20 -10.53
N ASP B 331 11.01 -6.26 -9.74
CA ASP B 331 11.51 -6.22 -8.36
C ASP B 331 13.03 -5.97 -8.37
N VAL B 332 13.39 -4.69 -8.43
CA VAL B 332 14.77 -4.22 -8.48
C VAL B 332 15.50 -4.49 -7.15
N GLU B 333 14.81 -4.38 -6.00
CA GLU B 333 15.41 -4.62 -4.68
C GLU B 333 15.88 -6.08 -4.52
N SER B 334 15.12 -7.03 -5.10
CA SER B 334 15.42 -8.46 -5.12
C SER B 334 16.63 -8.73 -6.04
N TYR B 335 16.74 -7.96 -7.14
CA TYR B 335 17.84 -8.05 -8.11
C TYR B 335 19.16 -7.61 -7.45
N ILE B 336 19.17 -6.47 -6.74
CA ILE B 336 20.36 -5.92 -6.06
C ILE B 336 20.74 -6.76 -4.83
N HIS B 337 19.77 -7.34 -4.14
CA HIS B 337 20.05 -8.18 -2.99
C HIS B 337 20.78 -9.45 -3.47
N ARG B 338 20.20 -10.13 -4.47
CA ARG B 338 20.78 -11.34 -5.05
C ARG B 338 22.12 -11.06 -5.80
N SER B 339 22.34 -9.82 -6.30
CA SER B 339 23.57 -9.37 -6.96
C SER B 339 24.74 -9.28 -5.96
N GLY B 340 24.46 -8.89 -4.71
CA GLY B 340 25.47 -8.76 -3.66
C GLY B 340 26.01 -10.09 -3.15
N ARG B 341 25.31 -11.19 -3.47
CA ARG B 341 25.61 -12.58 -3.12
C ARG B 341 26.13 -13.38 -4.34
N THR B 342 26.78 -12.68 -5.29
CA THR B 342 27.34 -13.27 -6.50
C THR B 342 28.82 -13.05 -6.48
N GLY B 343 29.56 -14.09 -6.85
CA GLY B 343 31.02 -14.08 -6.87
C GLY B 343 31.58 -14.83 -5.68
N ARG B 344 32.13 -16.02 -5.96
CA ARG B 344 32.73 -16.90 -4.96
C ARG B 344 34.26 -16.95 -5.14
N ALA B 345 35.01 -17.26 -4.03
CA ALA B 345 36.46 -17.42 -4.00
C ALA B 345 37.24 -16.22 -4.57
N GLY B 346 36.71 -15.02 -4.35
CA GLY B 346 37.37 -13.80 -4.82
C GLY B 346 37.23 -13.52 -6.31
N ARG B 347 36.37 -14.29 -7.00
CA ARG B 347 36.10 -14.04 -8.41
C ARG B 347 35.00 -12.98 -8.47
N THR B 348 34.99 -12.16 -9.52
CA THR B 348 33.97 -11.13 -9.71
C THR B 348 32.64 -11.80 -10.06
N GLY B 349 31.58 -11.36 -9.37
CA GLY B 349 30.23 -11.85 -9.59
C GLY B 349 29.68 -11.33 -10.89
N VAL B 350 28.86 -12.15 -11.58
CA VAL B 350 28.29 -11.75 -12.88
C VAL B 350 26.78 -11.82 -12.84
N CYS B 351 26.14 -10.71 -13.22
CA CYS B 351 24.69 -10.65 -13.36
C CYS B 351 24.34 -10.38 -14.78
N ILE B 352 23.62 -11.30 -15.38
CA ILE B 352 23.20 -11.16 -16.75
C ILE B 352 21.70 -10.89 -16.84
N CYS B 353 21.36 -9.92 -17.66
CA CYS B 353 20.00 -9.56 -17.93
C CYS B 353 19.67 -9.73 -19.42
N PHE B 354 18.70 -10.59 -19.73
CA PHE B 354 18.28 -10.76 -21.11
C PHE B 354 17.18 -9.76 -21.43
N TYR B 355 17.22 -9.21 -22.63
CA TYR B 355 16.20 -8.25 -23.05
C TYR B 355 15.94 -8.33 -24.55
N GLN B 356 14.74 -7.87 -24.94
CA GLN B 356 14.26 -7.77 -26.33
C GLN B 356 14.14 -6.28 -26.65
N HIS B 357 13.95 -5.91 -27.93
CA HIS B 357 13.80 -4.50 -28.30
C HIS B 357 12.65 -3.78 -27.55
N LYS B 358 11.54 -4.51 -27.25
CA LYS B 358 10.40 -3.93 -26.52
C LYS B 358 10.70 -3.65 -25.04
N GLU B 359 11.70 -4.36 -24.48
CA GLU B 359 12.13 -4.24 -23.09
C GLU B 359 13.30 -3.27 -22.91
N GLU B 360 13.70 -2.53 -23.97
CA GLU B 360 14.85 -1.60 -23.94
C GLU B 360 14.74 -0.44 -22.92
N TYR B 361 13.57 0.20 -22.76
CA TYR B 361 13.42 1.29 -21.77
C TYR B 361 13.36 0.73 -20.34
N GLN B 362 12.88 -0.52 -20.18
CA GLN B 362 12.77 -1.26 -18.93
C GLN B 362 14.16 -1.42 -18.30
N LEU B 363 15.19 -1.60 -19.15
CA LEU B 363 16.60 -1.73 -18.80
C LEU B 363 17.10 -0.43 -18.16
N VAL B 364 16.76 0.72 -18.78
CA VAL B 364 17.06 2.07 -18.30
C VAL B 364 16.36 2.29 -16.91
N GLN B 365 15.13 1.79 -16.75
CA GLN B 365 14.40 1.89 -15.48
C GLN B 365 15.13 1.14 -14.37
N VAL B 366 15.64 -0.07 -14.69
CA VAL B 366 16.42 -0.90 -13.75
C VAL B 366 17.71 -0.16 -13.40
N GLU B 367 18.41 0.39 -14.41
CA GLU B 367 19.66 1.15 -14.18
C GLU B 367 19.46 2.32 -13.24
N GLN B 368 18.35 3.07 -13.43
CA GLN B 368 17.98 4.25 -12.64
C GLN B 368 17.60 3.91 -11.19
N LYS B 369 16.78 2.87 -10.99
CA LYS B 369 16.35 2.43 -9.66
C LYS B 369 17.49 1.85 -8.83
N ALA B 370 18.34 1.00 -9.44
CA ALA B 370 19.44 0.29 -8.81
C ALA B 370 20.76 1.06 -8.72
N GLY B 371 20.86 2.17 -9.45
CA GLY B 371 22.07 3.00 -9.50
C GLY B 371 23.25 2.29 -10.15
N ILE B 372 22.95 1.38 -11.10
CA ILE B 372 23.91 0.55 -11.86
C ILE B 372 23.93 0.94 -13.34
N LYS B 373 24.96 0.48 -14.06
CA LYS B 373 25.11 0.66 -15.50
C LYS B 373 25.41 -0.69 -16.12
N PHE B 374 24.60 -1.11 -17.09
CA PHE B 374 24.79 -2.37 -17.81
C PHE B 374 25.74 -2.20 -18.96
N LYS B 375 26.52 -3.26 -19.23
CA LYS B 375 27.37 -3.39 -20.41
C LYS B 375 26.45 -4.03 -21.46
N ARG B 376 26.16 -3.30 -22.54
CA ARG B 376 25.23 -3.80 -23.53
C ARG B 376 25.94 -4.55 -24.61
N ILE B 377 25.59 -5.85 -24.70
CA ILE B 377 26.14 -6.81 -25.65
C ILE B 377 25.00 -7.65 -26.33
N PHE C 2 -23.31 -23.71 -7.60
CA PHE C 2 -22.52 -24.93 -7.47
C PHE C 2 -22.09 -25.53 -8.83
N SER C 3 -22.30 -24.78 -9.93
CA SER C 3 -22.03 -25.19 -11.32
C SER C 3 -20.64 -25.85 -11.59
N ASN C 4 -19.59 -25.40 -10.88
CA ASN C 4 -18.21 -25.89 -11.02
C ASN C 4 -17.97 -27.29 -10.38
N PHE C 5 -18.94 -27.78 -9.58
CA PHE C 5 -18.82 -29.01 -8.82
C PHE C 5 -19.89 -30.04 -9.10
N PRO C 6 -19.48 -31.34 -9.15
CA PRO C 6 -20.45 -32.41 -9.41
C PRO C 6 -21.42 -32.78 -8.25
N ILE C 7 -22.22 -31.80 -7.79
CA ILE C 7 -23.22 -32.03 -6.73
C ILE C 7 -24.59 -32.28 -7.39
N SER C 8 -25.21 -33.44 -7.11
CA SER C 8 -26.53 -33.88 -7.62
C SER C 8 -27.64 -32.91 -7.21
N GLU C 9 -28.73 -32.82 -8.02
CA GLU C 9 -29.87 -31.93 -7.76
C GLU C 9 -30.59 -32.21 -6.45
N GLU C 10 -30.61 -33.50 -6.03
CA GLU C 10 -31.19 -33.99 -4.79
C GLU C 10 -30.44 -33.42 -3.57
N THR C 11 -29.09 -33.46 -3.63
CA THR C 11 -28.19 -32.93 -2.61
C THR C 11 -28.30 -31.40 -2.55
N ILE C 12 -28.39 -30.72 -3.73
CA ILE C 12 -28.57 -29.28 -3.86
C ILE C 12 -29.89 -28.85 -3.18
N LYS C 13 -30.95 -29.69 -3.35
CA LYS C 13 -32.29 -29.52 -2.76
C LYS C 13 -32.17 -29.48 -1.22
N LEU C 14 -31.55 -30.53 -0.66
CA LEU C 14 -31.31 -30.70 0.78
C LEU C 14 -30.42 -29.58 1.34
N LEU C 15 -29.39 -29.17 0.56
CA LEU C 15 -28.46 -28.10 0.93
C LEU C 15 -29.15 -26.76 1.05
N LYS C 16 -30.13 -26.48 0.14
CA LYS C 16 -30.94 -25.24 0.18
C LYS C 16 -31.64 -25.10 1.55
N GLY C 17 -32.14 -26.22 2.09
CA GLY C 17 -32.79 -26.30 3.39
C GLY C 17 -31.91 -25.86 4.54
N ARG C 18 -30.58 -26.11 4.42
CA ARG C 18 -29.58 -25.71 5.40
C ARG C 18 -29.00 -24.31 5.16
N GLY C 19 -29.53 -23.61 4.15
CA GLY C 19 -29.08 -22.27 3.78
C GLY C 19 -27.79 -22.23 3.00
N VAL C 20 -27.44 -23.37 2.33
CA VAL C 20 -26.24 -23.55 1.52
C VAL C 20 -26.61 -23.45 0.02
N THR C 21 -26.21 -22.32 -0.62
CA THR C 21 -26.50 -22.03 -2.02
C THR C 21 -25.22 -21.97 -2.87
N PHE C 22 -24.07 -21.85 -2.20
CA PHE C 22 -22.74 -21.79 -2.82
C PHE C 22 -21.73 -22.33 -1.81
N LEU C 23 -20.51 -22.70 -2.27
CA LEU C 23 -19.42 -23.22 -1.45
C LEU C 23 -18.52 -22.11 -0.92
N PHE C 24 -18.10 -22.23 0.36
CA PHE C 24 -17.14 -21.34 1.03
C PHE C 24 -15.73 -21.71 0.53
N PRO C 25 -14.71 -20.83 0.65
CA PRO C 25 -13.38 -21.16 0.07
C PRO C 25 -12.76 -22.54 0.44
N ILE C 26 -12.82 -22.96 1.73
CA ILE C 26 -12.24 -24.26 2.15
C ILE C 26 -12.92 -25.44 1.41
N GLN C 27 -14.25 -25.33 1.19
CA GLN C 27 -15.03 -26.35 0.49
C GLN C 27 -14.67 -26.46 -0.99
N ALA C 28 -14.54 -25.32 -1.68
CA ALA C 28 -14.16 -25.27 -3.10
C ALA C 28 -12.78 -25.88 -3.37
N LYS C 29 -11.82 -25.54 -2.49
CA LYS C 29 -10.43 -25.93 -2.60
C LYS C 29 -10.20 -27.43 -2.38
N THR C 30 -11.02 -28.04 -1.52
CA THR C 30 -10.92 -29.46 -1.17
C THR C 30 -11.82 -30.39 -2.00
N PHE C 31 -12.99 -29.91 -2.44
CA PHE C 31 -13.99 -30.74 -3.11
C PHE C 31 -13.44 -31.84 -4.00
N HIS C 32 -12.63 -31.49 -5.02
CA HIS C 32 -12.11 -32.49 -5.95
C HIS C 32 -11.07 -33.41 -5.31
N HIS C 33 -10.24 -32.89 -4.35
CA HIS C 33 -9.25 -33.75 -3.67
C HIS C 33 -9.98 -34.83 -2.89
N VAL C 34 -11.06 -34.40 -2.20
CA VAL C 34 -11.91 -35.25 -1.35
C VAL C 34 -12.63 -36.29 -2.19
N TYR C 35 -13.33 -35.84 -3.26
CA TYR C 35 -14.07 -36.71 -4.17
C TYR C 35 -13.17 -37.76 -4.85
N SER C 36 -12.03 -37.35 -5.44
CA SER C 36 -11.11 -38.24 -6.17
C SER C 36 -10.36 -39.26 -5.29
N GLY C 37 -10.53 -39.20 -3.97
CA GLY C 37 -9.90 -40.14 -3.05
C GLY C 37 -8.50 -39.81 -2.60
N LYS C 38 -8.07 -38.54 -2.75
CA LYS C 38 -6.73 -38.09 -2.29
C LYS C 38 -6.67 -37.95 -0.76
N ASP C 39 -5.48 -38.15 -0.18
CA ASP C 39 -5.27 -37.97 1.26
C ASP C 39 -5.09 -36.47 1.44
N LEU C 40 -5.58 -35.93 2.56
CA LEU C 40 -5.58 -34.49 2.75
C LEU C 40 -5.33 -34.04 4.19
N ILE C 41 -4.57 -32.96 4.32
CA ILE C 41 -4.28 -32.25 5.57
C ILE C 41 -4.78 -30.82 5.33
N ALA C 42 -5.84 -30.43 6.05
CA ALA C 42 -6.45 -29.12 5.90
C ALA C 42 -6.31 -28.29 7.18
N GLN C 43 -5.85 -27.03 7.02
CA GLN C 43 -5.68 -26.07 8.11
C GLN C 43 -6.72 -24.98 7.92
N ALA C 44 -7.69 -24.90 8.84
CA ALA C 44 -8.74 -23.89 8.73
C ALA C 44 -9.25 -23.49 10.09
N ARG C 45 -9.63 -22.21 10.21
CA ARG C 45 -10.14 -21.66 11.45
C ARG C 45 -11.62 -21.97 11.65
N THR C 46 -12.13 -21.74 12.87
CA THR C 46 -13.53 -22.01 13.23
C THR C 46 -14.47 -21.16 12.38
N GLY C 47 -15.65 -21.70 12.04
CA GLY C 47 -16.64 -21.01 11.24
C GLY C 47 -16.35 -20.87 9.75
N THR C 48 -15.26 -21.50 9.26
CA THR C 48 -14.91 -21.46 7.85
C THR C 48 -15.70 -22.49 7.03
N GLY C 49 -16.47 -23.37 7.71
CA GLY C 49 -17.25 -24.42 7.08
C GLY C 49 -16.45 -25.68 6.79
N LYS C 50 -15.68 -26.18 7.81
CA LYS C 50 -14.84 -27.39 7.70
C LYS C 50 -15.68 -28.66 7.51
N THR C 51 -16.84 -28.78 8.20
CA THR C 51 -17.71 -29.97 8.16
C THR C 51 -18.20 -30.31 6.75
N PHE C 52 -18.75 -29.32 6.03
CA PHE C 52 -19.27 -29.54 4.69
C PHE C 52 -18.17 -29.77 3.65
N SER C 53 -16.91 -29.37 3.94
CA SER C 53 -15.75 -29.53 3.05
C SER C 53 -15.35 -30.99 2.89
N PHE C 54 -15.84 -31.87 3.78
CA PHE C 54 -15.63 -33.30 3.72
C PHE C 54 -16.98 -34.01 3.52
N ALA C 55 -18.04 -33.55 4.23
CA ALA C 55 -19.38 -34.13 4.16
C ALA C 55 -20.02 -34.12 2.76
N ILE C 56 -20.10 -32.95 2.09
CA ILE C 56 -20.66 -32.83 0.73
C ILE C 56 -19.90 -33.73 -0.30
N PRO C 57 -18.56 -33.56 -0.58
CA PRO C 57 -17.88 -34.47 -1.54
C PRO C 57 -17.89 -35.96 -1.17
N LEU C 58 -17.89 -36.29 0.16
CA LEU C 58 -17.96 -37.70 0.60
C LEU C 58 -19.33 -38.31 0.33
N ILE C 59 -20.41 -37.55 0.59
CA ILE C 59 -21.76 -38.01 0.33
C ILE C 59 -21.98 -38.22 -1.17
N GLU C 60 -21.46 -37.31 -2.01
CA GLU C 60 -21.58 -37.41 -3.46
C GLU C 60 -20.91 -38.66 -4.04
N LYS C 61 -19.67 -38.94 -3.62
CA LYS C 61 -18.90 -40.11 -4.01
C LYS C 61 -19.62 -41.39 -3.59
N LEU C 62 -20.14 -41.44 -2.34
CA LEU C 62 -20.84 -42.61 -1.80
C LEU C 62 -22.17 -42.86 -2.49
N HIS C 63 -22.94 -41.80 -2.80
CA HIS C 63 -24.22 -41.86 -3.51
C HIS C 63 -24.07 -42.42 -4.93
N GLY C 64 -22.91 -42.19 -5.55
CA GLY C 64 -22.61 -42.63 -6.90
C GLY C 64 -22.21 -44.09 -7.01
N GLU C 65 -21.89 -44.74 -5.87
CA GLU C 65 -21.51 -46.16 -5.82
C GLU C 65 -22.43 -46.97 -4.88
N LEU C 66 -23.64 -46.42 -4.61
CA LEU C 66 -24.64 -46.95 -3.70
C LEU C 66 -25.17 -48.36 -4.07
N GLN C 67 -24.80 -49.33 -3.22
CA GLN C 67 -25.24 -50.72 -3.31
C GLN C 67 -26.34 -50.94 -2.27
N ASP C 68 -26.85 -52.19 -2.21
CA ASP C 68 -27.86 -52.73 -1.31
C ASP C 68 -27.53 -52.44 0.16
N ARG C 69 -28.47 -51.83 0.89
CA ARG C 69 -28.22 -51.58 2.30
C ARG C 69 -28.52 -52.88 3.10
N LYS C 70 -27.49 -53.74 3.18
CA LYS C 70 -27.52 -55.04 3.83
C LYS C 70 -27.47 -54.92 5.36
N ARG C 71 -28.22 -55.78 6.09
CA ARG C 71 -28.25 -55.78 7.55
C ARG C 71 -26.87 -56.12 8.11
N GLY C 72 -26.51 -55.47 9.21
CA GLY C 72 -25.25 -55.66 9.91
C GLY C 72 -24.00 -55.21 9.18
N ARG C 73 -24.17 -54.32 8.16
CA ARG C 73 -23.04 -53.82 7.37
C ARG C 73 -22.10 -52.95 8.19
N ALA C 74 -20.80 -53.06 7.89
CA ALA C 74 -19.72 -52.31 8.52
C ALA C 74 -19.72 -50.86 7.98
N PRO C 75 -19.31 -49.84 8.78
CA PRO C 75 -19.26 -48.46 8.25
C PRO C 75 -18.22 -48.29 7.14
N GLN C 76 -18.52 -47.41 6.19
CA GLN C 76 -17.65 -47.06 5.05
C GLN C 76 -16.83 -45.79 5.36
N VAL C 77 -17.37 -44.92 6.23
CA VAL C 77 -16.78 -43.67 6.69
C VAL C 77 -16.68 -43.64 8.24
N LEU C 78 -15.52 -43.22 8.77
CA LEU C 78 -15.28 -43.02 10.20
C LEU C 78 -14.84 -41.57 10.44
N VAL C 79 -15.62 -40.84 11.22
CA VAL C 79 -15.31 -39.48 11.58
C VAL C 79 -15.04 -39.46 13.09
N LEU C 80 -13.79 -39.15 13.50
CA LEU C 80 -13.41 -39.04 14.90
C LEU C 80 -13.47 -37.57 15.28
N ALA C 81 -14.24 -37.26 16.33
CA ALA C 81 -14.45 -35.92 16.84
C ALA C 81 -14.10 -35.90 18.35
N PRO C 82 -13.58 -34.78 18.90
CA PRO C 82 -13.18 -34.81 20.33
C PRO C 82 -14.29 -34.86 21.37
N THR C 83 -15.44 -34.22 21.08
CA THR C 83 -16.50 -34.02 22.05
C THR C 83 -17.89 -34.39 21.51
N ARG C 84 -18.82 -34.73 22.44
CA ARG C 84 -20.22 -35.14 22.25
C ARG C 84 -21.01 -34.11 21.43
N GLU C 85 -20.79 -32.82 21.69
CA GLU C 85 -21.43 -31.71 21.00
C GLU C 85 -21.03 -31.73 19.52
N LEU C 86 -19.70 -31.77 19.26
CA LEU C 86 -19.11 -31.79 17.92
C LEU C 86 -19.53 -32.98 17.10
N ALA C 87 -19.50 -34.18 17.71
CA ALA C 87 -19.91 -35.40 17.04
C ALA C 87 -21.39 -35.30 16.60
N ASN C 88 -22.29 -34.80 17.47
CA ASN C 88 -23.71 -34.60 17.15
C ASN C 88 -23.90 -33.57 16.04
N GLN C 89 -23.06 -32.51 16.00
CA GLN C 89 -23.09 -31.47 14.95
C GLN C 89 -22.77 -32.13 13.59
N VAL C 90 -21.62 -32.86 13.51
CA VAL C 90 -21.13 -33.57 12.31
C VAL C 90 -22.18 -34.59 11.81
N SER C 91 -22.76 -35.36 12.74
CA SER C 91 -23.80 -36.39 12.56
C SER C 91 -25.06 -35.80 11.90
N LYS C 92 -25.53 -34.65 12.42
CA LYS C 92 -26.71 -33.92 11.92
C LYS C 92 -26.43 -33.38 10.51
N ASP C 93 -25.24 -32.78 10.30
CA ASP C 93 -24.82 -32.22 9.02
C ASP C 93 -24.82 -33.29 7.90
N PHE C 94 -24.35 -34.52 8.21
CA PHE C 94 -24.38 -35.65 7.27
C PHE C 94 -25.84 -36.07 7.03
N SER C 95 -26.62 -36.30 8.12
CA SER C 95 -28.03 -36.71 8.08
C SER C 95 -28.94 -35.76 7.30
N ASP C 96 -28.66 -34.45 7.35
CA ASP C 96 -29.47 -33.44 6.68
C ASP C 96 -29.29 -33.39 5.17
N ILE C 97 -28.18 -33.96 4.63
CA ILE C 97 -27.88 -33.90 3.20
C ILE C 97 -27.84 -35.30 2.53
N THR C 98 -28.11 -36.36 3.30
CA THR C 98 -28.25 -37.72 2.77
C THR C 98 -29.46 -38.40 3.38
N LYS C 99 -30.36 -38.90 2.52
CA LYS C 99 -31.56 -39.65 2.92
C LYS C 99 -31.44 -41.12 2.51
N LYS C 100 -30.28 -41.50 1.93
CA LYS C 100 -30.00 -42.85 1.45
C LYS C 100 -29.00 -43.61 2.36
N LEU C 101 -28.08 -42.88 3.03
CA LEU C 101 -27.03 -43.46 3.88
C LEU C 101 -27.39 -43.50 5.37
N SER C 102 -26.98 -44.58 6.06
CA SER C 102 -27.22 -44.76 7.48
C SER C 102 -26.10 -44.05 8.28
N VAL C 103 -26.48 -43.01 9.08
CA VAL C 103 -25.58 -42.18 9.88
C VAL C 103 -25.72 -42.52 11.40
N ALA C 104 -24.63 -42.99 12.04
CA ALA C 104 -24.59 -43.32 13.46
C ALA C 104 -23.65 -42.38 14.23
N CYS C 105 -24.05 -42.00 15.45
CA CYS C 105 -23.26 -41.15 16.35
C CYS C 105 -22.96 -41.88 17.65
N PHE C 106 -21.71 -42.32 17.85
CA PHE C 106 -21.29 -43.07 19.03
C PHE C 106 -20.36 -42.32 19.98
N TYR C 107 -20.93 -41.72 21.03
CA TYR C 107 -20.13 -41.02 22.03
C TYR C 107 -20.19 -41.79 23.37
N GLY C 108 -19.31 -41.42 24.29
CA GLY C 108 -19.26 -42.01 25.63
C GLY C 108 -20.24 -41.37 26.59
N GLY C 109 -20.53 -42.09 27.68
CA GLY C 109 -21.47 -41.66 28.71
C GLY C 109 -22.91 -41.72 28.26
N THR C 110 -23.25 -42.83 27.59
CA THR C 110 -24.57 -43.14 27.04
C THR C 110 -24.68 -44.68 26.95
N PRO C 111 -25.90 -45.28 27.07
CA PRO C 111 -26.00 -46.75 27.02
C PRO C 111 -25.53 -47.40 25.73
N TYR C 112 -24.82 -48.52 25.89
CA TYR C 112 -24.25 -49.34 24.82
C TYR C 112 -25.32 -50.00 23.93
N GLY C 113 -26.48 -50.32 24.52
CA GLY C 113 -27.62 -50.99 23.89
C GLY C 113 -28.08 -50.39 22.57
N GLY C 114 -28.38 -49.08 22.60
CA GLY C 114 -28.79 -48.30 21.43
C GLY C 114 -27.77 -48.31 20.29
N GLN C 115 -26.49 -48.39 20.66
CA GLN C 115 -25.34 -48.44 19.75
C GLN C 115 -25.15 -49.82 19.15
N PHE C 116 -25.33 -50.88 19.98
CA PHE C 116 -25.24 -52.28 19.55
C PHE C 116 -26.36 -52.59 18.53
N GLU C 117 -27.54 -52.00 18.76
CA GLU C 117 -28.72 -52.09 17.91
C GLU C 117 -28.41 -51.50 16.51
N ARG C 118 -27.87 -50.25 16.49
CA ARG C 118 -27.48 -49.53 15.26
C ARG C 118 -26.40 -50.31 14.51
N MET C 119 -25.48 -50.99 15.24
CA MET C 119 -24.44 -51.83 14.64
C MET C 119 -25.01 -53.09 14.00
N ARG C 120 -26.06 -53.68 14.62
CA ARG C 120 -26.77 -54.87 14.13
C ARG C 120 -27.55 -54.53 12.86
N ASN C 121 -28.25 -53.37 12.85
CA ASN C 121 -29.04 -52.91 11.69
C ASN C 121 -28.18 -52.46 10.48
N GLY C 122 -26.91 -52.12 10.71
CA GLY C 122 -25.96 -51.69 9.69
C GLY C 122 -25.71 -50.20 9.65
N ILE C 123 -24.42 -49.82 9.54
CA ILE C 123 -23.97 -48.41 9.52
C ILE C 123 -23.25 -48.11 8.22
N ASP C 124 -23.52 -46.91 7.67
CA ASP C 124 -22.82 -46.43 6.49
C ASP C 124 -21.77 -45.40 6.92
N ILE C 125 -22.20 -44.33 7.63
CA ILE C 125 -21.32 -43.28 8.17
C ILE C 125 -21.33 -43.32 9.71
N LEU C 126 -20.15 -43.52 10.32
CA LEU C 126 -19.98 -43.52 11.77
C LEU C 126 -19.16 -42.33 12.26
N VAL C 127 -19.78 -41.53 13.13
CA VAL C 127 -19.21 -40.36 13.79
C VAL C 127 -19.11 -40.70 15.30
N GLY C 128 -17.93 -40.56 15.88
CA GLY C 128 -17.77 -40.86 17.30
C GLY C 128 -16.52 -40.34 17.98
N THR C 129 -16.59 -40.24 19.33
CA THR C 129 -15.49 -39.84 20.22
C THR C 129 -14.49 -41.03 20.30
N PRO C 130 -13.16 -40.78 20.40
CA PRO C 130 -12.19 -41.91 20.42
C PRO C 130 -12.41 -43.01 21.46
N GLY C 131 -12.82 -42.61 22.68
CA GLY C 131 -13.09 -43.53 23.78
C GLY C 131 -14.11 -44.61 23.44
N ARG C 132 -15.33 -44.19 23.05
CA ARG C 132 -16.38 -45.14 22.70
C ARG C 132 -16.03 -45.99 21.47
N ILE C 133 -15.43 -45.40 20.42
CA ILE C 133 -15.03 -46.14 19.21
C ILE C 133 -14.05 -47.27 19.60
N LYS C 134 -13.08 -46.98 20.51
CA LYS C 134 -12.12 -47.96 21.00
C LYS C 134 -12.83 -49.08 21.80
N ASP C 135 -13.88 -48.73 22.60
CA ASP C 135 -14.68 -49.70 23.37
C ASP C 135 -15.34 -50.72 22.45
N HIS C 136 -16.07 -50.27 21.39
CA HIS C 136 -16.74 -51.18 20.44
C HIS C 136 -15.78 -51.96 19.56
N ILE C 137 -14.49 -51.58 19.51
CA ILE C 137 -13.44 -52.31 18.78
C ILE C 137 -13.08 -53.54 19.64
N GLN C 138 -12.89 -53.31 20.97
CA GLN C 138 -12.57 -54.32 21.99
C GLN C 138 -13.66 -55.39 22.08
N ASN C 139 -14.94 -54.98 22.30
CA ASN C 139 -16.06 -55.91 22.39
C ASN C 139 -16.41 -56.58 21.02
N GLY C 140 -15.53 -56.43 20.02
CA GLY C 140 -15.63 -57.03 18.69
C GLY C 140 -16.87 -56.76 17.85
N LYS C 141 -17.86 -56.00 18.39
CA LYS C 141 -19.13 -55.70 17.73
C LYS C 141 -19.01 -54.72 16.54
N LEU C 142 -17.95 -53.87 16.52
CA LEU C 142 -17.67 -52.91 15.46
C LEU C 142 -16.54 -53.36 14.54
N ASP C 143 -16.81 -53.37 13.21
CA ASP C 143 -15.84 -53.73 12.18
C ASP C 143 -15.36 -52.48 11.41
N LEU C 144 -14.10 -52.13 11.63
CA LEU C 144 -13.47 -50.96 10.99
C LEU C 144 -12.40 -51.39 9.98
N THR C 145 -12.47 -52.63 9.48
CA THR C 145 -11.52 -53.14 8.47
C THR C 145 -12.08 -52.97 7.06
N LYS C 146 -13.34 -52.51 6.96
CA LYS C 146 -14.05 -52.32 5.70
C LYS C 146 -14.24 -50.83 5.33
N LEU C 147 -13.51 -49.94 6.04
CA LEU C 147 -13.55 -48.48 5.86
C LEU C 147 -12.94 -48.07 4.54
N LYS C 148 -13.52 -47.05 3.92
CA LYS C 148 -13.04 -46.45 2.68
C LYS C 148 -12.55 -45.02 2.97
N HIS C 149 -13.05 -44.39 4.05
CA HIS C 149 -12.73 -43.02 4.42
C HIS C 149 -12.60 -42.81 5.93
N VAL C 150 -11.57 -42.06 6.32
CA VAL C 150 -11.30 -41.68 7.72
C VAL C 150 -11.11 -40.15 7.80
N VAL C 151 -11.92 -39.50 8.63
CA VAL C 151 -11.88 -38.05 8.91
C VAL C 151 -11.47 -37.85 10.39
N LEU C 152 -10.36 -37.16 10.62
CA LEU C 152 -9.92 -36.78 11.97
C LEU C 152 -10.27 -35.30 12.08
N ASP C 153 -11.42 -35.00 12.67
CA ASP C 153 -11.95 -33.66 12.81
C ASP C 153 -11.51 -33.06 14.14
N GLU C 154 -11.07 -31.77 14.11
CA GLU C 154 -10.59 -30.98 15.26
C GLU C 154 -9.46 -31.71 15.98
N VAL C 155 -8.43 -32.08 15.21
CA VAL C 155 -7.25 -32.82 15.69
C VAL C 155 -6.59 -32.16 16.91
N ASP C 156 -6.43 -30.84 16.88
CA ASP C 156 -5.78 -30.05 17.93
C ASP C 156 -6.44 -30.25 19.27
N GLN C 157 -7.78 -30.16 19.33
CA GLN C 157 -8.58 -30.36 20.53
C GLN C 157 -8.41 -31.79 21.08
N MET C 158 -8.44 -32.81 20.19
CA MET C 158 -8.26 -34.23 20.53
C MET C 158 -6.90 -34.47 21.16
N LEU C 159 -5.87 -33.75 20.71
CA LEU C 159 -4.52 -33.87 21.24
C LEU C 159 -4.41 -33.19 22.60
N ASP C 160 -5.04 -32.00 22.74
CA ASP C 160 -5.09 -31.23 23.99
C ASP C 160 -5.87 -31.96 25.10
N MET C 161 -6.74 -32.91 24.70
CA MET C 161 -7.59 -33.71 25.60
C MET C 161 -7.00 -35.08 25.92
N GLY C 162 -5.82 -35.37 25.37
CA GLY C 162 -5.06 -36.60 25.56
C GLY C 162 -5.53 -37.82 24.81
N PHE C 163 -6.24 -37.63 23.66
CA PHE C 163 -6.76 -38.76 22.87
C PHE C 163 -5.77 -39.31 21.82
N ALA C 164 -4.54 -38.80 21.77
CA ALA C 164 -3.52 -39.22 20.81
C ALA C 164 -3.36 -40.73 20.72
N ASP C 165 -3.21 -41.40 21.88
CA ASP C 165 -3.01 -42.85 21.97
C ASP C 165 -4.24 -43.67 21.59
N GLN C 166 -5.47 -43.20 21.93
CA GLN C 166 -6.68 -43.95 21.52
C GLN C 166 -6.97 -43.80 20.00
N VAL C 167 -6.58 -42.64 19.38
CA VAL C 167 -6.70 -42.38 17.94
C VAL C 167 -5.70 -43.28 17.21
N GLU C 168 -4.46 -43.38 17.74
CA GLU C 168 -3.41 -44.23 17.18
C GLU C 168 -3.80 -45.71 17.25
N GLU C 169 -4.51 -46.11 18.32
CA GLU C 169 -5.00 -47.47 18.48
C GLU C 169 -6.01 -47.75 17.35
N ILE C 170 -7.05 -46.90 17.20
CA ILE C 170 -8.09 -47.02 16.16
C ILE C 170 -7.45 -47.08 14.77
N LEU C 171 -6.46 -46.20 14.49
CA LEU C 171 -5.77 -46.18 13.18
C LEU C 171 -5.00 -47.46 12.88
N SER C 172 -4.46 -48.11 13.93
CA SER C 172 -3.72 -49.38 13.81
C SER C 172 -4.60 -50.55 13.39
N VAL C 173 -5.91 -50.48 13.73
CA VAL C 173 -6.95 -51.45 13.36
C VAL C 173 -7.38 -51.27 11.88
N ALA C 174 -7.70 -50.02 11.47
CA ALA C 174 -8.18 -49.66 10.12
C ALA C 174 -7.12 -49.56 9.05
N TYR C 175 -5.83 -49.47 9.43
CA TYR C 175 -4.73 -49.31 8.47
C TYR C 175 -3.71 -50.45 8.54
N LYS C 176 -3.18 -50.89 7.39
CA LYS C 176 -2.11 -51.91 7.32
C LYS C 176 -0.78 -51.23 6.88
N LYS C 177 0.36 -51.56 7.54
CA LYS C 177 1.68 -51.00 7.22
C LYS C 177 2.11 -51.19 5.75
N ASP C 178 2.69 -50.13 5.13
CA ASP C 178 3.19 -50.04 3.74
C ASP C 178 2.11 -50.36 2.66
N SER C 179 0.84 -50.62 3.09
CA SER C 179 -0.29 -50.95 2.23
C SER C 179 -0.83 -49.68 1.56
N GLU C 180 -0.65 -49.56 0.23
CA GLU C 180 -1.08 -48.37 -0.51
C GLU C 180 -2.42 -48.62 -1.22
N ASP C 181 -3.48 -48.79 -0.40
CA ASP C 181 -4.88 -49.09 -0.76
C ASP C 181 -5.80 -48.82 0.47
N ASN C 182 -5.16 -48.52 1.65
CA ASN C 182 -5.73 -48.17 2.96
C ASN C 182 -6.83 -47.07 2.84
N PRO C 183 -7.70 -46.80 3.85
CA PRO C 183 -8.72 -45.74 3.66
C PRO C 183 -8.18 -44.34 3.36
N GLN C 184 -9.00 -43.53 2.65
CA GLN C 184 -8.68 -42.14 2.32
C GLN C 184 -8.65 -41.37 3.67
N THR C 185 -7.56 -40.63 3.93
CA THR C 185 -7.44 -39.91 5.21
C THR C 185 -7.59 -38.40 5.03
N LEU C 186 -8.54 -37.81 5.78
CA LEU C 186 -8.79 -36.36 5.78
C LEU C 186 -8.52 -35.91 7.19
N LEU C 187 -7.40 -35.21 7.38
CA LEU C 187 -6.96 -34.71 8.67
C LEU C 187 -7.25 -33.19 8.76
N PHE C 188 -7.91 -32.75 9.85
CA PHE C 188 -8.28 -31.34 10.08
C PHE C 188 -7.61 -30.78 11.33
N SER C 189 -6.43 -30.18 11.14
CA SER C 189 -5.62 -29.58 12.21
C SER C 189 -5.40 -28.12 11.90
N ALA C 190 -5.82 -27.25 12.82
CA ALA C 190 -5.67 -25.80 12.66
C ALA C 190 -4.22 -25.30 12.77
N THR C 191 -3.39 -25.95 13.63
CA THR C 191 -2.00 -25.52 13.89
C THR C 191 -0.92 -26.49 13.38
N CYS C 192 -1.32 -27.71 12.98
CA CYS C 192 -0.43 -28.78 12.49
C CYS C 192 0.78 -29.07 13.42
N PRO C 193 0.56 -29.60 14.65
CA PRO C 193 1.71 -29.97 15.52
C PRO C 193 2.49 -31.16 14.96
N HIS C 194 3.56 -31.58 15.65
CA HIS C 194 4.43 -32.69 15.23
C HIS C 194 3.66 -34.01 15.04
N TRP C 195 2.65 -34.27 15.90
CA TRP C 195 1.81 -35.47 15.86
C TRP C 195 1.12 -35.67 14.51
N VAL C 196 0.72 -34.58 13.86
CA VAL C 196 0.05 -34.55 12.57
C VAL C 196 0.97 -35.06 11.46
N PHE C 197 2.25 -34.67 11.48
CA PHE C 197 3.18 -35.09 10.44
C PHE C 197 3.75 -36.50 10.67
N ASN C 198 3.65 -37.02 11.92
CA ASN C 198 4.05 -38.39 12.26
C ASN C 198 2.96 -39.36 11.82
N VAL C 199 1.68 -38.96 12.01
CA VAL C 199 0.49 -39.72 11.58
C VAL C 199 0.45 -39.81 10.05
N ALA C 200 0.80 -38.69 9.37
CA ALA C 200 0.87 -38.59 7.92
C ALA C 200 1.94 -39.51 7.34
N LYS C 201 3.04 -39.69 8.08
CA LYS C 201 4.16 -40.54 7.68
C LYS C 201 3.73 -42.02 7.82
N LYS C 202 3.29 -42.38 9.03
CA LYS C 202 2.91 -43.74 9.45
C LYS C 202 1.66 -44.32 8.78
N TYR C 203 0.55 -43.56 8.66
CA TYR C 203 -0.72 -44.06 8.15
C TYR C 203 -1.18 -43.52 6.79
N MET C 204 -0.81 -42.29 6.43
CA MET C 204 -1.25 -41.68 5.16
C MET C 204 -0.41 -42.09 3.95
N LYS C 205 -0.98 -41.92 2.75
CA LYS C 205 -0.37 -42.23 1.45
C LYS C 205 0.86 -41.33 1.22
N SER C 206 1.85 -41.84 0.45
CA SER C 206 3.12 -41.15 0.10
C SER C 206 2.85 -39.69 -0.31
N THR C 207 1.88 -39.52 -1.22
CA THR C 207 1.46 -38.24 -1.75
C THR C 207 0.14 -37.85 -1.11
N TYR C 208 0.10 -36.65 -0.52
CA TYR C 208 -1.11 -36.12 0.08
C TYR C 208 -1.22 -34.64 -0.20
N GLU C 209 -2.47 -34.15 -0.24
CA GLU C 209 -2.71 -32.75 -0.47
C GLU C 209 -2.65 -31.98 0.85
N GLN C 210 -2.27 -30.71 0.75
CA GLN C 210 -2.19 -29.82 1.89
C GLN C 210 -2.86 -28.50 1.46
N VAL C 211 -3.90 -28.10 2.19
CA VAL C 211 -4.68 -26.89 1.97
C VAL C 211 -4.59 -26.02 3.23
N ASP C 212 -4.21 -24.75 3.05
CA ASP C 212 -4.07 -23.76 4.13
C ASP C 212 -5.08 -22.62 3.94
N LEU C 213 -5.48 -21.98 5.07
CA LEU C 213 -6.39 -20.82 5.16
C LEU C 213 -6.19 -20.08 6.48
N THR C 224 9.43 -0.66 -2.49
CA THR C 224 10.05 -1.19 -1.24
C THR C 224 10.84 -0.10 -0.48
N VAL C 225 10.21 0.42 0.57
CA VAL C 225 10.70 1.52 1.42
C VAL C 225 10.62 1.08 2.88
N GLU C 226 11.48 1.64 3.72
CA GLU C 226 11.42 1.36 5.14
C GLU C 226 10.64 2.46 5.85
N HIS C 227 9.55 2.07 6.52
CA HIS C 227 8.70 2.98 7.28
C HIS C 227 9.02 2.80 8.74
N LEU C 228 9.58 3.84 9.36
CA LEU C 228 9.92 3.79 10.77
C LEU C 228 9.04 4.73 11.56
N ALA C 229 8.69 4.35 12.79
CA ALA C 229 7.88 5.16 13.71
C ALA C 229 8.69 5.40 14.99
N ILE C 230 9.03 6.66 15.26
CA ILE C 230 9.81 7.03 16.45
C ILE C 230 8.92 7.68 17.51
N LYS C 231 8.83 7.04 18.69
CA LYS C 231 8.10 7.60 19.83
C LYS C 231 9.00 8.71 20.37
N CYS C 232 8.53 9.94 20.30
CA CYS C 232 9.32 11.09 20.73
C CYS C 232 8.46 12.18 21.33
N HIS C 233 8.92 12.71 22.48
CA HIS C 233 8.28 13.83 23.16
C HIS C 233 8.60 15.07 22.29
N TRP C 234 7.58 15.93 22.03
CA TRP C 234 7.71 17.11 21.16
C TRP C 234 8.93 18.00 21.49
N THR C 235 9.34 18.04 22.76
CA THR C 235 10.49 18.85 23.20
C THR C 235 11.85 18.30 22.74
N GLN C 236 11.92 17.03 22.30
CA GLN C 236 13.16 16.37 21.86
C GLN C 236 13.25 16.16 20.35
N ARG C 237 12.12 16.29 19.66
CA ARG C 237 11.90 16.03 18.25
C ARG C 237 12.97 16.67 17.36
N ALA C 238 13.24 17.98 17.50
CA ALA C 238 14.26 18.64 16.66
C ALA C 238 15.68 18.05 16.82
N ALA C 239 16.04 17.60 18.04
CA ALA C 239 17.35 16.99 18.30
C ALA C 239 17.47 15.62 17.62
N VAL C 240 16.42 14.77 17.76
CA VAL C 240 16.35 13.44 17.15
C VAL C 240 16.28 13.60 15.61
N ILE C 241 15.58 14.65 15.10
CA ILE C 241 15.50 14.96 13.66
C ILE C 241 16.93 15.11 13.10
N GLY C 242 17.76 15.91 13.79
CA GLY C 242 19.16 16.13 13.45
C GLY C 242 19.95 14.84 13.44
N ASP C 243 19.65 13.92 14.39
CA ASP C 243 20.30 12.61 14.47
C ASP C 243 19.92 11.68 13.33
N VAL C 244 18.62 11.58 12.98
CA VAL C 244 18.19 10.68 11.91
C VAL C 244 18.67 11.14 10.53
N ILE C 245 18.79 12.46 10.31
CA ILE C 245 19.28 13.07 9.08
C ILE C 245 20.73 12.66 8.88
N ARG C 246 21.54 12.84 9.92
CA ARG C 246 22.95 12.48 9.99
C ARG C 246 23.16 11.00 9.61
N VAL C 247 22.24 10.13 10.04
CA VAL C 247 22.31 8.69 9.80
C VAL C 247 21.82 8.28 8.41
N TYR C 248 20.61 8.71 8.01
CA TYR C 248 20.01 8.22 6.78
C TYR C 248 20.27 9.04 5.53
N SER C 249 20.62 10.31 5.68
CA SER C 249 20.91 11.21 4.57
C SER C 249 22.41 11.59 4.54
N GLY C 250 22.88 12.17 5.64
CA GLY C 250 24.27 12.59 5.82
C GLY C 250 24.65 13.74 4.92
N HIS C 251 25.95 13.87 4.65
CA HIS C 251 26.47 14.92 3.76
C HIS C 251 26.14 14.48 2.33
N GLN C 252 25.84 15.46 1.44
CA GLN C 252 25.41 15.29 0.03
C GLN C 252 23.96 14.73 -0.10
N GLY C 253 23.32 14.53 1.04
CA GLY C 253 21.97 13.98 1.12
C GLY C 253 20.85 14.97 0.92
N ARG C 254 19.65 14.45 0.74
CA ARG C 254 18.40 15.18 0.55
C ARG C 254 17.35 14.65 1.51
N THR C 255 16.79 15.54 2.33
CA THR C 255 15.75 15.24 3.30
C THR C 255 14.63 16.24 3.16
N ILE C 256 13.39 15.74 3.13
CA ILE C 256 12.21 16.59 3.17
C ILE C 256 11.44 16.34 4.48
N ILE C 257 11.30 17.38 5.30
CA ILE C 257 10.51 17.31 6.54
C ILE C 257 9.12 17.91 6.24
N PHE C 258 8.03 17.19 6.64
CA PHE C 258 6.63 17.62 6.49
C PHE C 258 6.03 17.93 7.83
N CYS C 259 5.56 19.16 7.95
CA CYS C 259 4.92 19.73 9.13
C CYS C 259 3.44 19.98 8.83
N GLU C 260 2.61 20.11 9.86
CA GLU C 260 1.19 20.37 9.61
C GLU C 260 0.96 21.87 9.42
N THR C 261 1.45 22.68 10.40
CA THR C 261 1.34 24.13 10.42
C THR C 261 2.53 24.81 9.74
N LYS C 262 2.30 26.07 9.33
CA LYS C 262 3.22 27.00 8.68
C LYS C 262 4.15 27.57 9.74
N LYS C 263 3.68 27.58 11.00
CA LYS C 263 4.42 28.07 12.16
C LYS C 263 5.50 27.05 12.55
N GLU C 264 5.10 25.76 12.73
CA GLU C 264 5.97 24.63 13.10
C GLU C 264 7.12 24.49 12.10
N ALA C 265 6.79 24.53 10.79
CA ALA C 265 7.73 24.43 9.66
C ALA C 265 8.77 25.54 9.76
N GLN C 266 8.32 26.79 10.01
CA GLN C 266 9.20 27.95 10.16
C GLN C 266 10.08 27.78 11.41
N GLU C 267 9.47 27.41 12.56
CA GLU C 267 10.17 27.17 13.84
C GLU C 267 11.27 26.13 13.68
N LEU C 268 10.96 25.01 12.98
CA LEU C 268 11.85 23.88 12.75
C LEU C 268 13.01 24.20 11.80
N SER C 269 12.76 24.92 10.68
CA SER C 269 13.80 25.32 9.73
C SER C 269 14.80 26.30 10.35
N GLN C 270 14.42 26.94 11.47
CA GLN C 270 15.25 27.90 12.22
C GLN C 270 15.94 27.26 13.45
N ASN C 271 15.56 26.01 13.82
CA ASN C 271 16.14 25.27 14.95
C ASN C 271 17.62 24.95 14.70
N SER C 272 18.48 25.24 15.70
CA SER C 272 19.93 25.05 15.69
C SER C 272 20.42 23.69 15.17
N ALA C 273 19.64 22.62 15.40
CA ALA C 273 19.96 21.24 14.99
C ALA C 273 20.09 21.06 13.46
N ILE C 274 19.34 21.86 12.66
CA ILE C 274 19.31 21.77 11.19
C ILE C 274 19.37 23.14 10.45
N LYS C 275 19.33 24.28 11.20
CA LYS C 275 19.31 25.68 10.68
C LYS C 275 20.31 26.00 9.56
N GLN C 276 21.58 25.56 9.70
CA GLN C 276 22.66 25.85 8.74
C GLN C 276 22.40 25.23 7.33
N ASP C 277 21.72 24.05 7.25
CA ASP C 277 21.45 23.41 5.96
C ASP C 277 19.95 23.26 5.63
N ALA C 278 19.10 24.13 6.18
CA ALA C 278 17.66 24.07 5.93
C ALA C 278 17.07 25.30 5.26
N GLN C 279 15.98 25.07 4.54
CA GLN C 279 15.15 26.08 3.88
C GLN C 279 13.71 25.71 4.05
N SER C 280 12.92 26.69 4.48
CA SER C 280 11.48 26.58 4.71
C SER C 280 10.68 26.75 3.40
N LEU C 281 9.48 26.15 3.34
CA LEU C 281 8.58 26.24 2.20
C LEU C 281 7.13 26.08 2.66
N HIS C 282 6.37 27.20 2.64
CA HIS C 282 4.97 27.23 3.07
C HIS C 282 4.16 28.28 2.31
N GLY C 283 2.85 28.37 2.61
CA GLY C 283 1.91 29.31 2.00
C GLY C 283 2.27 30.78 2.16
N ASP C 284 2.96 31.13 3.27
CA ASP C 284 3.41 32.50 3.57
C ASP C 284 4.80 32.83 2.95
N ILE C 285 5.14 32.14 1.83
CA ILE C 285 6.36 32.29 1.05
C ILE C 285 5.97 32.65 -0.40
N PRO C 286 6.53 33.76 -0.96
CA PRO C 286 6.17 34.17 -2.33
C PRO C 286 6.53 33.15 -3.40
N GLN C 287 5.71 33.07 -4.47
CA GLN C 287 5.88 32.13 -5.60
C GLN C 287 7.28 32.16 -6.20
N LYS C 288 7.86 33.37 -6.37
CA LYS C 288 9.21 33.59 -6.92
C LYS C 288 10.30 33.02 -5.99
N GLN C 289 10.15 33.21 -4.65
CA GLN C 289 11.04 32.73 -3.59
C GLN C 289 10.96 31.21 -3.48
N ARG C 290 9.76 30.65 -3.71
CA ARG C 290 9.43 29.23 -3.69
C ARG C 290 10.13 28.49 -4.83
N GLU C 291 10.16 29.07 -6.04
CA GLU C 291 10.81 28.53 -7.24
C GLU C 291 12.31 28.36 -6.99
N ILE C 292 12.91 29.38 -6.35
CA ILE C 292 14.33 29.50 -5.98
C ILE C 292 14.75 28.38 -5.03
N THR C 293 13.99 28.18 -3.92
CA THR C 293 14.27 27.16 -2.90
C THR C 293 14.17 25.75 -3.54
N LEU C 294 13.21 25.53 -4.47
CA LEU C 294 13.11 24.25 -5.18
C LEU C 294 14.35 24.02 -6.06
N LYS C 295 14.83 25.07 -6.76
CA LYS C 295 16.04 25.00 -7.59
C LYS C 295 17.28 24.72 -6.69
N GLY C 296 17.31 25.37 -5.52
CA GLY C 296 18.36 25.22 -4.53
C GLY C 296 18.39 23.83 -3.94
N PHE C 297 17.21 23.22 -3.74
CA PHE C 297 17.10 21.88 -3.18
C PHE C 297 17.54 20.84 -4.19
N ARG C 298 17.19 21.04 -5.50
CA ARG C 298 17.56 20.20 -6.64
C ARG C 298 19.04 20.26 -6.88
N ASN C 299 19.59 21.48 -7.06
CA ASN C 299 21.02 21.69 -7.38
C ASN C 299 22.00 21.43 -6.20
N GLY C 300 21.49 21.18 -5.00
CA GLY C 300 22.37 20.89 -3.86
C GLY C 300 22.86 22.06 -3.05
N SER C 301 22.14 23.20 -3.08
CA SER C 301 22.47 24.39 -2.28
C SER C 301 22.30 24.10 -0.78
N PHE C 302 21.30 23.28 -0.42
CA PHE C 302 20.97 22.85 0.94
C PHE C 302 20.40 21.42 0.85
N GLY C 303 20.50 20.67 1.94
CA GLY C 303 20.06 19.28 1.96
C GLY C 303 18.77 19.00 2.67
N VAL C 304 18.23 19.99 3.40
CA VAL C 304 17.02 19.83 4.18
C VAL C 304 15.96 20.82 3.70
N LEU C 305 14.81 20.31 3.27
CA LEU C 305 13.68 21.14 2.88
C LEU C 305 12.54 20.93 3.88
N VAL C 306 12.18 22.00 4.60
CA VAL C 306 11.10 21.94 5.59
C VAL C 306 9.83 22.48 4.93
N ALA C 307 8.81 21.63 4.80
CA ALA C 307 7.57 21.95 4.11
C ALA C 307 6.31 21.59 4.90
N THR C 308 5.15 22.09 4.44
CA THR C 308 3.85 21.75 5.00
C THR C 308 3.26 20.77 3.99
N ASN C 309 2.56 19.75 4.47
CA ASN C 309 1.96 18.71 3.62
C ASN C 309 1.19 19.29 2.40
N VAL C 310 0.49 20.42 2.60
CA VAL C 310 -0.29 21.10 1.55
C VAL C 310 0.55 21.93 0.61
N ALA C 311 1.57 22.65 1.13
CA ALA C 311 2.46 23.50 0.32
C ALA C 311 3.30 22.72 -0.71
N ALA C 312 3.22 21.36 -0.68
CA ALA C 312 3.93 20.44 -1.57
C ALA C 312 3.01 19.58 -2.47
N ARG C 313 1.67 19.77 -2.33
CA ARG C 313 0.58 19.03 -3.01
C ARG C 313 0.69 18.86 -4.54
N GLY C 314 1.24 19.86 -5.24
CA GLY C 314 1.38 19.79 -6.69
C GLY C 314 2.79 20.04 -7.21
N LEU C 315 3.70 20.41 -6.30
CA LEU C 315 5.09 20.76 -6.57
C LEU C 315 5.96 19.59 -7.03
N ASP C 316 6.97 19.89 -7.87
CA ASP C 316 7.92 18.88 -8.33
C ASP C 316 9.07 18.83 -7.34
N ILE C 317 9.04 17.83 -6.46
CA ILE C 317 10.06 17.61 -5.44
C ILE C 317 10.98 16.52 -5.96
N PRO C 318 12.32 16.72 -5.92
CA PRO C 318 13.22 15.68 -6.43
C PRO C 318 13.25 14.44 -5.53
N GLU C 319 13.91 13.36 -6.02
CA GLU C 319 14.10 12.13 -5.25
C GLU C 319 14.86 12.47 -3.99
N VAL C 320 14.42 11.91 -2.88
CA VAL C 320 15.08 12.24 -1.62
C VAL C 320 15.64 10.97 -0.99
N ASP C 321 16.47 11.11 0.04
CA ASP C 321 17.01 9.96 0.72
C ASP C 321 16.12 9.67 1.89
N LEU C 322 15.56 10.73 2.49
CA LEU C 322 14.77 10.62 3.70
C LEU C 322 13.57 11.54 3.73
N VAL C 323 12.42 10.97 4.11
CA VAL C 323 11.18 11.71 4.35
C VAL C 323 10.89 11.70 5.85
N ILE C 324 10.59 12.87 6.42
CA ILE C 324 10.20 12.94 7.84
C ILE C 324 8.82 13.55 8.02
N GLN C 325 7.87 12.82 8.65
CA GLN C 325 6.55 13.36 9.04
C GLN C 325 6.68 13.72 10.50
N SER C 326 6.37 14.96 10.86
CA SER C 326 6.43 15.43 12.26
C SER C 326 5.45 14.69 13.17
N SER C 327 4.30 14.24 12.61
CA SER C 327 3.24 13.51 13.32
C SER C 327 2.56 12.60 12.33
N PRO C 328 1.77 11.54 12.76
CA PRO C 328 1.14 10.65 11.75
C PRO C 328 0.32 11.44 10.74
N PRO C 329 0.55 11.25 9.41
CA PRO C 329 -0.18 12.07 8.43
C PRO C 329 -1.69 11.85 8.37
N LYS C 330 -2.44 12.96 8.15
CA LYS C 330 -3.90 12.93 7.93
C LYS C 330 -4.08 12.54 6.44
N ASP C 331 -3.28 13.21 5.56
CA ASP C 331 -3.21 13.01 4.10
C ASP C 331 -2.27 11.81 3.79
N VAL C 332 -2.85 10.60 3.83
CA VAL C 332 -2.17 9.33 3.61
C VAL C 332 -1.72 9.21 2.14
N GLU C 333 -2.54 9.69 1.18
CA GLU C 333 -2.23 9.62 -0.26
C GLU C 333 -0.95 10.40 -0.60
N SER C 334 -0.76 11.56 0.05
CA SER C 334 0.42 12.43 -0.11
C SER C 334 1.66 11.74 0.48
N TYR C 335 1.47 11.00 1.62
CA TYR C 335 2.52 10.26 2.31
C TYR C 335 3.06 9.13 1.43
N ILE C 336 2.16 8.34 0.82
CA ILE C 336 2.51 7.20 -0.06
C ILE C 336 3.09 7.66 -1.38
N HIS C 337 2.59 8.79 -1.90
CA HIS C 337 3.12 9.33 -3.15
C HIS C 337 4.57 9.76 -2.95
N ARG C 338 4.84 10.57 -1.90
CA ARG C 338 6.17 11.07 -1.54
C ARG C 338 7.13 9.94 -1.17
N SER C 339 6.59 8.85 -0.55
CA SER C 339 7.31 7.65 -0.14
C SER C 339 7.91 6.91 -1.35
N GLY C 340 7.19 6.89 -2.47
CA GLY C 340 7.63 6.23 -3.70
C GLY C 340 8.77 6.95 -4.42
N ARG C 341 9.01 8.22 -4.04
CA ARG C 341 10.06 9.11 -4.56
C ARG C 341 11.24 9.23 -3.56
N THR C 342 11.46 8.20 -2.71
CA THR C 342 12.58 8.23 -1.77
C THR C 342 13.45 7.01 -1.99
N GLY C 343 14.76 7.23 -1.89
CA GLY C 343 15.80 6.24 -2.15
C GLY C 343 16.46 6.51 -3.49
N ARG C 344 17.69 7.02 -3.44
CA ARG C 344 18.51 7.36 -4.61
C ARG C 344 19.70 6.37 -4.74
N ALA C 345 20.23 6.21 -5.99
CA ALA C 345 21.39 5.38 -6.33
C ALA C 345 21.28 3.92 -5.83
N GLY C 346 20.06 3.39 -5.87
CA GLY C 346 19.77 2.02 -5.46
C GLY C 346 19.75 1.77 -3.97
N ARG C 347 19.83 2.83 -3.15
CA ARG C 347 19.75 2.70 -1.70
C ARG C 347 18.26 2.65 -1.35
N THR C 348 17.91 1.93 -0.28
CA THR C 348 16.54 1.82 0.21
C THR C 348 16.11 3.19 0.78
N GLY C 349 14.92 3.64 0.37
CA GLY C 349 14.33 4.89 0.83
C GLY C 349 13.86 4.76 2.26
N VAL C 350 13.97 5.83 3.03
CA VAL C 350 13.56 5.82 4.45
C VAL C 350 12.49 6.87 4.74
N CYS C 351 11.36 6.43 5.30
CA CYS C 351 10.29 7.31 5.75
C CYS C 351 10.17 7.22 7.22
N ILE C 352 10.41 8.33 7.88
CA ILE C 352 10.29 8.38 9.33
C ILE C 352 9.04 9.16 9.74
N CYS C 353 8.34 8.57 10.68
CA CYS C 353 7.17 9.16 11.28
C CYS C 353 7.36 9.37 12.78
N PHE C 354 7.31 10.62 13.24
CA PHE C 354 7.39 10.91 14.67
C PHE C 354 5.99 10.83 15.28
N TYR C 355 5.89 10.28 16.47
CA TYR C 355 4.61 10.17 17.16
C TYR C 355 4.78 10.29 18.68
N GLN C 356 3.68 10.69 19.34
CA GLN C 356 3.56 10.81 20.80
C GLN C 356 2.54 9.76 21.25
N HIS C 357 2.42 9.49 22.56
CA HIS C 357 1.47 8.49 23.06
C HIS C 357 0.01 8.76 22.62
N LYS C 358 -0.39 10.05 22.50
CA LYS C 358 -1.76 10.43 22.09
C LYS C 358 -2.03 10.11 20.60
N GLU C 359 -0.94 10.02 19.79
CA GLU C 359 -0.99 9.77 18.35
C GLU C 359 -0.81 8.27 18.02
N GLU C 360 -0.79 7.37 19.02
CA GLU C 360 -0.55 5.93 18.84
C GLU C 360 -1.61 5.18 17.98
N TYR C 361 -2.93 5.46 18.12
CA TYR C 361 -3.93 4.79 17.27
C TYR C 361 -3.94 5.38 15.85
N GLN C 362 -3.50 6.64 15.71
CA GLN C 362 -3.36 7.39 14.44
C GLN C 362 -2.38 6.67 13.53
N LEU C 363 -1.33 6.07 14.13
CA LEU C 363 -0.29 5.27 13.47
C LEU C 363 -0.90 4.03 12.83
N VAL C 364 -1.76 3.32 13.60
CA VAL C 364 -2.51 2.14 13.17
C VAL C 364 -3.47 2.54 11.99
N GLN C 365 -4.09 3.75 12.06
CA GLN C 365 -4.98 4.24 10.99
C GLN C 365 -4.19 4.45 9.70
N VAL C 366 -2.95 5.00 9.81
CA VAL C 366 -2.07 5.23 8.67
C VAL C 366 -1.67 3.86 8.10
N GLU C 367 -1.31 2.90 8.98
CA GLU C 367 -0.92 1.54 8.53
C GLU C 367 -2.02 0.86 7.73
N GLN C 368 -3.28 0.97 8.21
CA GLN C 368 -4.48 0.41 7.59
C GLN C 368 -4.84 1.06 6.26
N LYS C 369 -4.82 2.39 6.17
CA LYS C 369 -5.13 3.14 4.95
C LYS C 369 -4.10 2.93 3.84
N ALA C 370 -2.80 2.95 4.20
CA ALA C 370 -1.66 2.84 3.29
C ALA C 370 -1.20 1.42 2.97
N GLY C 371 -1.70 0.43 3.73
CA GLY C 371 -1.33 -0.98 3.56
C GLY C 371 0.14 -1.28 3.90
N ILE C 372 0.72 -0.48 4.82
CA ILE C 372 2.11 -0.53 5.29
C ILE C 372 2.17 -0.97 6.77
N LYS C 373 3.38 -1.35 7.22
CA LYS C 373 3.66 -1.69 8.61
C LYS C 373 4.90 -0.91 9.03
N PHE C 374 4.79 -0.15 10.14
CA PHE C 374 5.89 0.62 10.70
C PHE C 374 6.74 -0.22 11.63
N LYS C 375 8.04 0.08 11.66
CA LYS C 375 9.00 -0.50 12.60
C LYS C 375 8.98 0.49 13.77
N ARG C 376 8.53 0.04 14.95
CA ARG C 376 8.37 0.94 16.08
C ARG C 376 9.61 0.96 16.91
N ILE C 377 10.22 2.15 16.97
CA ILE C 377 11.45 2.43 17.70
C ILE C 377 11.30 3.75 18.54
N PHE D 2 -18.36 47.46 9.17
CA PHE D 2 -17.04 47.98 8.78
C PHE D 2 -16.07 48.07 9.96
N SER D 3 -16.44 47.54 11.13
CA SER D 3 -15.69 47.56 12.40
C SER D 3 -14.16 47.23 12.31
N ASN D 4 -13.79 46.29 11.42
CA ASN D 4 -12.41 45.82 11.21
C ASN D 4 -11.52 46.80 10.41
N PHE D 5 -12.15 47.83 9.82
CA PHE D 5 -11.45 48.78 8.97
C PHE D 5 -11.53 50.23 9.39
N PRO D 6 -10.42 50.98 9.23
CA PRO D 6 -10.42 52.41 9.57
C PRO D 6 -11.18 53.37 8.62
N ILE D 7 -12.49 53.15 8.44
CA ILE D 7 -13.35 54.02 7.63
C ILE D 7 -14.07 55.01 8.58
N SER D 8 -13.89 56.34 8.34
CA SER D 8 -14.50 57.46 9.08
C SER D 8 -16.03 57.43 9.03
N GLU D 9 -16.71 57.99 10.05
CA GLU D 9 -18.18 58.02 10.13
C GLU D 9 -18.84 58.78 8.98
N GLU D 10 -18.15 59.82 8.46
CA GLU D 10 -18.53 60.68 7.33
C GLU D 10 -18.64 59.84 6.05
N THR D 11 -17.58 59.01 5.79
CA THR D 11 -17.46 58.10 4.66
C THR D 11 -18.51 57.00 4.76
N ILE D 12 -18.72 56.45 5.99
CA ILE D 12 -19.74 55.42 6.29
C ILE D 12 -21.16 55.94 5.96
N LYS D 13 -21.45 57.23 6.26
CA LYS D 13 -22.76 57.82 5.98
C LYS D 13 -23.00 57.97 4.48
N LEU D 14 -21.95 58.43 3.73
CA LEU D 14 -22.01 58.57 2.27
C LEU D 14 -22.15 57.18 1.62
N LEU D 15 -21.44 56.17 2.17
CA LEU D 15 -21.48 54.78 1.70
C LEU D 15 -22.86 54.16 1.86
N LYS D 16 -23.56 54.46 2.98
CA LYS D 16 -24.94 54.01 3.24
C LYS D 16 -25.87 54.40 2.09
N GLY D 17 -25.69 55.61 1.58
CA GLY D 17 -26.44 56.15 0.45
C GLY D 17 -26.28 55.35 -0.83
N ARG D 18 -25.09 54.74 -1.03
CA ARG D 18 -24.80 53.90 -2.19
C ARG D 18 -25.18 52.42 -1.98
N GLY D 19 -25.77 52.12 -0.82
CA GLY D 19 -26.19 50.77 -0.45
C GLY D 19 -25.04 49.90 0.03
N VAL D 20 -23.93 50.54 0.49
CA VAL D 20 -22.72 49.89 1.01
C VAL D 20 -22.73 49.94 2.57
N THR D 21 -22.98 48.79 3.19
CA THR D 21 -23.04 48.64 4.65
C THR D 21 -21.94 47.72 5.19
N PHE D 22 -21.29 46.98 4.27
CA PHE D 22 -20.22 46.03 4.55
C PHE D 22 -19.35 45.91 3.29
N LEU D 23 -18.11 45.42 3.45
CA LEU D 23 -17.16 45.22 2.36
C LEU D 23 -17.30 43.84 1.72
N PHE D 24 -17.18 43.78 0.37
CA PHE D 24 -17.15 42.55 -0.43
C PHE D 24 -15.74 41.90 -0.25
N PRO D 25 -15.54 40.59 -0.53
CA PRO D 25 -14.21 39.98 -0.28
C PRO D 25 -13.00 40.69 -0.90
N ILE D 26 -13.08 41.16 -2.18
CA ILE D 26 -11.94 41.88 -2.82
C ILE D 26 -11.59 43.16 -2.05
N GLN D 27 -12.61 43.87 -1.56
CA GLN D 27 -12.48 45.11 -0.80
C GLN D 27 -11.71 44.90 0.49
N ALA D 28 -12.16 43.95 1.33
CA ALA D 28 -11.57 43.58 2.61
C ALA D 28 -10.18 42.95 2.53
N LYS D 29 -9.86 42.25 1.42
CA LYS D 29 -8.55 41.60 1.23
C LYS D 29 -7.48 42.56 0.78
N THR D 30 -7.88 43.67 0.14
CA THR D 30 -6.96 44.69 -0.37
C THR D 30 -6.88 45.96 0.48
N PHE D 31 -7.91 46.26 1.31
CA PHE D 31 -8.03 47.48 2.11
C PHE D 31 -6.72 47.93 2.77
N HIS D 32 -6.14 47.11 3.67
CA HIS D 32 -4.90 47.49 4.37
C HIS D 32 -3.70 47.60 3.45
N HIS D 33 -3.61 46.77 2.38
CA HIS D 33 -2.52 46.87 1.40
C HIS D 33 -2.58 48.21 0.71
N VAL D 34 -3.79 48.61 0.27
CA VAL D 34 -4.05 49.89 -0.40
C VAL D 34 -3.77 51.07 0.51
N TYR D 35 -4.37 51.06 1.74
CA TYR D 35 -4.18 52.13 2.74
C TYR D 35 -2.71 52.37 3.11
N SER D 36 -1.96 51.29 3.43
CA SER D 36 -0.56 51.35 3.85
C SER D 36 0.44 51.73 2.74
N GLY D 37 -0.04 51.92 1.51
CA GLY D 37 0.80 52.31 0.40
C GLY D 37 1.53 51.21 -0.34
N LYS D 38 1.11 49.94 -0.18
CA LYS D 38 1.71 48.81 -0.87
C LYS D 38 1.34 48.79 -2.36
N ASP D 39 2.25 48.23 -3.21
CA ASP D 39 1.98 48.08 -4.63
C ASP D 39 1.13 46.81 -4.74
N LEU D 40 0.18 46.79 -5.67
CA LEU D 40 -0.77 45.70 -5.72
C LEU D 40 -1.18 45.30 -7.13
N ILE D 41 -1.31 43.97 -7.34
CA ILE D 41 -1.83 43.35 -8.55
C ILE D 41 -3.06 42.54 -8.11
N ALA D 42 -4.24 42.96 -8.54
CA ALA D 42 -5.49 42.32 -8.15
C ALA D 42 -6.19 41.67 -9.36
N GLN D 43 -6.60 40.40 -9.20
CA GLN D 43 -7.32 39.62 -10.20
C GLN D 43 -8.72 39.41 -9.73
N ALA D 44 -9.70 40.02 -10.40
CA ALA D 44 -11.10 39.87 -10.00
C ALA D 44 -12.04 39.96 -11.18
N ARG D 45 -13.13 39.17 -11.14
CA ARG D 45 -14.18 39.13 -12.16
C ARG D 45 -15.08 40.36 -12.07
N THR D 46 -15.88 40.62 -13.12
CA THR D 46 -16.82 41.74 -13.14
C THR D 46 -17.86 41.60 -12.02
N GLY D 47 -18.33 42.74 -11.49
CA GLY D 47 -19.34 42.76 -10.44
C GLY D 47 -18.87 42.37 -9.05
N THR D 48 -17.54 42.13 -8.88
CA THR D 48 -16.98 41.78 -7.57
C THR D 48 -16.73 42.98 -6.67
N GLY D 49 -16.85 44.20 -7.23
CA GLY D 49 -16.61 45.44 -6.48
C GLY D 49 -15.16 45.86 -6.53
N LYS D 50 -14.58 45.90 -7.73
CA LYS D 50 -13.18 46.33 -7.91
C LYS D 50 -13.00 47.84 -7.65
N THR D 51 -13.97 48.69 -8.06
CA THR D 51 -13.87 50.16 -7.92
C THR D 51 -13.71 50.63 -6.45
N PHE D 52 -14.58 50.15 -5.55
CA PHE D 52 -14.52 50.55 -4.15
C PHE D 52 -13.33 49.96 -3.40
N SER D 53 -12.69 48.88 -3.95
CA SER D 53 -11.52 48.22 -3.36
C SER D 53 -10.28 49.10 -3.38
N PHE D 54 -10.30 50.16 -4.22
CA PHE D 54 -9.24 51.15 -4.32
C PHE D 54 -9.78 52.50 -3.88
N ALA D 55 -11.02 52.86 -4.29
CA ALA D 55 -11.65 54.14 -3.98
C ALA D 55 -11.81 54.41 -2.48
N ILE D 56 -12.46 53.50 -1.70
CA ILE D 56 -12.65 53.67 -0.26
C ILE D 56 -11.29 53.83 0.49
N PRO D 57 -10.33 52.85 0.52
CA PRO D 57 -9.06 53.12 1.24
C PRO D 57 -8.27 54.33 0.72
N LEU D 58 -8.27 54.62 -0.61
CA LEU D 58 -7.56 55.79 -1.15
C LEU D 58 -8.15 57.08 -0.65
N ILE D 59 -9.49 57.21 -0.61
CA ILE D 59 -10.17 58.40 -0.08
C ILE D 59 -9.89 58.56 1.40
N GLU D 60 -9.89 57.46 2.19
CA GLU D 60 -9.59 57.48 3.63
C GLU D 60 -8.18 57.99 3.95
N LYS D 61 -7.16 57.47 3.23
CA LYS D 61 -5.76 57.86 3.35
C LYS D 61 -5.61 59.35 2.99
N LEU D 62 -6.24 59.81 1.89
CA LEU D 62 -6.16 61.20 1.43
C LEU D 62 -6.85 62.17 2.37
N HIS D 63 -8.02 61.78 2.93
CA HIS D 63 -8.79 62.58 3.88
C HIS D 63 -8.01 62.83 5.18
N GLY D 64 -7.14 61.89 5.56
CA GLY D 64 -6.30 61.99 6.74
C GLY D 64 -5.10 62.91 6.59
N GLU D 65 -4.73 63.24 5.31
CA GLU D 65 -3.59 64.10 4.94
C GLU D 65 -4.05 65.41 4.25
N LEU D 66 -5.37 65.68 4.24
CA LEU D 66 -6.02 66.82 3.55
C LEU D 66 -5.43 68.18 3.94
N GLN D 67 -4.84 68.81 2.93
CA GLN D 67 -4.23 70.12 3.03
C GLN D 67 -5.07 71.15 2.29
N ASP D 68 -4.53 72.37 2.23
CA ASP D 68 -5.02 73.55 1.55
C ASP D 68 -5.48 73.26 0.12
N ARG D 69 -6.76 73.58 -0.20
CA ARG D 69 -7.30 73.43 -1.55
C ARG D 69 -6.78 74.65 -2.33
N LYS D 70 -5.53 74.51 -2.82
CA LYS D 70 -4.75 75.52 -3.53
C LYS D 70 -5.02 75.49 -5.04
N ARG D 71 -5.16 76.67 -5.65
CA ARG D 71 -5.47 76.75 -7.08
C ARG D 71 -4.34 76.19 -7.96
N GLY D 72 -4.74 75.56 -9.05
CA GLY D 72 -3.84 74.93 -10.02
C GLY D 72 -3.03 73.78 -9.49
N ARG D 73 -3.50 73.12 -8.40
CA ARG D 73 -2.79 71.98 -7.79
C ARG D 73 -2.80 70.77 -8.74
N ALA D 74 -1.69 70.02 -8.72
CA ALA D 74 -1.47 68.82 -9.52
C ALA D 74 -2.28 67.65 -8.91
N PRO D 75 -2.79 66.67 -9.71
CA PRO D 75 -3.52 65.55 -9.11
C PRO D 75 -2.62 64.67 -8.24
N GLN D 76 -3.21 64.09 -7.19
CA GLN D 76 -2.53 63.19 -6.26
C GLN D 76 -2.78 61.73 -6.66
N VAL D 77 -3.93 61.49 -7.32
CA VAL D 77 -4.41 60.19 -7.80
C VAL D 77 -4.67 60.23 -9.32
N LEU D 78 -4.16 59.20 -10.06
CA LEU D 78 -4.40 58.98 -11.49
C LEU D 78 -5.03 57.62 -11.70
N VAL D 79 -6.25 57.59 -12.23
CA VAL D 79 -6.95 56.36 -12.52
C VAL D 79 -7.10 56.29 -14.05
N LEU D 80 -6.43 55.29 -14.68
CA LEU D 80 -6.55 55.06 -16.11
C LEU D 80 -7.61 54.00 -16.35
N ALA D 81 -8.59 54.34 -17.19
CA ALA D 81 -9.71 53.45 -17.52
C ALA D 81 -9.80 53.32 -19.06
N PRO D 82 -10.22 52.16 -19.63
CA PRO D 82 -10.26 52.03 -21.11
C PRO D 82 -11.30 52.85 -21.87
N THR D 83 -12.46 53.17 -21.26
CA THR D 83 -13.52 53.89 -21.94
C THR D 83 -14.16 55.02 -21.12
N ARG D 84 -14.78 56.00 -21.84
CA ARG D 84 -15.53 57.16 -21.33
C ARG D 84 -16.59 56.72 -20.30
N GLU D 85 -17.41 55.70 -20.65
CA GLU D 85 -18.49 55.15 -19.82
C GLU D 85 -17.96 54.56 -18.50
N LEU D 86 -16.80 53.84 -18.57
CA LEU D 86 -16.07 53.23 -17.44
C LEU D 86 -15.47 54.31 -16.53
N ALA D 87 -14.76 55.33 -17.14
CA ALA D 87 -14.16 56.48 -16.48
C ALA D 87 -15.21 57.31 -15.70
N ASN D 88 -16.39 57.56 -16.31
CA ASN D 88 -17.50 58.27 -15.67
C ASN D 88 -18.05 57.54 -14.46
N GLN D 89 -18.06 56.19 -14.49
CA GLN D 89 -18.54 55.39 -13.36
C GLN D 89 -17.53 55.47 -12.20
N VAL D 90 -16.22 55.33 -12.48
CA VAL D 90 -15.16 55.42 -11.48
C VAL D 90 -15.19 56.81 -10.83
N SER D 91 -15.33 57.88 -11.66
CA SER D 91 -15.45 59.28 -11.20
C SER D 91 -16.60 59.47 -10.25
N LYS D 92 -17.82 59.02 -10.65
CA LYS D 92 -19.06 59.10 -9.88
C LYS D 92 -18.89 58.40 -8.53
N ASP D 93 -18.28 57.18 -8.54
CA ASP D 93 -18.02 56.38 -7.35
C ASP D 93 -17.11 57.13 -6.36
N PHE D 94 -16.06 57.83 -6.87
CA PHE D 94 -15.20 58.67 -6.04
C PHE D 94 -15.99 59.88 -5.52
N SER D 95 -16.67 60.63 -6.40
CA SER D 95 -17.48 61.81 -6.09
C SER D 95 -18.59 61.57 -5.04
N ASP D 96 -19.17 60.36 -5.04
CA ASP D 96 -20.25 60.00 -4.13
C ASP D 96 -19.79 59.73 -2.70
N ILE D 97 -18.48 59.47 -2.49
CA ILE D 97 -17.96 59.15 -1.15
C ILE D 97 -16.92 60.18 -0.62
N THR D 98 -16.65 61.23 -1.41
CA THR D 98 -15.79 62.35 -0.99
C THR D 98 -16.44 63.69 -1.37
N LYS D 99 -16.60 64.57 -0.37
CA LYS D 99 -17.14 65.93 -0.56
C LYS D 99 -16.04 66.99 -0.32
N LYS D 100 -14.79 66.52 -0.07
CA LYS D 100 -13.62 67.35 0.24
C LYS D 100 -12.62 67.39 -0.91
N LEU D 101 -12.55 66.31 -1.71
CA LEU D 101 -11.60 66.16 -2.82
C LEU D 101 -12.19 66.54 -4.20
N SER D 102 -11.36 67.18 -5.04
CA SER D 102 -11.74 67.61 -6.39
C SER D 102 -11.52 66.42 -7.36
N VAL D 103 -12.62 65.91 -7.95
CA VAL D 103 -12.64 64.76 -8.86
C VAL D 103 -12.85 65.21 -10.33
N ALA D 104 -11.85 64.97 -11.20
CA ALA D 104 -11.92 65.29 -12.63
C ALA D 104 -11.98 64.04 -13.50
N CYS D 105 -12.80 64.08 -14.56
CA CYS D 105 -12.93 63.00 -15.54
C CYS D 105 -12.54 63.48 -16.94
N PHE D 106 -11.37 63.03 -17.43
CA PHE D 106 -10.84 63.42 -18.75
C PHE D 106 -10.85 62.30 -19.79
N TYR D 107 -11.88 62.28 -20.64
CA TYR D 107 -11.96 61.33 -21.75
C TYR D 107 -11.80 62.07 -23.09
N GLY D 108 -11.57 61.32 -24.15
CA GLY D 108 -11.40 61.85 -25.50
C GLY D 108 -12.72 62.06 -26.21
N GLY D 109 -12.69 62.90 -27.25
CA GLY D 109 -13.86 63.25 -28.06
C GLY D 109 -14.84 64.13 -27.33
N THR D 110 -14.29 65.15 -26.65
CA THR D 110 -14.98 66.15 -25.86
C THR D 110 -14.10 67.44 -25.84
N PRO D 111 -14.67 68.67 -25.73
CA PRO D 111 -13.83 69.87 -25.77
C PRO D 111 -12.77 69.97 -24.66
N TYR D 112 -11.57 70.43 -25.07
CA TYR D 112 -10.40 70.62 -24.22
C TYR D 112 -10.59 71.72 -23.16
N GLY D 113 -11.39 72.73 -23.50
CA GLY D 113 -11.71 73.91 -22.69
C GLY D 113 -12.13 73.61 -21.26
N GLY D 114 -13.17 72.79 -21.12
CA GLY D 114 -13.70 72.36 -19.82
C GLY D 114 -12.68 71.65 -18.94
N GLN D 115 -11.75 70.91 -19.60
CA GLN D 115 -10.66 70.17 -18.98
C GLN D 115 -9.51 71.09 -18.55
N PHE D 116 -9.17 72.09 -19.40
CA PHE D 116 -8.13 73.10 -19.11
C PHE D 116 -8.54 73.94 -17.91
N GLU D 117 -9.86 74.23 -17.81
CA GLU D 117 -10.49 74.98 -16.72
C GLU D 117 -10.31 74.21 -15.40
N ARG D 118 -10.69 72.90 -15.37
CA ARG D 118 -10.53 72.03 -14.20
C ARG D 118 -9.06 71.97 -13.80
N MET D 119 -8.13 71.88 -14.77
CA MET D 119 -6.69 71.83 -14.50
C MET D 119 -6.17 73.12 -13.86
N ARG D 120 -6.74 74.28 -14.27
CA ARG D 120 -6.41 75.60 -13.74
C ARG D 120 -6.90 75.74 -12.31
N ASN D 121 -8.13 75.27 -12.02
CA ASN D 121 -8.74 75.32 -10.69
C ASN D 121 -8.05 74.41 -9.68
N GLY D 122 -7.46 73.31 -10.16
CA GLY D 122 -6.79 72.32 -9.32
C GLY D 122 -7.53 71.01 -9.22
N ILE D 123 -6.79 69.89 -9.34
CA ILE D 123 -7.33 68.54 -9.30
C ILE D 123 -6.72 67.75 -8.16
N ASP D 124 -7.56 66.95 -7.50
CA ASP D 124 -7.10 66.05 -6.45
C ASP D 124 -7.03 64.62 -7.01
N ILE D 125 -8.16 64.15 -7.61
CA ILE D 125 -8.28 62.82 -8.22
C ILE D 125 -8.63 62.96 -9.69
N LEU D 126 -7.78 62.42 -10.57
CA LEU D 126 -7.96 62.45 -12.02
C LEU D 126 -8.20 61.05 -12.59
N VAL D 127 -9.35 60.89 -13.25
CA VAL D 127 -9.81 59.66 -13.91
C VAL D 127 -9.87 60.00 -15.39
N GLY D 128 -9.20 59.21 -16.22
CA GLY D 128 -9.18 59.43 -17.65
C GLY D 128 -8.71 58.28 -18.50
N THR D 129 -9.09 58.32 -19.78
CA THR D 129 -8.74 57.37 -20.85
C THR D 129 -7.31 57.72 -21.29
N PRO D 130 -6.42 56.72 -21.58
CA PRO D 130 -5.03 57.04 -21.96
C PRO D 130 -4.83 58.09 -23.07
N GLY D 131 -5.72 58.09 -24.07
CA GLY D 131 -5.72 59.04 -25.19
C GLY D 131 -5.69 60.50 -24.76
N ARG D 132 -6.74 60.96 -24.07
CA ARG D 132 -6.82 62.34 -23.57
C ARG D 132 -5.78 62.65 -22.49
N ILE D 133 -5.35 61.65 -21.67
CA ILE D 133 -4.30 61.84 -20.64
C ILE D 133 -2.95 62.15 -21.31
N LYS D 134 -2.62 61.47 -22.43
CA LYS D 134 -1.38 61.68 -23.19
C LYS D 134 -1.31 63.08 -23.82
N ASP D 135 -2.44 63.60 -24.35
CA ASP D 135 -2.51 64.94 -24.97
C ASP D 135 -2.12 66.05 -23.99
N HIS D 136 -2.70 66.03 -22.76
CA HIS D 136 -2.46 67.02 -21.72
C HIS D 136 -1.03 66.92 -21.16
N ILE D 137 -0.30 65.82 -21.49
CA ILE D 137 1.11 65.62 -21.13
C ILE D 137 1.98 66.44 -22.08
N GLN D 138 1.66 66.44 -23.41
CA GLN D 138 2.41 67.22 -24.40
C GLN D 138 2.14 68.72 -24.29
N ASN D 139 0.84 69.14 -24.22
CA ASN D 139 0.51 70.56 -24.08
C ASN D 139 0.89 71.16 -22.69
N GLY D 140 1.64 70.40 -21.89
CA GLY D 140 2.19 70.77 -20.59
C GLY D 140 1.25 71.24 -19.48
N LYS D 141 -0.07 71.26 -19.75
CA LYS D 141 -1.05 71.71 -18.77
C LYS D 141 -1.31 70.67 -17.64
N LEU D 142 -0.94 69.39 -17.85
CA LEU D 142 -1.10 68.33 -16.85
C LEU D 142 0.23 68.02 -16.15
N ASP D 143 0.24 68.13 -14.80
CA ASP D 143 1.41 67.84 -13.97
C ASP D 143 1.23 66.48 -13.24
N LEU D 144 1.87 65.43 -13.82
CA LEU D 144 1.80 64.07 -13.29
C LEU D 144 3.07 63.64 -12.59
N THR D 145 3.89 64.60 -12.17
CA THR D 145 5.15 64.32 -11.45
C THR D 145 4.95 64.42 -9.92
N LYS D 146 3.74 64.84 -9.50
CA LYS D 146 3.37 65.02 -8.10
C LYS D 146 2.37 63.96 -7.59
N LEU D 147 2.16 62.90 -8.39
CA LEU D 147 1.27 61.79 -8.08
C LEU D 147 1.75 60.97 -6.90
N LYS D 148 0.80 60.51 -6.08
CA LYS D 148 1.06 59.65 -4.93
C LYS D 148 0.47 58.27 -5.18
N HIS D 149 -0.54 58.18 -6.09
CA HIS D 149 -1.25 56.94 -6.41
C HIS D 149 -1.61 56.82 -7.88
N VAL D 150 -1.37 55.62 -8.45
CA VAL D 150 -1.71 55.26 -9.83
C VAL D 150 -2.54 53.95 -9.82
N VAL D 151 -3.75 54.02 -10.40
CA VAL D 151 -4.67 52.89 -10.57
C VAL D 151 -4.82 52.61 -12.07
N LEU D 152 -4.47 51.37 -12.49
CA LEU D 152 -4.66 50.92 -13.87
C LEU D 152 -5.88 50.00 -13.80
N ASP D 153 -7.06 50.54 -14.09
CA ASP D 153 -8.32 49.83 -14.00
C ASP D 153 -8.66 49.18 -15.33
N GLU D 154 -9.14 47.91 -15.30
CA GLU D 154 -9.52 47.07 -16.45
C GLU D 154 -8.38 46.98 -17.46
N VAL D 155 -7.21 46.56 -16.99
CA VAL D 155 -5.98 46.44 -17.77
C VAL D 155 -6.16 45.59 -19.05
N ASP D 156 -6.86 44.45 -18.93
CA ASP D 156 -7.13 43.53 -20.04
C ASP D 156 -7.82 44.19 -21.22
N GLN D 157 -8.87 44.97 -20.95
CA GLN D 157 -9.63 45.73 -21.95
C GLN D 157 -8.73 46.79 -22.63
N MET D 158 -7.89 47.50 -21.87
CA MET D 158 -6.95 48.51 -22.36
C MET D 158 -5.92 47.91 -23.32
N LEU D 159 -5.48 46.68 -23.06
CA LEU D 159 -4.53 46.00 -23.92
C LEU D 159 -5.21 45.50 -25.20
N ASP D 160 -6.47 44.99 -25.07
CA ASP D 160 -7.29 44.51 -26.18
C ASP D 160 -7.68 45.64 -27.14
N MET D 161 -7.63 46.90 -26.65
CA MET D 161 -7.98 48.13 -27.38
C MET D 161 -6.76 48.85 -27.99
N GLY D 162 -5.57 48.29 -27.74
CA GLY D 162 -4.29 48.79 -28.23
C GLY D 162 -3.69 49.95 -27.46
N PHE D 163 -4.05 50.14 -26.17
CA PHE D 163 -3.54 51.26 -25.37
C PHE D 163 -2.24 50.94 -24.62
N ALA D 164 -1.63 49.78 -24.83
CA ALA D 164 -0.42 49.37 -24.12
C ALA D 164 0.69 50.42 -24.16
N ASP D 165 1.02 50.91 -25.37
CA ASP D 165 2.09 51.87 -25.58
C ASP D 165 1.75 53.26 -25.03
N GLN D 166 0.44 53.64 -25.05
CA GLN D 166 -0.06 54.91 -24.50
C GLN D 166 0.08 54.94 -22.96
N VAL D 167 -0.19 53.80 -22.31
CA VAL D 167 -0.12 53.60 -20.86
C VAL D 167 1.35 53.63 -20.44
N GLU D 168 2.28 52.99 -21.22
CA GLU D 168 3.73 52.99 -20.95
C GLU D 168 4.32 54.40 -21.01
N GLU D 169 3.81 55.22 -21.94
CA GLU D 169 4.23 56.61 -22.13
C GLU D 169 3.82 57.46 -20.93
N ILE D 170 2.56 57.27 -20.44
CA ILE D 170 2.07 57.97 -19.25
C ILE D 170 2.89 57.54 -18.02
N LEU D 171 3.14 56.21 -17.86
CA LEU D 171 3.94 55.66 -16.76
C LEU D 171 5.37 56.15 -16.79
N SER D 172 5.94 56.39 -17.99
CA SER D 172 7.32 56.89 -18.16
C SER D 172 7.48 58.32 -17.67
N VAL D 173 6.39 59.09 -17.67
CA VAL D 173 6.33 60.47 -17.18
C VAL D 173 6.24 60.51 -15.62
N ALA D 174 5.30 59.72 -15.04
CA ALA D 174 5.05 59.63 -13.60
C ALA D 174 6.04 58.81 -12.80
N TYR D 175 6.85 57.95 -13.46
CA TYR D 175 7.80 57.05 -12.77
C TYR D 175 9.24 57.22 -13.23
N LYS D 176 10.20 56.92 -12.35
CA LYS D 176 11.62 56.93 -12.67
C LYS D 176 12.24 55.77 -11.92
N LYS D 177 12.92 54.84 -12.65
CA LYS D 177 13.52 53.61 -12.14
C LYS D 177 14.28 53.74 -10.81
N ASP D 178 14.06 52.76 -9.90
CA ASP D 178 14.63 52.57 -8.55
C ASP D 178 14.28 53.70 -7.53
N SER D 179 13.51 54.72 -7.97
CA SER D 179 13.09 55.83 -7.12
C SER D 179 12.10 55.37 -6.04
N GLU D 180 12.37 55.78 -4.78
CA GLU D 180 11.55 55.45 -3.60
C GLU D 180 10.38 56.44 -3.51
N ASP D 181 10.41 57.45 -4.40
CA ASP D 181 9.47 58.56 -4.51
C ASP D 181 8.35 58.30 -5.55
N ASN D 182 8.41 57.12 -6.24
CA ASN D 182 7.42 56.72 -7.24
C ASN D 182 6.04 56.48 -6.63
N PRO D 183 4.93 56.74 -7.39
CA PRO D 183 3.60 56.54 -6.81
C PRO D 183 3.29 55.08 -6.45
N GLN D 184 2.28 54.89 -5.60
CA GLN D 184 1.76 53.58 -5.21
C GLN D 184 1.02 53.07 -6.48
N THR D 185 1.29 51.83 -6.92
CA THR D 185 0.65 51.26 -8.11
C THR D 185 -0.36 50.17 -7.79
N LEU D 186 -1.60 50.37 -8.25
CA LEU D 186 -2.68 49.40 -8.09
C LEU D 186 -3.09 48.98 -9.48
N LEU D 187 -2.73 47.76 -9.86
CA LEU D 187 -2.99 47.18 -11.17
C LEU D 187 -4.18 46.18 -11.09
N PHE D 188 -5.19 46.35 -11.95
CA PHE D 188 -6.38 45.50 -11.99
C PHE D 188 -6.52 44.74 -13.31
N SER D 189 -5.97 43.51 -13.32
CA SER D 189 -5.96 42.62 -14.48
C SER D 189 -6.64 41.32 -14.12
N ALA D 190 -7.70 40.98 -14.85
CA ALA D 190 -8.48 39.76 -14.62
C ALA D 190 -7.74 38.46 -15.00
N THR D 191 -6.90 38.51 -16.06
CA THR D 191 -6.20 37.34 -16.59
C THR D 191 -4.68 37.35 -16.42
N CYS D 192 -4.12 38.52 -16.03
CA CYS D 192 -2.68 38.72 -15.83
C CYS D 192 -1.80 38.26 -17.01
N PRO D 193 -1.90 38.92 -18.20
CA PRO D 193 -1.00 38.54 -19.32
C PRO D 193 0.45 38.93 -19.04
N HIS D 194 1.37 38.62 -19.97
CA HIS D 194 2.80 38.92 -19.82
C HIS D 194 3.09 40.40 -19.61
N TRP D 195 2.30 41.29 -20.26
CA TRP D 195 2.43 42.76 -20.14
C TRP D 195 2.34 43.25 -18.68
N VAL D 196 1.49 42.61 -17.87
CA VAL D 196 1.27 42.91 -16.46
C VAL D 196 2.52 42.66 -15.63
N PHE D 197 3.23 41.55 -15.89
CA PHE D 197 4.43 41.21 -15.13
C PHE D 197 5.67 41.97 -15.61
N ASN D 198 5.63 42.54 -16.85
CA ASN D 198 6.71 43.37 -17.39
C ASN D 198 6.59 44.78 -16.80
N VAL D 199 5.35 45.28 -16.67
CA VAL D 199 5.02 46.58 -16.07
C VAL D 199 5.40 46.55 -14.57
N ALA D 200 5.13 45.41 -13.90
CA ALA D 200 5.45 45.18 -12.50
C ALA D 200 6.97 45.20 -12.24
N LYS D 201 7.77 44.72 -13.21
CA LYS D 201 9.23 44.70 -13.11
C LYS D 201 9.83 46.09 -13.38
N LYS D 202 9.32 46.78 -14.42
CA LYS D 202 9.79 48.08 -14.86
C LYS D 202 9.37 49.26 -13.98
N TYR D 203 8.09 49.32 -13.57
CA TYR D 203 7.55 50.48 -12.84
C TYR D 203 7.18 50.26 -11.37
N MET D 204 6.78 49.03 -11.00
CA MET D 204 6.38 48.73 -9.62
C MET D 204 7.54 48.42 -8.68
N LYS D 205 7.27 48.51 -7.36
CA LYS D 205 8.20 48.23 -6.27
C LYS D 205 8.68 46.78 -6.37
N SER D 206 9.88 46.49 -5.81
CA SER D 206 10.50 45.15 -5.75
C SER D 206 9.50 44.13 -5.16
N THR D 207 8.89 44.50 -4.03
CA THR D 207 7.90 43.72 -3.31
C THR D 207 6.51 44.33 -3.56
N TYR D 208 5.58 43.49 -3.99
CA TYR D 208 4.20 43.93 -4.24
C TYR D 208 3.24 42.83 -3.82
N GLU D 209 2.02 43.23 -3.49
CA GLU D 209 1.00 42.28 -3.09
C GLU D 209 0.26 41.75 -4.31
N GLN D 210 -0.26 40.54 -4.19
CA GLN D 210 -1.01 39.88 -5.24
C GLN D 210 -2.23 39.23 -4.59
N VAL D 211 -3.42 39.65 -5.03
CA VAL D 211 -4.72 39.19 -4.53
C VAL D 211 -5.49 38.57 -5.69
N ASP D 212 -5.96 37.33 -5.48
CA ASP D 212 -6.69 36.54 -6.48
C ASP D 212 -8.11 36.27 -5.99
N LEU D 213 -9.04 36.09 -6.98
CA LEU D 213 -10.46 35.77 -6.80
C LEU D 213 -11.05 35.15 -8.07
N THR D 224 -8.63 9.39 -0.92
CA THR D 224 -9.19 9.91 -2.17
C THR D 224 -9.62 8.76 -3.09
N VAL D 225 -10.65 8.99 -3.94
CA VAL D 225 -11.26 7.98 -4.80
C VAL D 225 -11.34 8.48 -6.25
N GLU D 226 -11.25 7.57 -7.20
CA GLU D 226 -11.41 7.92 -8.60
C GLU D 226 -12.85 7.65 -9.03
N HIS D 227 -13.54 8.69 -9.49
CA HIS D 227 -14.92 8.59 -9.98
C HIS D 227 -14.89 8.62 -11.49
N LEU D 228 -15.32 7.53 -12.11
CA LEU D 228 -15.34 7.44 -13.56
C LEU D 228 -16.75 7.35 -14.07
N ALA D 229 -17.02 7.98 -15.22
CA ALA D 229 -18.33 7.93 -15.87
C ALA D 229 -18.18 7.34 -17.27
N ILE D 230 -18.82 6.17 -17.50
CA ILE D 230 -18.74 5.48 -18.79
C ILE D 230 -20.04 5.62 -19.57
N LYS D 231 -19.96 6.27 -20.77
CA LYS D 231 -21.09 6.39 -21.68
C LYS D 231 -21.26 5.04 -22.30
N CYS D 232 -22.40 4.39 -22.04
CA CYS D 232 -22.65 3.04 -22.54
C CYS D 232 -24.13 2.82 -22.87
N HIS D 233 -24.39 2.19 -24.02
CA HIS D 233 -25.74 1.80 -24.42
C HIS D 233 -26.12 0.60 -23.54
N TRP D 234 -27.37 0.57 -22.99
CA TRP D 234 -27.84 -0.49 -22.06
C TRP D 234 -27.58 -1.92 -22.55
N THR D 235 -27.57 -2.13 -23.88
CA THR D 235 -27.33 -3.44 -24.47
C THR D 235 -25.86 -3.91 -24.38
N GLN D 236 -24.92 -3.00 -24.08
CA GLN D 236 -23.48 -3.31 -23.96
C GLN D 236 -22.95 -3.32 -22.52
N ARG D 237 -23.74 -2.73 -21.59
CA ARG D 237 -23.44 -2.52 -20.19
C ARG D 237 -22.87 -3.75 -19.48
N ALA D 238 -23.55 -4.90 -19.56
CA ALA D 238 -23.06 -6.12 -18.91
C ALA D 238 -21.67 -6.59 -19.41
N ALA D 239 -21.37 -6.41 -20.71
CA ALA D 239 -20.07 -6.77 -21.28
C ALA D 239 -18.96 -5.83 -20.77
N VAL D 240 -19.21 -4.51 -20.76
CA VAL D 240 -18.29 -3.49 -20.26
C VAL D 240 -18.09 -3.66 -18.73
N ILE D 241 -19.16 -4.06 -18.01
CA ILE D 241 -19.09 -4.34 -16.57
C ILE D 241 -18.03 -5.43 -16.32
N GLY D 242 -18.10 -6.53 -17.09
CA GLY D 242 -17.14 -7.62 -17.05
C GLY D 242 -15.73 -7.15 -17.32
N ASP D 243 -15.56 -6.20 -18.26
CA ASP D 243 -14.26 -5.62 -18.58
C ASP D 243 -13.67 -4.75 -17.49
N VAL D 244 -14.49 -3.87 -16.87
CA VAL D 244 -13.96 -2.98 -15.83
C VAL D 244 -13.59 -3.75 -14.54
N ILE D 245 -14.34 -4.86 -14.23
CA ILE D 245 -14.11 -5.73 -13.08
C ILE D 245 -12.73 -6.38 -13.24
N ARG D 246 -12.48 -6.95 -14.43
CA ARG D 246 -11.23 -7.58 -14.82
C ARG D 246 -10.04 -6.63 -14.63
N VAL D 247 -10.25 -5.34 -14.93
CA VAL D 247 -9.22 -4.30 -14.83
C VAL D 247 -9.01 -3.78 -13.41
N TYR D 248 -10.07 -3.35 -12.72
CA TYR D 248 -9.91 -2.69 -11.42
C TYR D 248 -9.99 -3.57 -10.18
N SER D 249 -10.58 -4.76 -10.29
CA SER D 249 -10.76 -5.68 -9.20
C SER D 249 -9.86 -6.91 -9.45
N GLY D 250 -10.15 -7.61 -10.56
CA GLY D 250 -9.42 -8.80 -10.99
C GLY D 250 -9.55 -9.97 -10.06
N HIS D 251 -8.44 -10.74 -9.93
CA HIS D 251 -8.35 -11.92 -9.07
C HIS D 251 -8.31 -11.52 -7.60
N GLN D 252 -9.05 -12.28 -6.75
CA GLN D 252 -9.20 -12.09 -5.29
C GLN D 252 -9.83 -10.72 -4.93
N GLY D 253 -10.39 -10.06 -5.94
CA GLY D 253 -11.02 -8.76 -5.79
C GLY D 253 -12.44 -8.81 -5.27
N ARG D 254 -12.96 -7.63 -4.87
CA ARG D 254 -14.32 -7.40 -4.37
C ARG D 254 -14.96 -6.25 -5.14
N THR D 255 -16.11 -6.51 -5.75
CA THR D 255 -16.88 -5.53 -6.53
C THR D 255 -18.31 -5.57 -6.09
N ILE D 256 -18.90 -4.39 -5.83
CA ILE D 256 -20.32 -4.26 -5.53
C ILE D 256 -21.01 -3.48 -6.67
N ILE D 257 -21.96 -4.10 -7.35
CA ILE D 257 -22.75 -3.44 -8.40
C ILE D 257 -24.11 -3.02 -7.78
N PHE D 258 -24.51 -1.76 -8.00
CA PHE D 258 -25.77 -1.19 -7.52
C PHE D 258 -26.72 -0.92 -8.68
N CYS D 259 -27.96 -1.42 -8.55
CA CYS D 259 -29.03 -1.25 -9.54
C CYS D 259 -30.23 -0.52 -8.92
N GLU D 260 -31.19 -0.07 -9.76
CA GLU D 260 -32.37 0.61 -9.23
C GLU D 260 -33.42 -0.42 -8.84
N THR D 261 -33.75 -1.33 -9.78
CA THR D 261 -34.77 -2.36 -9.60
C THR D 261 -34.23 -3.75 -9.24
N LYS D 262 -35.11 -4.59 -8.60
CA LYS D 262 -34.84 -5.98 -8.21
C LYS D 262 -34.76 -6.82 -9.50
N LYS D 263 -35.48 -6.37 -10.55
CA LYS D 263 -35.56 -6.99 -11.88
C LYS D 263 -34.18 -6.95 -12.53
N GLU D 264 -33.57 -5.74 -12.59
CA GLU D 264 -32.25 -5.46 -13.15
C GLU D 264 -31.13 -6.18 -12.37
N ALA D 265 -31.19 -6.13 -11.02
CA ALA D 265 -30.25 -6.79 -10.11
C ALA D 265 -30.22 -8.29 -10.38
N GLN D 266 -31.39 -8.89 -10.62
CA GLN D 266 -31.52 -10.32 -10.88
C GLN D 266 -30.97 -10.70 -12.25
N GLU D 267 -31.39 -10.00 -13.32
CA GLU D 267 -30.94 -10.32 -14.67
C GLU D 267 -29.45 -10.01 -14.91
N LEU D 268 -28.85 -9.07 -14.14
CA LEU D 268 -27.42 -8.78 -14.24
C LEU D 268 -26.57 -9.86 -13.55
N SER D 269 -27.01 -10.34 -12.38
CA SER D 269 -26.31 -11.39 -11.63
C SER D 269 -26.30 -12.72 -12.42
N GLN D 270 -27.30 -12.90 -13.31
CA GLN D 270 -27.47 -14.08 -14.17
C GLN D 270 -26.78 -13.94 -15.54
N ASN D 271 -26.31 -12.73 -15.90
CA ASN D 271 -25.61 -12.47 -17.17
C ASN D 271 -24.27 -13.21 -17.25
N SER D 272 -24.04 -13.92 -18.37
CA SER D 272 -22.84 -14.72 -18.67
C SER D 272 -21.49 -14.04 -18.38
N ALA D 273 -21.42 -12.69 -18.53
CA ALA D 273 -20.21 -11.89 -18.31
C ALA D 273 -19.67 -11.95 -16.87
N ILE D 274 -20.57 -12.13 -15.87
CA ILE D 274 -20.23 -12.15 -14.44
C ILE D 274 -20.92 -13.28 -13.62
N LYS D 275 -21.88 -14.06 -14.23
CA LYS D 275 -22.68 -15.14 -13.61
C LYS D 275 -21.89 -16.10 -12.69
N GLN D 276 -20.61 -16.39 -13.04
CA GLN D 276 -19.69 -17.29 -12.30
C GLN D 276 -19.25 -16.77 -10.89
N ASP D 277 -18.90 -15.47 -10.76
CA ASP D 277 -18.48 -14.89 -9.48
C ASP D 277 -19.57 -14.02 -8.84
N ALA D 278 -20.82 -14.11 -9.31
CA ALA D 278 -21.84 -13.21 -8.77
C ALA D 278 -22.93 -13.85 -7.91
N GLN D 279 -23.50 -13.03 -7.03
CA GLN D 279 -24.62 -13.30 -6.15
C GLN D 279 -25.44 -12.03 -6.06
N SER D 280 -26.76 -12.20 -6.19
CA SER D 280 -27.76 -11.14 -6.14
C SER D 280 -28.20 -10.91 -4.69
N LEU D 281 -28.49 -9.65 -4.34
CA LEU D 281 -28.97 -9.23 -3.03
C LEU D 281 -29.97 -8.07 -3.19
N HIS D 282 -31.26 -8.38 -3.05
CA HIS D 282 -32.35 -7.41 -3.20
C HIS D 282 -33.46 -7.57 -2.13
N GLY D 283 -34.56 -6.82 -2.30
CA GLY D 283 -35.71 -6.83 -1.40
C GLY D 283 -36.45 -8.15 -1.34
N ASP D 284 -36.45 -8.92 -2.46
CA ASP D 284 -37.10 -10.23 -2.59
C ASP D 284 -36.17 -11.40 -2.17
N ILE D 285 -35.23 -11.11 -1.24
CA ILE D 285 -34.28 -12.04 -0.64
C ILE D 285 -34.46 -12.00 0.90
N PRO D 286 -34.69 -13.17 1.56
CA PRO D 286 -34.90 -13.20 3.01
C PRO D 286 -33.67 -12.79 3.84
N GLN D 287 -33.92 -12.39 5.11
CA GLN D 287 -32.92 -11.96 6.10
C GLN D 287 -31.76 -12.98 6.33
N LYS D 288 -32.03 -14.30 6.15
CA LYS D 288 -31.05 -15.38 6.31
C LYS D 288 -30.00 -15.36 5.19
N GLN D 289 -30.47 -15.42 3.92
CA GLN D 289 -29.63 -15.33 2.72
C GLN D 289 -28.87 -14.02 2.73
N ARG D 290 -29.56 -12.91 3.09
CA ARG D 290 -29.01 -11.56 3.20
C ARG D 290 -27.73 -11.49 4.05
N GLU D 291 -27.60 -12.36 5.08
CA GLU D 291 -26.41 -12.35 5.91
C GLU D 291 -25.40 -13.42 5.47
N ILE D 292 -25.88 -14.56 4.95
CA ILE D 292 -24.97 -15.61 4.48
C ILE D 292 -24.20 -15.12 3.25
N THR D 293 -24.91 -14.45 2.30
CA THR D 293 -24.32 -13.89 1.07
C THR D 293 -23.33 -12.79 1.41
N LEU D 294 -23.59 -11.99 2.48
CA LEU D 294 -22.62 -11.00 2.92
C LEU D 294 -21.39 -11.70 3.45
N LYS D 295 -21.59 -12.80 4.25
CA LYS D 295 -20.47 -13.55 4.82
C LYS D 295 -19.64 -14.21 3.74
N GLY D 296 -20.29 -14.77 2.73
CA GLY D 296 -19.66 -15.32 1.53
C GLY D 296 -18.95 -14.26 0.70
N PHE D 297 -19.34 -12.98 0.85
CA PHE D 297 -18.69 -11.89 0.10
C PHE D 297 -17.48 -11.45 0.87
N ARG D 298 -17.61 -11.50 2.21
CA ARG D 298 -16.55 -11.16 3.16
C ARG D 298 -15.47 -12.23 3.11
N ASN D 299 -15.85 -13.51 3.25
CA ASN D 299 -14.92 -14.65 3.28
C ASN D 299 -14.30 -15.03 1.93
N GLY D 300 -14.76 -14.41 0.84
CA GLY D 300 -14.18 -14.69 -0.47
C GLY D 300 -14.79 -15.82 -1.28
N SER D 301 -16.04 -16.21 -0.98
CA SER D 301 -16.74 -17.26 -1.72
C SER D 301 -16.99 -16.80 -3.17
N PHE D 302 -17.17 -15.48 -3.38
CA PHE D 302 -17.43 -14.80 -4.66
C PHE D 302 -16.95 -13.35 -4.55
N GLY D 303 -16.59 -12.76 -5.69
CA GLY D 303 -16.06 -11.40 -5.73
C GLY D 303 -16.95 -10.31 -6.30
N VAL D 304 -18.22 -10.67 -6.67
CA VAL D 304 -19.18 -9.73 -7.24
C VAL D 304 -20.52 -9.84 -6.49
N LEU D 305 -20.97 -8.75 -5.85
CA LEU D 305 -22.24 -8.68 -5.14
C LEU D 305 -23.17 -7.69 -5.90
N VAL D 306 -24.21 -8.20 -6.57
CA VAL D 306 -25.18 -7.35 -7.31
C VAL D 306 -26.30 -6.95 -6.31
N ALA D 307 -26.52 -5.64 -6.10
CA ALA D 307 -27.50 -5.16 -5.12
C ALA D 307 -28.25 -3.88 -5.47
N THR D 308 -29.53 -3.81 -5.08
CA THR D 308 -30.34 -2.59 -5.26
C THR D 308 -29.90 -1.62 -4.16
N ASN D 309 -29.83 -0.32 -4.48
CA ASN D 309 -29.34 0.77 -3.59
C ASN D 309 -29.93 0.74 -2.16
N VAL D 310 -31.27 0.56 -2.10
CA VAL D 310 -32.08 0.50 -0.88
C VAL D 310 -31.73 -0.69 -0.01
N ALA D 311 -31.58 -1.87 -0.63
CA ALA D 311 -31.25 -3.14 0.02
C ALA D 311 -29.95 -3.07 0.81
N ALA D 312 -28.99 -2.29 0.33
CA ALA D 312 -27.68 -2.14 0.94
C ALA D 312 -27.62 -1.27 2.19
N ARG D 313 -28.46 -0.21 2.24
CA ARG D 313 -28.54 0.86 3.26
C ARG D 313 -28.12 0.50 4.71
N GLY D 314 -28.83 -0.41 5.36
CA GLY D 314 -28.52 -0.77 6.75
C GLY D 314 -27.41 -1.79 6.91
N LEU D 315 -27.17 -2.57 5.86
CA LEU D 315 -26.21 -3.69 5.82
C LEU D 315 -24.74 -3.32 5.95
N ASP D 316 -23.97 -4.20 6.60
CA ASP D 316 -22.53 -4.01 6.77
C ASP D 316 -21.84 -4.65 5.56
N ILE D 317 -21.42 -3.81 4.62
CA ILE D 317 -20.75 -4.21 3.39
C ILE D 317 -19.25 -4.02 3.62
N PRO D 318 -18.41 -5.05 3.31
CA PRO D 318 -16.97 -4.89 3.52
C PRO D 318 -16.32 -3.93 2.53
N GLU D 319 -15.04 -3.58 2.77
CA GLU D 319 -14.27 -2.72 1.88
C GLU D 319 -14.20 -3.39 0.52
N VAL D 320 -14.40 -2.60 -0.54
CA VAL D 320 -14.37 -3.18 -1.88
C VAL D 320 -13.24 -2.57 -2.67
N ASP D 321 -12.98 -3.11 -3.84
CA ASP D 321 -11.97 -2.56 -4.73
C ASP D 321 -12.67 -1.68 -5.72
N LEU D 322 -13.91 -2.06 -6.07
CA LEU D 322 -14.67 -1.37 -7.10
C LEU D 322 -16.15 -1.28 -6.79
N VAL D 323 -16.71 -0.09 -6.97
CA VAL D 323 -18.14 0.18 -6.86
C VAL D 323 -18.67 0.47 -8.28
N ILE D 324 -19.77 -0.16 -8.68
CA ILE D 324 -20.40 0.14 -9.97
C ILE D 324 -21.86 0.59 -9.80
N GLN D 325 -22.23 1.77 -10.30
CA GLN D 325 -23.63 2.22 -10.35
C GLN D 325 -24.09 1.99 -11.77
N SER D 326 -25.20 1.26 -11.95
CA SER D 326 -25.75 0.96 -13.28
C SER D 326 -26.19 2.22 -14.02
N SER D 327 -26.65 3.24 -13.27
CA SER D 327 -27.11 4.51 -13.80
C SER D 327 -26.81 5.57 -12.75
N PRO D 328 -26.79 6.90 -13.08
CA PRO D 328 -26.47 7.91 -12.05
C PRO D 328 -27.37 7.75 -10.81
N PRO D 329 -26.79 7.67 -9.59
CA PRO D 329 -27.64 7.46 -8.39
C PRO D 329 -28.57 8.62 -8.03
N LYS D 330 -29.78 8.29 -7.56
CA LYS D 330 -30.77 9.26 -7.05
C LYS D 330 -30.32 9.56 -5.60
N ASP D 331 -29.99 8.47 -4.84
CA ASP D 331 -29.49 8.45 -3.45
C ASP D 331 -27.97 8.73 -3.44
N VAL D 332 -27.61 10.01 -3.48
CA VAL D 332 -26.23 10.50 -3.52
C VAL D 332 -25.51 10.22 -2.19
N GLU D 333 -26.26 10.31 -1.06
CA GLU D 333 -25.84 10.06 0.33
C GLU D 333 -25.23 8.64 0.49
N SER D 334 -25.88 7.65 -0.17
CA SER D 334 -25.52 6.23 -0.20
C SER D 334 -24.31 6.01 -1.08
N TYR D 335 -24.21 6.77 -2.21
CA TYR D 335 -23.11 6.69 -3.17
C TYR D 335 -21.80 7.15 -2.52
N ILE D 336 -21.80 8.30 -1.80
CA ILE D 336 -20.63 8.86 -1.13
C ILE D 336 -20.22 8.03 0.08
N HIS D 337 -21.19 7.46 0.79
CA HIS D 337 -20.90 6.63 1.95
C HIS D 337 -20.15 5.37 1.48
N ARG D 338 -20.72 4.68 0.46
CA ARG D 338 -20.12 3.48 -0.11
C ARG D 338 -18.76 3.77 -0.79
N SER D 339 -18.59 4.99 -1.37
CA SER D 339 -17.36 5.46 -2.02
C SER D 339 -16.19 5.56 -1.04
N GLY D 340 -16.46 5.94 0.21
CA GLY D 340 -15.45 6.07 1.26
C GLY D 340 -14.91 4.74 1.79
N ARG D 341 -15.62 3.63 1.45
CA ARG D 341 -15.31 2.24 1.80
C ARG D 341 -14.77 1.47 0.57
N THR D 342 -14.12 2.17 -0.37
CA THR D 342 -13.56 1.61 -1.60
C THR D 342 -12.06 1.84 -1.58
N GLY D 343 -11.30 0.81 -1.95
CA GLY D 343 -9.85 0.86 -1.96
C GLY D 343 -9.28 0.13 -0.77
N ARG D 344 -8.70 -1.06 -1.04
CA ARG D 344 -8.09 -1.93 -0.03
C ARG D 344 -6.56 -1.96 -0.19
N ALA D 345 -5.83 -2.26 0.91
CA ALA D 345 -4.36 -2.38 0.98
C ALA D 345 -3.61 -1.16 0.42
N GLY D 346 -4.17 0.03 0.65
CA GLY D 346 -3.56 1.28 0.20
C GLY D 346 -3.71 1.59 -1.27
N ARG D 347 -4.47 0.78 -2.01
CA ARG D 347 -4.73 1.05 -3.43
C ARG D 347 -5.87 2.07 -3.49
N THR D 348 -5.88 2.93 -4.53
CA THR D 348 -6.93 3.90 -4.76
C THR D 348 -8.25 3.18 -5.13
N GLY D 349 -9.33 3.58 -4.46
CA GLY D 349 -10.67 3.06 -4.68
C GLY D 349 -11.23 3.56 -5.99
N VAL D 350 -12.04 2.74 -6.66
CA VAL D 350 -12.62 3.12 -7.96
C VAL D 350 -14.14 3.03 -7.93
N CYS D 351 -14.79 4.14 -8.29
CA CYS D 351 -16.26 4.19 -8.42
C CYS D 351 -16.61 4.44 -9.84
N ILE D 352 -17.33 3.53 -10.43
CA ILE D 352 -17.74 3.66 -11.81
C ILE D 352 -19.24 3.90 -11.91
N CYS D 353 -19.58 4.85 -12.73
CA CYS D 353 -20.96 5.20 -13.02
C CYS D 353 -21.27 5.03 -14.49
N PHE D 354 -22.22 4.14 -14.82
CA PHE D 354 -22.65 3.97 -16.21
C PHE D 354 -23.76 4.94 -16.52
N TYR D 355 -23.73 5.52 -17.71
CA TYR D 355 -24.75 6.46 -18.12
C TYR D 355 -25.03 6.39 -19.63
N GLN D 356 -26.25 6.82 -20.01
CA GLN D 356 -26.73 6.91 -21.39
C GLN D 356 -26.88 8.40 -21.70
N HIS D 357 -27.08 8.78 -22.97
CA HIS D 357 -27.26 10.19 -23.35
C HIS D 357 -28.40 10.90 -22.59
N LYS D 358 -29.50 10.16 -22.28
CA LYS D 358 -30.65 10.72 -21.55
C LYS D 358 -30.34 11.00 -20.07
N GLU D 359 -29.34 10.30 -19.52
CA GLU D 359 -28.90 10.41 -18.12
C GLU D 359 -27.73 11.39 -17.94
N GLU D 360 -27.33 12.14 -19.00
CA GLU D 360 -26.21 13.07 -18.98
C GLU D 360 -26.34 14.24 -17.96
N TYR D 361 -27.51 14.88 -17.81
CA TYR D 361 -27.67 15.96 -16.81
C TYR D 361 -27.70 15.39 -15.36
N GLN D 362 -28.16 14.14 -15.22
CA GLN D 362 -28.24 13.40 -13.95
C GLN D 362 -26.86 13.26 -13.34
N LEU D 363 -25.83 13.07 -14.20
CA LEU D 363 -24.42 12.98 -13.86
C LEU D 363 -23.93 14.29 -13.23
N VAL D 364 -24.28 15.43 -13.86
CA VAL D 364 -23.99 16.79 -13.37
C VAL D 364 -24.67 17.01 -11.99
N GLN D 365 -25.90 16.49 -11.81
CA GLN D 365 -26.62 16.59 -10.52
C GLN D 365 -25.88 15.84 -9.42
N VAL D 366 -25.36 14.64 -9.75
CA VAL D 366 -24.57 13.81 -8.82
C VAL D 366 -23.27 14.56 -8.48
N GLU D 367 -22.59 15.12 -9.50
CA GLU D 367 -21.35 15.89 -9.29
C GLU D 367 -21.55 17.06 -8.34
N GLN D 368 -22.65 17.80 -8.50
CA GLN D 368 -23.02 18.98 -7.71
C GLN D 368 -23.40 18.63 -6.27
N LYS D 369 -24.21 17.58 -6.07
CA LYS D 369 -24.63 17.16 -4.74
C LYS D 369 -23.49 16.57 -3.91
N ALA D 370 -22.63 15.75 -4.53
CA ALA D 370 -21.52 15.03 -3.90
C ALA D 370 -20.21 15.79 -3.81
N GLY D 371 -20.11 16.92 -4.54
CA GLY D 371 -18.90 17.75 -4.59
C GLY D 371 -17.71 17.03 -5.24
N ILE D 372 -18.02 16.14 -6.21
CA ILE D 372 -17.08 15.32 -6.98
C ILE D 372 -17.07 15.72 -8.47
N LYS D 373 -16.06 15.25 -9.19
CA LYS D 373 -15.91 15.45 -10.62
C LYS D 373 -15.60 14.10 -11.23
N PHE D 374 -16.42 13.67 -12.20
CA PHE D 374 -16.23 12.42 -12.91
C PHE D 374 -15.29 12.60 -14.07
N LYS D 375 -14.52 11.54 -14.35
CA LYS D 375 -13.66 11.44 -15.53
C LYS D 375 -14.57 10.80 -16.57
N ARG D 376 -14.88 11.53 -17.65
CA ARG D 376 -15.80 11.02 -18.66
C ARG D 376 -15.09 10.26 -19.74
N ILE D 377 -15.41 8.96 -19.80
CA ILE D 377 -14.84 8.02 -20.76
C ILE D 377 -15.98 7.16 -21.42
N PHE E 2 -65.60 -6.91 -3.07
CA PHE E 2 -65.02 -8.24 -2.83
C PHE E 2 -64.40 -8.89 -4.07
N SER E 3 -64.71 -8.36 -5.29
CA SER E 3 -64.40 -8.80 -6.68
C SER E 3 -63.08 -9.59 -6.92
N ASN E 4 -62.00 -9.23 -6.22
CA ASN E 4 -60.66 -9.82 -6.34
C ASN E 4 -60.54 -11.20 -5.67
N PHE E 5 -61.54 -11.57 -4.87
CA PHE E 5 -61.52 -12.80 -4.10
C PHE E 5 -62.68 -13.74 -4.37
N PRO E 6 -62.40 -15.06 -4.40
CA PRO E 6 -63.46 -16.05 -4.66
C PRO E 6 -64.44 -16.33 -3.48
N ILE E 7 -65.17 -15.29 -3.03
CA ILE E 7 -66.17 -15.41 -1.97
C ILE E 7 -67.55 -15.57 -2.63
N SER E 8 -68.26 -16.69 -2.36
CA SER E 8 -69.60 -17.05 -2.86
C SER E 8 -70.65 -16.00 -2.47
N GLU E 9 -71.72 -15.86 -3.27
CA GLU E 9 -72.82 -14.90 -3.02
C GLU E 9 -73.54 -15.14 -1.70
N GLU E 10 -73.63 -16.43 -1.28
CA GLU E 10 -74.25 -16.91 -0.03
C GLU E 10 -73.48 -16.36 1.18
N THR E 11 -72.13 -16.46 1.13
CA THR E 11 -71.20 -15.96 2.16
C THR E 11 -71.25 -14.43 2.19
N ILE E 12 -71.27 -13.76 1.02
CA ILE E 12 -71.39 -12.31 0.87
C ILE E 12 -72.68 -11.79 1.55
N LYS E 13 -73.81 -12.52 1.40
CA LYS E 13 -75.08 -12.12 2.00
C LYS E 13 -75.03 -12.22 3.53
N LEU E 14 -74.45 -13.33 4.05
CA LEU E 14 -74.26 -13.53 5.49
C LEU E 14 -73.31 -12.47 6.06
N LEU E 15 -72.25 -12.11 5.29
CA LEU E 15 -71.26 -11.11 5.67
C LEU E 15 -71.86 -9.73 5.80
N LYS E 16 -72.81 -9.38 4.89
CA LYS E 16 -73.56 -8.12 4.92
C LYS E 16 -74.25 -7.91 6.28
N GLY E 17 -74.81 -9.01 6.81
CA GLY E 17 -75.48 -9.06 8.12
C GLY E 17 -74.58 -8.66 9.27
N ARG E 18 -73.25 -8.98 9.16
CA ARG E 18 -72.24 -8.64 10.15
C ARG E 18 -71.57 -7.27 9.91
N GLY E 19 -72.05 -6.55 8.89
CA GLY E 19 -71.51 -5.25 8.52
C GLY E 19 -70.19 -5.31 7.75
N VAL E 20 -69.92 -6.47 7.09
CA VAL E 20 -68.72 -6.73 6.28
C VAL E 20 -69.10 -6.64 4.79
N THR E 21 -68.62 -5.56 4.12
CA THR E 21 -68.90 -5.29 2.71
C THR E 21 -67.63 -5.34 1.85
N PHE E 22 -66.45 -5.29 2.51
CA PHE E 22 -65.10 -5.30 1.92
C PHE E 22 -64.13 -5.89 2.95
N LEU E 23 -62.94 -6.32 2.49
CA LEU E 23 -61.88 -6.89 3.31
C LEU E 23 -60.91 -5.84 3.84
N PHE E 24 -60.50 -5.97 5.11
CA PHE E 24 -59.48 -5.15 5.79
C PHE E 24 -58.08 -5.59 5.27
N PRO E 25 -57.01 -4.75 5.38
CA PRO E 25 -55.68 -5.16 4.83
C PRO E 25 -55.16 -6.55 5.21
N ILE E 26 -55.27 -6.96 6.48
CA ILE E 26 -54.78 -8.29 6.91
C ILE E 26 -55.51 -9.44 6.19
N GLN E 27 -56.82 -9.24 5.90
CA GLN E 27 -57.69 -10.20 5.23
C GLN E 27 -57.36 -10.36 3.78
N ALA E 28 -57.25 -9.24 3.08
CA ALA E 28 -56.86 -9.17 1.67
C ALA E 28 -55.42 -9.70 1.46
N LYS E 29 -54.48 -9.39 2.40
CA LYS E 29 -53.07 -9.83 2.34
C LYS E 29 -52.92 -11.33 2.53
N THR E 30 -53.78 -11.95 3.38
CA THR E 30 -53.73 -13.39 3.69
C THR E 30 -54.68 -14.31 2.91
N PHE E 31 -55.75 -13.76 2.29
CA PHE E 31 -56.78 -14.56 1.63
C PHE E 31 -56.31 -15.74 0.76
N HIS E 32 -55.49 -15.48 -0.26
CA HIS E 32 -55.06 -16.54 -1.18
C HIS E 32 -54.12 -17.55 -0.54
N HIS E 33 -53.28 -17.11 0.43
CA HIS E 33 -52.38 -18.03 1.12
C HIS E 33 -53.17 -19.06 1.91
N VAL E 34 -54.22 -18.61 2.60
CA VAL E 34 -55.10 -19.47 3.39
C VAL E 34 -55.86 -20.43 2.48
N TYR E 35 -56.58 -19.87 1.49
CA TYR E 35 -57.36 -20.67 0.56
C TYR E 35 -56.55 -21.77 -0.12
N SER E 36 -55.37 -21.43 -0.68
CA SER E 36 -54.50 -22.37 -1.39
C SER E 36 -53.81 -23.44 -0.52
N GLY E 37 -54.00 -23.36 0.80
CA GLY E 37 -53.44 -24.35 1.71
C GLY E 37 -52.01 -24.11 2.18
N LYS E 38 -51.49 -22.87 2.03
CA LYS E 38 -50.14 -22.51 2.47
C LYS E 38 -50.09 -22.38 4.02
N ASP E 39 -48.90 -22.66 4.60
CA ASP E 39 -48.71 -22.46 6.03
C ASP E 39 -48.44 -20.96 6.22
N LEU E 40 -48.90 -20.40 7.34
CA LEU E 40 -48.81 -18.97 7.53
C LEU E 40 -48.53 -18.54 8.97
N ILE E 41 -47.67 -17.50 9.11
CA ILE E 41 -47.37 -16.81 10.36
C ILE E 41 -47.78 -15.36 10.12
N ALA E 42 -48.82 -14.90 10.84
CA ALA E 42 -49.34 -13.55 10.69
C ALA E 42 -49.14 -12.74 11.97
N GLN E 43 -48.58 -11.52 11.82
CA GLN E 43 -48.35 -10.55 12.89
C GLN E 43 -49.29 -9.39 12.73
N ALA E 44 -50.24 -9.24 13.65
CA ALA E 44 -51.23 -8.17 13.56
C ALA E 44 -51.71 -7.73 14.92
N ARG E 45 -51.97 -6.41 15.08
CA ARG E 45 -52.46 -5.80 16.31
C ARG E 45 -53.94 -6.09 16.50
N THR E 46 -54.46 -5.84 17.72
CA THR E 46 -55.88 -6.04 18.05
C THR E 46 -56.76 -5.10 17.21
N GLY E 47 -57.97 -5.56 16.84
CA GLY E 47 -58.91 -4.77 16.05
C GLY E 47 -58.61 -4.68 14.57
N THR E 48 -57.57 -5.38 14.09
CA THR E 48 -57.22 -5.37 12.67
C THR E 48 -58.08 -6.34 11.83
N GLY E 49 -58.91 -7.17 12.49
CA GLY E 49 -59.76 -8.16 11.85
C GLY E 49 -59.06 -9.50 11.58
N LYS E 50 -58.30 -10.01 12.59
CA LYS E 50 -57.57 -11.28 12.48
C LYS E 50 -58.50 -12.49 12.30
N THR E 51 -59.67 -12.52 12.99
CA THR E 51 -60.61 -13.63 12.95
C THR E 51 -61.12 -13.95 11.52
N PHE E 52 -61.61 -12.93 10.81
CA PHE E 52 -62.14 -13.15 9.47
C PHE E 52 -61.07 -13.44 8.44
N SER E 53 -59.78 -13.12 8.74
CA SER E 53 -58.63 -13.35 7.85
C SER E 53 -58.33 -14.83 7.67
N PHE E 54 -58.87 -15.68 8.57
CA PHE E 54 -58.77 -17.13 8.50
C PHE E 54 -60.14 -17.74 8.30
N ALA E 55 -61.18 -17.22 9.00
CA ALA E 55 -62.56 -17.70 8.93
C ALA E 55 -63.16 -17.65 7.54
N ILE E 56 -63.18 -16.48 6.86
CA ILE E 56 -63.74 -16.34 5.51
C ILE E 56 -63.02 -17.27 4.49
N PRO E 57 -61.69 -17.20 4.24
CA PRO E 57 -61.06 -18.14 3.30
C PRO E 57 -61.23 -19.61 3.66
N LEU E 58 -61.20 -19.98 4.97
CA LEU E 58 -61.38 -21.38 5.42
C LEU E 58 -62.78 -21.91 5.16
N ILE E 59 -63.80 -21.08 5.39
CA ILE E 59 -65.18 -21.44 5.14
C ILE E 59 -65.42 -21.63 3.64
N GLU E 60 -64.84 -20.76 2.81
CA GLU E 60 -64.94 -20.84 1.34
C GLU E 60 -64.35 -22.14 0.77
N LYS E 61 -63.13 -22.49 1.21
CA LYS E 61 -62.44 -23.70 0.80
C LYS E 61 -63.25 -24.94 1.21
N LEU E 62 -63.77 -24.96 2.46
CA LEU E 62 -64.55 -26.07 3.00
C LEU E 62 -65.89 -26.24 2.29
N HIS E 63 -66.58 -25.12 1.99
CA HIS E 63 -67.86 -25.10 1.29
C HIS E 63 -67.75 -25.68 -0.14
N GLY E 64 -66.59 -25.53 -0.75
CA GLY E 64 -66.32 -26.00 -2.10
C GLY E 64 -66.04 -27.49 -2.20
N GLU E 65 -65.73 -28.13 -1.06
CA GLU E 65 -65.44 -29.59 -1.01
C GLU E 65 -66.40 -30.34 -0.05
N LEU E 66 -67.57 -29.72 0.23
CA LEU E 66 -68.59 -30.20 1.14
C LEU E 66 -69.25 -31.51 0.74
N GLN E 67 -69.00 -32.55 1.56
CA GLN E 67 -69.58 -33.90 1.49
C GLN E 67 -70.77 -33.92 2.50
N ASP E 68 -71.49 -35.05 2.62
CA ASP E 68 -72.64 -35.13 3.54
C ASP E 68 -72.25 -35.20 4.99
N ARG E 69 -72.93 -34.38 5.81
CA ARG E 69 -72.78 -34.29 7.26
C ARG E 69 -73.19 -35.62 7.90
N LYS E 70 -72.19 -36.51 8.05
CA LYS E 70 -72.28 -37.85 8.62
C LYS E 70 -72.15 -37.77 10.15
N ARG E 71 -72.97 -38.57 10.87
CA ARG E 71 -72.94 -38.67 12.33
C ARG E 71 -71.53 -39.09 12.83
N GLY E 72 -71.11 -38.49 13.95
CA GLY E 72 -69.85 -38.75 14.63
C GLY E 72 -68.60 -38.40 13.85
N ARG E 73 -68.70 -37.48 12.87
CA ARG E 73 -67.55 -37.06 12.07
C ARG E 73 -66.53 -36.28 12.92
N ALA E 74 -65.23 -36.49 12.64
CA ALA E 74 -64.10 -35.84 13.30
C ALA E 74 -63.98 -34.39 12.76
N PRO E 75 -63.50 -33.40 13.57
CA PRO E 75 -63.35 -32.03 13.03
C PRO E 75 -62.31 -31.94 11.93
N GLN E 76 -62.55 -31.02 10.98
CA GLN E 76 -61.66 -30.75 9.84
C GLN E 76 -60.77 -29.54 10.13
N VAL E 77 -61.27 -28.63 10.99
CA VAL E 77 -60.62 -27.40 11.45
C VAL E 77 -60.51 -27.40 13.00
N LEU E 78 -59.30 -27.08 13.52
CA LEU E 78 -59.03 -26.89 14.96
C LEU E 78 -58.51 -25.49 15.19
N VAL E 79 -59.23 -24.71 15.98
CA VAL E 79 -58.84 -23.35 16.33
C VAL E 79 -58.56 -23.36 17.85
N LEU E 80 -57.29 -23.13 18.23
CA LEU E 80 -56.91 -23.03 19.64
C LEU E 80 -56.89 -21.56 20.03
N ALA E 81 -57.66 -21.22 21.07
CA ALA E 81 -57.79 -19.86 21.58
C ALA E 81 -57.45 -19.85 23.09
N PRO E 82 -56.84 -18.77 23.62
CA PRO E 82 -56.45 -18.79 25.05
C PRO E 82 -57.58 -18.73 26.09
N THR E 83 -58.63 -18.00 25.80
CA THR E 83 -59.68 -17.67 26.73
C THR E 83 -61.07 -18.12 26.23
N ARG E 84 -61.98 -18.39 27.19
CA ARG E 84 -63.37 -18.80 26.95
C ARG E 84 -64.10 -17.74 26.08
N GLU E 85 -63.96 -16.47 26.47
CA GLU E 85 -64.52 -15.28 25.83
C GLU E 85 -64.09 -15.19 24.35
N LEU E 86 -62.79 -15.40 24.08
CA LEU E 86 -62.17 -15.37 22.77
C LEU E 86 -62.70 -16.50 21.89
N ALA E 87 -62.69 -17.75 22.43
CA ALA E 87 -63.18 -18.95 21.77
C ALA E 87 -64.64 -18.76 21.33
N ASN E 88 -65.51 -18.21 22.20
CA ASN E 88 -66.91 -17.95 21.88
C ASN E 88 -67.08 -16.93 20.77
N GLN E 89 -66.17 -15.91 20.67
CA GLN E 89 -66.25 -14.91 19.59
C GLN E 89 -65.76 -15.46 18.25
N VAL E 90 -64.74 -16.34 18.26
CA VAL E 90 -64.28 -17.03 17.06
C VAL E 90 -65.39 -17.97 16.56
N SER E 91 -66.02 -18.73 17.47
CA SER E 91 -67.12 -19.65 17.16
C SER E 91 -68.30 -18.92 16.52
N LYS E 92 -68.76 -17.81 17.16
CA LYS E 92 -69.87 -16.99 16.68
C LYS E 92 -69.57 -16.46 15.28
N ASP E 93 -68.32 -15.96 15.06
CA ASP E 93 -67.86 -15.43 13.78
C ASP E 93 -67.94 -16.49 12.67
N PHE E 94 -67.56 -17.76 12.99
CA PHE E 94 -67.67 -18.88 12.05
C PHE E 94 -69.17 -19.20 11.81
N SER E 95 -69.95 -19.38 12.90
CA SER E 95 -71.38 -19.70 12.86
C SER E 95 -72.22 -18.69 12.09
N ASP E 96 -71.85 -17.40 12.13
CA ASP E 96 -72.60 -16.34 11.45
C ASP E 96 -72.40 -16.30 9.93
N ILE E 97 -71.32 -16.96 9.41
CA ILE E 97 -71.02 -16.92 7.97
C ILE E 97 -71.07 -18.32 7.31
N THR E 98 -71.41 -19.36 8.09
CA THR E 98 -71.64 -20.71 7.56
C THR E 98 -72.93 -21.29 8.17
N LYS E 99 -73.84 -21.71 7.28
CA LYS E 99 -75.12 -22.37 7.61
C LYS E 99 -75.11 -23.80 7.04
N LYS E 100 -73.90 -24.39 6.83
CA LYS E 100 -73.70 -25.75 6.31
C LYS E 100 -72.75 -26.55 7.22
N LEU E 101 -71.83 -25.85 7.90
CA LEU E 101 -70.81 -26.47 8.76
C LEU E 101 -71.18 -26.47 10.25
N SER E 102 -70.83 -27.56 10.94
CA SER E 102 -71.10 -27.73 12.36
C SER E 102 -69.94 -27.11 13.15
N VAL E 103 -70.23 -26.06 13.92
CA VAL E 103 -69.27 -25.29 14.72
C VAL E 103 -69.42 -25.64 16.23
N ALA E 104 -68.35 -26.20 16.85
CA ALA E 104 -68.31 -26.54 18.27
C ALA E 104 -67.33 -25.68 19.03
N CYS E 105 -67.69 -25.26 20.25
CA CYS E 105 -66.85 -24.47 21.14
C CYS E 105 -66.59 -25.23 22.44
N PHE E 106 -65.37 -25.75 22.62
CA PHE E 106 -64.99 -26.53 23.81
C PHE E 106 -64.02 -25.84 24.75
N TYR E 107 -64.53 -25.20 25.80
CA TYR E 107 -63.71 -24.58 26.83
C TYR E 107 -63.82 -25.36 28.16
N GLY E 108 -62.92 -25.08 29.09
CA GLY E 108 -62.89 -25.72 30.40
C GLY E 108 -63.80 -25.03 31.40
N GLY E 109 -64.14 -25.74 32.47
CA GLY E 109 -65.04 -25.26 33.53
C GLY E 109 -66.49 -25.19 33.09
N THR E 110 -66.91 -26.25 32.39
CA THR E 110 -68.26 -26.43 31.83
C THR E 110 -68.50 -27.96 31.74
N PRO E 111 -69.76 -28.46 31.83
CA PRO E 111 -69.97 -29.92 31.77
C PRO E 111 -69.52 -30.61 30.48
N TYR E 112 -68.88 -31.77 30.63
CA TYR E 112 -68.36 -32.62 29.56
C TYR E 112 -69.45 -33.21 28.67
N GLY E 113 -70.62 -33.46 29.26
CA GLY E 113 -71.81 -34.05 28.62
C GLY E 113 -72.23 -33.41 27.32
N GLY E 114 -72.44 -32.08 27.36
CA GLY E 114 -72.82 -31.28 26.20
C GLY E 114 -71.81 -31.34 25.06
N GLN E 115 -70.53 -31.50 25.42
CA GLN E 115 -69.39 -31.62 24.50
C GLN E 115 -69.30 -33.01 23.89
N PHE E 116 -69.53 -34.06 24.71
CA PHE E 116 -69.54 -35.46 24.28
C PHE E 116 -70.68 -35.69 23.27
N GLU E 117 -71.82 -35.02 23.51
CA GLU E 117 -73.01 -35.03 22.67
C GLU E 117 -72.67 -34.45 21.29
N ARG E 118 -72.07 -33.23 21.26
CA ARG E 118 -71.61 -32.54 20.03
C ARG E 118 -70.58 -33.38 19.28
N MET E 119 -69.71 -34.11 19.99
CA MET E 119 -68.74 -35.03 19.38
C MET E 119 -69.41 -36.25 18.73
N ARG E 120 -70.50 -36.76 19.35
CA ARG E 120 -71.29 -37.89 18.87
C ARG E 120 -72.04 -37.48 17.59
N ASN E 121 -72.63 -36.28 17.58
CA ASN E 121 -73.38 -35.74 16.43
C ASN E 121 -72.50 -35.46 15.23
N GLY E 122 -71.23 -35.11 15.47
CA GLY E 122 -70.26 -34.76 14.45
C GLY E 122 -69.90 -33.28 14.44
N ILE E 123 -68.59 -32.99 14.31
CA ILE E 123 -68.04 -31.63 14.30
C ILE E 123 -67.30 -31.37 12.99
N ASP E 124 -67.48 -30.16 12.46
CA ASP E 124 -66.78 -29.73 11.27
C ASP E 124 -65.64 -28.80 11.67
N ILE E 125 -65.97 -27.73 12.44
CA ILE E 125 -65.02 -26.74 12.95
C ILE E 125 -65.08 -26.76 14.48
N LEU E 126 -63.91 -27.02 15.10
CA LEU E 126 -63.76 -27.05 16.55
C LEU E 126 -62.86 -25.93 17.04
N VAL E 127 -63.42 -25.09 17.92
CA VAL E 127 -62.76 -23.96 18.57
C VAL E 127 -62.69 -24.32 20.07
N GLY E 128 -61.49 -24.28 20.65
CA GLY E 128 -61.33 -24.62 22.05
C GLY E 128 -60.07 -24.16 22.74
N THR E 129 -60.13 -24.08 24.09
CA THR E 129 -59.03 -23.72 25.01
C THR E 129 -58.12 -24.97 25.09
N PRO E 130 -56.76 -24.80 25.20
CA PRO E 130 -55.86 -25.97 25.21
C PRO E 130 -56.13 -27.06 26.26
N GLY E 131 -56.52 -26.66 27.48
CA GLY E 131 -56.82 -27.58 28.57
C GLY E 131 -57.91 -28.57 28.24
N ARG E 132 -59.11 -28.06 27.88
CA ARG E 132 -60.25 -28.91 27.51
C ARG E 132 -59.95 -29.80 26.28
N ILE E 133 -59.28 -29.26 25.22
CA ILE E 133 -58.93 -30.02 24.01
C ILE E 133 -58.03 -31.22 24.38
N LYS E 134 -57.04 -31.00 25.29
CA LYS E 134 -56.14 -32.05 25.78
C LYS E 134 -56.92 -33.12 26.57
N ASP E 135 -57.95 -32.70 27.35
CA ASP E 135 -58.82 -33.61 28.13
C ASP E 135 -59.54 -34.59 27.21
N HIS E 136 -60.23 -34.10 26.16
CA HIS E 136 -60.96 -34.96 25.21
C HIS E 136 -60.05 -35.82 24.33
N ILE E 137 -58.75 -35.51 24.28
CA ILE E 137 -57.75 -36.31 23.57
C ILE E 137 -57.45 -37.56 24.43
N GLN E 138 -57.26 -37.35 25.75
CA GLN E 138 -57.01 -38.39 26.76
C GLN E 138 -58.20 -39.34 26.86
N ASN E 139 -59.43 -38.77 26.98
CA ASN E 139 -60.74 -39.43 27.02
C ASN E 139 -61.03 -40.31 25.78
N GLY E 140 -60.11 -40.26 24.79
CA GLY E 140 -60.17 -40.99 23.53
C GLY E 140 -61.31 -40.66 22.58
N LYS E 141 -62.34 -39.97 23.10
CA LYS E 141 -63.53 -39.54 22.37
C LYS E 141 -63.22 -38.68 21.13
N LEU E 142 -62.39 -37.60 21.31
CA LEU E 142 -62.00 -36.66 20.24
C LEU E 142 -60.91 -37.17 19.31
N ASP E 143 -61.19 -37.13 17.99
CA ASP E 143 -60.26 -37.54 16.93
C ASP E 143 -59.71 -36.32 16.16
N LEU E 144 -58.41 -36.06 16.39
CA LEU E 144 -57.72 -34.94 15.77
C LEU E 144 -56.68 -35.42 14.76
N THR E 145 -56.83 -36.66 14.27
CA THR E 145 -55.91 -37.23 13.26
C THR E 145 -56.43 -37.01 11.83
N LYS E 146 -57.67 -36.48 11.71
CA LYS E 146 -58.37 -36.24 10.45
C LYS E 146 -58.47 -34.75 10.08
N LEU E 147 -57.71 -33.89 10.81
CA LEU E 147 -57.64 -32.44 10.62
C LEU E 147 -57.01 -32.07 9.29
N LYS E 148 -57.55 -31.02 8.67
CA LYS E 148 -57.02 -30.45 7.41
C LYS E 148 -56.45 -29.04 7.69
N HIS E 149 -56.91 -28.38 8.79
CA HIS E 149 -56.50 -27.02 9.15
C HIS E 149 -56.37 -26.85 10.65
N VAL E 150 -55.29 -26.15 11.06
CA VAL E 150 -55.00 -25.79 12.44
C VAL E 150 -54.71 -24.26 12.54
N VAL E 151 -55.49 -23.56 13.37
CA VAL E 151 -55.34 -22.14 13.65
C VAL E 151 -54.92 -21.97 15.13
N LEU E 152 -53.77 -21.33 15.37
CA LEU E 152 -53.30 -21.01 16.72
C LEU E 152 -53.55 -19.50 16.84
N ASP E 153 -54.69 -19.14 17.43
CA ASP E 153 -55.14 -17.76 17.57
C ASP E 153 -54.66 -17.18 18.89
N GLU E 154 -54.15 -15.93 18.86
CA GLU E 154 -53.62 -15.17 20.00
C GLU E 154 -52.53 -15.96 20.71
N VAL E 155 -51.52 -16.39 19.96
CA VAL E 155 -50.40 -17.20 20.46
C VAL E 155 -49.70 -16.57 21.68
N ASP E 156 -49.46 -15.25 21.63
CA ASP E 156 -48.78 -14.50 22.68
C ASP E 156 -49.45 -14.66 24.02
N GLN E 157 -50.79 -14.49 24.06
CA GLN E 157 -51.62 -14.62 25.25
C GLN E 157 -51.54 -16.06 25.81
N MET E 158 -51.60 -17.08 24.93
CA MET E 158 -51.51 -18.50 25.28
C MET E 158 -50.17 -18.82 25.94
N LEU E 159 -49.10 -18.15 25.49
CA LEU E 159 -47.76 -18.34 26.06
C LEU E 159 -47.64 -17.66 27.41
N ASP E 160 -48.22 -16.45 27.53
CA ASP E 160 -48.24 -15.65 28.77
C ASP E 160 -49.09 -16.31 29.87
N MET E 161 -49.98 -17.23 29.47
CA MET E 161 -50.89 -17.97 30.36
C MET E 161 -50.38 -19.37 30.71
N GLY E 162 -49.21 -19.73 30.16
CA GLY E 162 -48.53 -21.01 30.37
C GLY E 162 -49.07 -22.21 29.61
N PHE E 163 -49.75 -21.98 28.46
CA PHE E 163 -50.32 -23.08 27.68
C PHE E 163 -49.37 -23.68 26.63
N ALA E 164 -48.11 -23.25 26.60
CA ALA E 164 -47.11 -23.75 25.63
C ALA E 164 -47.04 -25.27 25.55
N ASP E 165 -46.94 -25.95 26.71
CA ASP E 165 -46.80 -27.40 26.80
C ASP E 165 -48.09 -28.14 26.43
N GLN E 166 -49.27 -27.58 26.75
CA GLN E 166 -50.57 -28.16 26.39
C GLN E 166 -50.77 -28.12 24.87
N VAL E 167 -50.37 -27.00 24.20
CA VAL E 167 -50.45 -26.77 22.76
C VAL E 167 -49.50 -27.75 22.04
N GLU E 168 -48.26 -27.90 22.57
CA GLU E 168 -47.27 -28.81 22.02
C GLU E 168 -47.75 -30.28 22.08
N GLU E 169 -48.48 -30.64 23.16
CA GLU E 169 -49.07 -31.98 23.33
C GLU E 169 -50.12 -32.25 22.22
N ILE E 170 -51.06 -31.28 22.02
CA ILE E 170 -52.12 -31.35 21.02
C ILE E 170 -51.51 -31.49 19.63
N LEU E 171 -50.51 -30.66 19.29
CA LEU E 171 -49.87 -30.71 17.99
C LEU E 171 -49.18 -32.04 17.72
N SER E 172 -48.59 -32.67 18.76
CA SER E 172 -47.92 -33.97 18.66
C SER E 172 -48.89 -35.09 18.23
N VAL E 173 -50.17 -34.95 18.59
CA VAL E 173 -51.26 -35.86 18.20
C VAL E 173 -51.69 -35.62 16.70
N ALA E 174 -51.92 -34.35 16.32
CA ALA E 174 -52.38 -33.91 15.00
C ALA E 174 -51.33 -33.84 13.90
N TYR E 175 -50.01 -33.98 14.23
CA TYR E 175 -48.90 -33.87 13.25
C TYR E 175 -47.88 -35.02 13.32
N LYS E 176 -47.44 -35.54 12.14
CA LYS E 176 -46.38 -36.57 12.00
C LYS E 176 -45.05 -35.93 11.55
N LYS E 177 -43.96 -36.20 12.33
CA LYS E 177 -42.57 -35.68 12.25
C LYS E 177 -42.19 -34.95 10.96
N ASP E 178 -42.32 -35.59 9.78
CA ASP E 178 -41.98 -34.92 8.51
C ASP E 178 -42.88 -35.35 7.38
N SER E 179 -43.97 -34.59 7.17
CA SER E 179 -44.95 -34.89 6.16
C SER E 179 -45.45 -33.64 5.47
N GLU E 180 -45.68 -33.75 4.15
CA GLU E 180 -46.23 -32.67 3.33
C GLU E 180 -47.76 -32.77 3.39
N ASP E 181 -48.25 -33.80 4.09
CA ASP E 181 -49.65 -34.10 4.26
C ASP E 181 -50.25 -33.64 5.60
N ASN E 182 -49.40 -33.09 6.52
CA ASN E 182 -49.84 -32.56 7.83
C ASN E 182 -50.87 -31.41 7.66
N PRO E 183 -51.74 -31.06 8.66
CA PRO E 183 -52.71 -29.98 8.41
C PRO E 183 -52.05 -28.64 8.06
N GLN E 184 -52.82 -27.76 7.40
CA GLN E 184 -52.40 -26.41 7.08
C GLN E 184 -52.31 -25.66 8.43
N THR E 185 -51.19 -24.97 8.70
CA THR E 185 -51.02 -24.25 9.97
C THR E 185 -51.08 -22.74 9.80
N LEU E 186 -51.99 -22.09 10.53
CA LEU E 186 -52.13 -20.63 10.54
C LEU E 186 -51.86 -20.18 11.95
N LEU E 187 -50.69 -19.58 12.15
CA LEU E 187 -50.20 -19.10 13.44
C LEU E 187 -50.38 -17.56 13.55
N PHE E 188 -51.04 -17.10 14.62
CA PHE E 188 -51.31 -15.68 14.87
C PHE E 188 -50.60 -15.15 16.12
N SER E 189 -49.38 -14.61 15.92
CA SER E 189 -48.55 -14.07 16.99
C SER E 189 -48.22 -12.61 16.68
N ALA E 190 -48.57 -11.72 17.60
CA ALA E 190 -48.32 -10.30 17.46
C ALA E 190 -46.84 -9.90 17.58
N THR E 191 -46.07 -10.59 18.44
CA THR E 191 -44.67 -10.26 18.71
C THR E 191 -43.64 -11.29 18.21
N CYS E 192 -44.12 -12.49 17.79
CA CYS E 192 -43.30 -13.60 17.31
C CYS E 192 -42.12 -13.96 18.23
N PRO E 193 -42.39 -14.48 19.46
CA PRO E 193 -41.27 -14.93 20.33
C PRO E 193 -40.57 -16.17 19.78
N HIS E 194 -39.53 -16.65 20.47
CA HIS E 194 -38.73 -17.81 20.05
C HIS E 194 -39.57 -19.07 19.86
N TRP E 195 -40.60 -19.27 20.71
CA TRP E 195 -41.52 -20.42 20.67
C TRP E 195 -42.22 -20.57 19.32
N VAL E 196 -42.55 -19.45 18.67
CA VAL E 196 -43.20 -19.39 17.36
C VAL E 196 -42.32 -19.96 16.26
N PHE E 197 -41.02 -19.65 16.28
CA PHE E 197 -40.12 -20.13 15.24
C PHE E 197 -39.65 -21.56 15.49
N ASN E 198 -39.78 -22.07 16.74
CA ASN E 198 -39.47 -23.46 17.10
C ASN E 198 -40.62 -24.36 16.63
N VAL E 199 -41.88 -23.88 16.83
CA VAL E 199 -43.10 -24.58 16.41
C VAL E 199 -43.12 -24.66 14.87
N ALA E 200 -42.70 -23.56 14.19
CA ALA E 200 -42.62 -23.47 12.74
C ALA E 200 -41.60 -24.47 12.15
N LYS E 201 -40.51 -24.75 12.89
CA LYS E 201 -39.48 -25.70 12.44
C LYS E 201 -39.95 -27.15 12.67
N LYS E 202 -40.53 -27.42 13.86
CA LYS E 202 -40.98 -28.74 14.28
C LYS E 202 -42.25 -29.25 13.60
N TYR E 203 -43.29 -28.39 13.50
CA TYR E 203 -44.61 -28.79 12.99
C TYR E 203 -45.04 -28.24 11.64
N MET E 204 -44.57 -27.02 11.26
CA MET E 204 -44.96 -26.39 10.00
C MET E 204 -44.14 -26.87 8.80
N LYS E 205 -44.69 -26.67 7.58
CA LYS E 205 -44.09 -27.03 6.29
C LYS E 205 -42.80 -26.22 6.06
N SER E 206 -41.85 -26.80 5.30
CA SER E 206 -40.56 -26.20 4.94
C SER E 206 -40.68 -24.71 4.53
N THR E 207 -41.58 -24.41 3.58
CA THR E 207 -41.81 -23.06 3.08
C THR E 207 -43.18 -22.57 3.56
N TYR E 208 -43.21 -21.47 4.32
CA TYR E 208 -44.42 -20.88 4.86
C TYR E 208 -44.46 -19.38 4.60
N GLU E 209 -45.66 -18.83 4.56
CA GLU E 209 -45.83 -17.41 4.33
C GLU E 209 -45.72 -16.63 5.64
N GLN E 210 -45.28 -15.39 5.54
CA GLN E 210 -45.14 -14.52 6.69
C GLN E 210 -45.69 -13.16 6.28
N VAL E 211 -46.71 -12.69 7.00
CA VAL E 211 -47.39 -11.42 6.78
C VAL E 211 -47.27 -10.58 8.04
N ASP E 212 -46.76 -9.35 7.88
CA ASP E 212 -46.56 -8.36 8.95
C ASP E 212 -47.48 -7.15 8.75
N LEU E 213 -47.83 -6.47 9.88
CA LEU E 213 -48.66 -5.25 9.96
C LEU E 213 -48.44 -4.53 11.30
N THR E 224 -30.48 13.53 2.13
CA THR E 224 -30.88 13.40 3.54
C THR E 224 -30.18 14.48 4.45
N VAL E 225 -30.88 14.88 5.53
CA VAL E 225 -30.45 15.95 6.44
C VAL E 225 -30.52 15.50 7.92
N GLU E 226 -29.66 16.07 8.74
CA GLU E 226 -29.71 15.82 10.17
C GLU E 226 -30.49 16.92 10.88
N HIS E 227 -31.59 16.54 11.56
CA HIS E 227 -32.43 17.48 12.32
C HIS E 227 -32.10 17.32 13.79
N LEU E 228 -31.54 18.38 14.39
CA LEU E 228 -31.19 18.36 15.81
C LEU E 228 -32.05 19.33 16.58
N ALA E 229 -32.40 18.96 17.81
CA ALA E 229 -33.20 19.82 18.71
C ALA E 229 -32.39 20.05 19.99
N ILE E 230 -32.04 21.34 20.26
CA ILE E 230 -31.25 21.71 21.44
C ILE E 230 -32.11 22.39 22.48
N LYS E 231 -32.23 21.76 23.67
CA LYS E 231 -32.94 22.34 24.80
C LYS E 231 -32.02 23.44 25.35
N CYS E 232 -32.46 24.69 25.24
CA CYS E 232 -31.66 25.83 25.66
C CYS E 232 -32.50 26.94 26.25
N HIS E 233 -32.03 27.49 27.39
CA HIS E 233 -32.65 28.63 28.05
C HIS E 233 -32.34 29.86 27.16
N TRP E 234 -33.34 30.74 26.88
CA TRP E 234 -33.22 31.90 25.99
C TRP E 234 -32.01 32.78 26.27
N THR E 235 -31.62 32.84 27.53
CA THR E 235 -30.47 33.57 28.06
C THR E 235 -29.10 33.05 27.51
N GLN E 236 -29.02 31.76 27.15
CA GLN E 236 -27.80 31.09 26.68
C GLN E 236 -27.73 30.87 25.17
N ARG E 237 -28.88 30.97 24.49
CA ARG E 237 -29.09 30.71 23.07
C ARG E 237 -28.04 31.32 22.18
N ALA E 238 -27.77 32.63 22.29
CA ALA E 238 -26.76 33.28 21.44
C ALA E 238 -25.34 32.70 21.60
N ALA E 239 -24.95 32.27 22.82
CA ALA E 239 -23.65 31.67 23.08
C ALA E 239 -23.54 30.28 22.42
N VAL E 240 -24.58 29.42 22.60
CA VAL E 240 -24.67 28.09 21.99
C VAL E 240 -24.75 28.21 20.47
N ILE E 241 -25.44 29.24 19.94
CA ILE E 241 -25.53 29.51 18.51
C ILE E 241 -24.10 29.67 17.93
N GLY E 242 -23.28 30.49 18.60
CA GLY E 242 -21.88 30.70 18.24
C GLY E 242 -21.09 29.41 18.24
N ASP E 243 -21.36 28.53 19.22
CA ASP E 243 -20.71 27.22 19.31
C ASP E 243 -21.14 26.26 18.21
N VAL E 244 -22.43 26.22 17.86
CA VAL E 244 -22.90 25.28 16.86
C VAL E 244 -22.43 25.66 15.44
N ILE E 245 -22.29 26.98 15.18
CA ILE E 245 -21.82 27.57 13.92
C ILE E 245 -20.37 27.14 13.71
N ARG E 246 -19.54 27.33 14.75
CA ARG E 246 -18.13 26.98 14.82
C ARG E 246 -17.94 25.51 14.44
N VAL E 247 -18.86 24.64 14.88
CA VAL E 247 -18.81 23.20 14.67
C VAL E 247 -19.29 22.77 13.28
N TYR E 248 -20.51 23.19 12.87
CA TYR E 248 -21.11 22.68 11.65
C TYR E 248 -20.85 23.50 10.40
N SER E 249 -20.44 24.77 10.56
CA SER E 249 -20.21 25.69 9.46
C SER E 249 -18.71 26.07 9.38
N GLY E 250 -18.20 26.63 10.49
CA GLY E 250 -16.84 27.09 10.63
C GLY E 250 -16.47 28.21 9.68
N HIS E 251 -15.16 28.39 9.44
CA HIS E 251 -14.61 29.38 8.50
C HIS E 251 -14.97 28.91 7.07
N GLN E 252 -15.23 29.86 6.15
CA GLN E 252 -15.66 29.62 4.75
C GLN E 252 -17.14 29.13 4.64
N GLY E 253 -17.81 29.05 5.79
CA GLY E 253 -19.16 28.54 5.92
C GLY E 253 -20.30 29.51 5.79
N ARG E 254 -21.48 28.93 5.54
CA ARG E 254 -22.74 29.63 5.35
C ARG E 254 -23.78 29.09 6.32
N THR E 255 -24.32 29.99 7.13
CA THR E 255 -25.36 29.70 8.10
C THR E 255 -26.48 30.68 7.98
N ILE E 256 -27.73 30.18 7.96
CA ILE E 256 -28.92 31.02 7.98
C ILE E 256 -29.67 30.78 9.30
N ILE E 257 -29.80 31.84 10.13
CA ILE E 257 -30.58 31.78 11.37
C ILE E 257 -31.99 32.39 11.07
N PHE E 258 -33.05 31.69 11.46
CA PHE E 258 -34.44 32.11 11.32
C PHE E 258 -35.06 32.46 12.66
N CYS E 259 -35.66 33.65 12.72
CA CYS E 259 -36.31 34.16 13.92
C CYS E 259 -37.80 34.43 13.69
N GLU E 260 -38.56 34.55 14.79
CA GLU E 260 -40.01 34.82 14.74
C GLU E 260 -40.32 36.30 14.44
N THR E 261 -39.68 37.21 15.20
CA THR E 261 -39.85 38.67 15.13
C THR E 261 -38.64 39.42 14.56
N LYS E 262 -38.89 40.68 14.10
CA LYS E 262 -37.92 41.64 13.55
C LYS E 262 -37.04 42.20 14.67
N LYS E 263 -37.52 42.16 15.93
CA LYS E 263 -36.77 42.62 17.09
C LYS E 263 -35.68 41.59 17.43
N GLU E 264 -36.07 40.30 17.44
CA GLU E 264 -35.27 39.11 17.75
C GLU E 264 -34.08 39.00 16.78
N ALA E 265 -34.39 38.94 15.45
CA ALA E 265 -33.44 38.86 14.34
C ALA E 265 -32.39 39.98 14.42
N GLN E 266 -32.84 41.23 14.57
CA GLN E 266 -31.97 42.40 14.71
C GLN E 266 -31.08 42.28 15.95
N GLU E 267 -31.66 41.97 17.13
CA GLU E 267 -30.92 41.80 18.39
C GLU E 267 -29.85 40.74 18.28
N LEU E 268 -30.22 39.58 17.71
CA LEU E 268 -29.32 38.44 17.52
C LEU E 268 -28.16 38.73 16.57
N SER E 269 -28.41 39.46 15.46
CA SER E 269 -27.37 39.85 14.49
C SER E 269 -26.37 40.84 15.09
N GLN E 270 -26.77 41.50 16.20
CA GLN E 270 -25.95 42.47 16.93
C GLN E 270 -25.25 41.85 18.17
N ASN E 271 -25.64 40.61 18.56
CA ASN E 271 -25.03 39.88 19.69
C ASN E 271 -23.55 39.56 19.44
N SER E 272 -22.68 39.88 20.44
CA SER E 272 -21.23 39.69 20.43
C SER E 272 -20.73 38.33 19.93
N ALA E 273 -21.49 37.25 20.18
CA ALA E 273 -21.16 35.88 19.78
C ALA E 273 -21.04 35.66 18.27
N ILE E 274 -21.82 36.42 17.46
CA ILE E 274 -21.86 36.31 16.00
C ILE E 274 -21.82 37.66 15.24
N LYS E 275 -21.87 38.82 15.95
CA LYS E 275 -21.88 40.21 15.42
C LYS E 275 -20.84 40.48 14.32
N GLN E 276 -19.62 39.96 14.53
CA GLN E 276 -18.45 40.08 13.65
C GLN E 276 -18.69 39.56 12.21
N ASP E 277 -19.54 38.50 12.04
CA ASP E 277 -19.78 37.92 10.72
C ASP E 277 -21.26 37.80 10.33
N ALA E 278 -22.12 38.59 10.96
CA ALA E 278 -23.56 38.54 10.70
C ALA E 278 -24.14 39.77 10.04
N GLN E 279 -25.25 39.54 9.30
CA GLN E 279 -26.07 40.57 8.68
C GLN E 279 -27.52 40.20 8.85
N SER E 280 -28.33 41.18 9.27
CA SER E 280 -29.76 41.07 9.51
C SER E 280 -30.56 41.24 8.22
N LEU E 281 -31.74 40.61 8.15
CA LEU E 281 -32.65 40.70 7.00
C LEU E 281 -34.10 40.53 7.45
N HIS E 282 -34.89 41.61 7.43
CA HIS E 282 -36.30 41.58 7.87
C HIS E 282 -37.20 42.56 7.08
N GLY E 283 -38.44 42.75 7.57
CA GLY E 283 -39.44 43.65 6.99
C GLY E 283 -39.08 45.12 7.05
N ASP E 284 -38.31 45.53 8.10
CA ASP E 284 -37.83 46.91 8.32
C ASP E 284 -36.49 47.20 7.60
N ILE E 285 -36.23 46.48 6.50
CA ILE E 285 -35.06 46.60 5.63
C ILE E 285 -35.56 46.85 4.19
N PRO E 286 -35.13 47.95 3.52
CA PRO E 286 -35.61 48.24 2.16
C PRO E 286 -35.27 47.15 1.13
N GLN E 287 -36.17 46.91 0.14
CA GLN E 287 -36.02 45.88 -0.90
C GLN E 287 -34.64 45.90 -1.62
N LYS E 288 -34.07 47.11 -1.86
CA LYS E 288 -32.76 47.29 -2.51
C LYS E 288 -31.66 46.79 -1.57
N GLN E 289 -31.66 47.28 -0.30
CA GLN E 289 -30.71 46.93 0.76
C GLN E 289 -30.69 45.43 1.04
N ARG E 290 -31.87 44.78 0.92
CA ARG E 290 -32.11 43.35 1.12
C ARG E 290 -31.51 42.51 -0.03
N GLU E 291 -31.34 43.11 -1.24
CA GLU E 291 -30.74 42.39 -2.37
C GLU E 291 -29.21 42.41 -2.33
N ILE E 292 -28.64 43.44 -1.66
CA ILE E 292 -27.21 43.62 -1.42
C ILE E 292 -26.78 42.58 -0.38
N THR E 293 -27.54 42.48 0.74
CA THR E 293 -27.30 41.51 1.81
C THR E 293 -27.33 40.10 1.21
N LEU E 294 -28.28 39.84 0.30
CA LEU E 294 -28.39 38.58 -0.42
C LEU E 294 -27.13 38.33 -1.28
N LYS E 295 -26.62 39.38 -1.98
CA LYS E 295 -25.39 39.36 -2.80
C LYS E 295 -24.12 39.08 -1.93
N GLY E 296 -24.12 39.65 -0.71
CA GLY E 296 -23.03 39.52 0.26
C GLY E 296 -22.93 38.11 0.83
N PHE E 297 -24.09 37.50 1.11
CA PHE E 297 -24.16 36.15 1.66
C PHE E 297 -23.64 35.16 0.61
N ARG E 298 -24.01 35.40 -0.69
CA ARG E 298 -23.61 34.57 -1.82
C ARG E 298 -22.13 34.67 -2.11
N ASN E 299 -21.60 35.91 -2.26
CA ASN E 299 -20.20 36.19 -2.57
C ASN E 299 -19.21 35.98 -1.41
N GLY E 300 -19.68 35.69 -0.20
CA GLY E 300 -18.82 35.45 0.96
C GLY E 300 -18.37 36.66 1.74
N SER E 301 -19.18 37.74 1.75
CA SER E 301 -18.86 38.97 2.49
C SER E 301 -18.96 38.75 3.99
N PHE E 302 -19.85 37.85 4.40
CA PHE E 302 -20.15 37.42 5.77
C PHE E 302 -20.77 36.01 5.61
N GLY E 303 -20.71 35.22 6.67
CA GLY E 303 -21.17 33.84 6.67
C GLY E 303 -22.38 33.51 7.51
N VAL E 304 -22.99 34.49 8.13
CA VAL E 304 -24.18 34.29 8.96
C VAL E 304 -25.25 35.27 8.52
N LEU E 305 -26.39 34.75 8.09
CA LEU E 305 -27.50 35.60 7.68
C LEU E 305 -28.61 35.39 8.68
N VAL E 306 -29.00 36.46 9.41
CA VAL E 306 -30.08 36.40 10.40
C VAL E 306 -31.35 36.94 9.74
N ALA E 307 -32.37 36.09 9.62
CA ALA E 307 -33.61 36.40 8.94
C ALA E 307 -34.88 36.05 9.73
N THR E 308 -36.03 36.57 9.30
CA THR E 308 -37.32 36.20 9.89
C THR E 308 -37.92 35.30 8.84
N ASN E 309 -38.76 34.34 9.27
CA ASN E 309 -39.40 33.36 8.39
C ASN E 309 -40.16 33.99 7.19
N VAL E 310 -40.89 35.11 7.43
CA VAL E 310 -41.64 35.82 6.40
C VAL E 310 -40.70 36.50 5.39
N ALA E 311 -39.69 37.24 5.90
CA ALA E 311 -38.72 37.99 5.10
C ALA E 311 -37.86 37.16 4.15
N ALA E 312 -37.83 35.82 4.31
CA ALA E 312 -37.04 34.91 3.49
C ALA E 312 -37.81 34.23 2.36
N ARG E 313 -39.13 34.03 2.57
CA ARG E 313 -40.12 33.33 1.73
C ARG E 313 -39.88 33.37 0.21
N GLY E 314 -39.94 34.54 -0.42
CA GLY E 314 -39.79 34.65 -1.86
C GLY E 314 -38.37 34.75 -2.36
N LEU E 315 -37.44 35.06 -1.44
CA LEU E 315 -36.02 35.29 -1.73
C LEU E 315 -35.21 34.07 -2.14
N ASP E 316 -34.21 34.29 -3.01
CA ASP E 316 -33.31 33.24 -3.48
C ASP E 316 -32.13 33.18 -2.51
N ILE E 317 -32.17 32.20 -1.61
CA ILE E 317 -31.16 31.97 -0.59
C ILE E 317 -30.22 30.89 -1.11
N PRO E 318 -28.89 31.09 -1.06
CA PRO E 318 -27.98 30.04 -1.57
C PRO E 318 -27.94 28.80 -0.67
N GLU E 319 -27.28 27.72 -1.14
CA GLU E 319 -27.08 26.50 -0.35
C GLU E 319 -26.30 26.87 0.90
N VAL E 320 -26.72 26.33 2.04
CA VAL E 320 -26.04 26.62 3.29
C VAL E 320 -25.44 25.36 3.88
N ASP E 321 -24.64 25.51 4.93
CA ASP E 321 -24.08 24.38 5.60
C ASP E 321 -24.95 24.08 6.80
N LEU E 322 -25.51 25.14 7.38
CA LEU E 322 -26.31 25.04 8.58
C LEU E 322 -27.54 25.97 8.58
N VAL E 323 -28.69 25.41 8.98
CA VAL E 323 -29.93 26.15 9.21
C VAL E 323 -30.19 26.17 10.71
N ILE E 324 -30.48 27.35 11.27
CA ILE E 324 -30.84 27.43 12.70
C ILE E 324 -32.23 28.07 12.88
N GLN E 325 -33.15 27.38 13.55
CA GLN E 325 -34.45 27.95 13.92
C GLN E 325 -34.30 28.32 15.37
N SER E 326 -34.59 29.58 15.72
CA SER E 326 -34.48 30.07 17.11
C SER E 326 -35.47 29.37 18.04
N SER E 327 -36.64 28.97 17.49
CA SER E 327 -37.71 28.27 18.20
C SER E 327 -38.41 27.35 17.21
N PRO E 328 -39.19 26.32 17.64
CA PRO E 328 -39.83 25.43 16.66
C PRO E 328 -40.67 26.23 15.64
N PRO E 329 -40.45 26.00 14.31
CA PRO E 329 -41.17 26.80 13.31
C PRO E 329 -42.69 26.63 13.25
N LYS E 330 -43.41 27.74 12.99
CA LYS E 330 -44.87 27.72 12.78
C LYS E 330 -45.06 27.30 11.31
N ASP E 331 -44.26 27.91 10.39
CA ASP E 331 -44.22 27.68 8.94
C ASP E 331 -43.31 26.47 8.65
N VAL E 332 -43.88 25.28 8.75
CA VAL E 332 -43.21 24.00 8.54
C VAL E 332 -42.78 23.81 7.08
N GLU E 333 -43.60 24.29 6.12
CA GLU E 333 -43.29 24.17 4.69
C GLU E 333 -42.02 24.91 4.30
N SER E 334 -41.80 26.10 4.93
CA SER E 334 -40.61 26.96 4.76
C SER E 334 -39.38 26.27 5.37
N TYR E 335 -39.58 25.54 6.51
CA TYR E 335 -38.53 24.80 7.21
C TYR E 335 -38.02 23.64 6.34
N ILE E 336 -38.92 22.85 5.75
CA ILE E 336 -38.59 21.71 4.90
C ILE E 336 -38.02 22.14 3.55
N HIS E 337 -38.49 23.27 3.03
CA HIS E 337 -37.98 23.78 1.77
C HIS E 337 -36.50 24.20 1.95
N ARG E 338 -36.23 25.00 3.00
CA ARG E 338 -34.90 25.47 3.35
C ARG E 338 -33.96 24.31 3.74
N SER E 339 -34.53 23.24 4.36
CA SER E 339 -33.81 22.03 4.77
C SER E 339 -33.24 21.27 3.58
N GLY E 340 -33.95 21.27 2.45
CA GLY E 340 -33.53 20.60 1.22
C GLY E 340 -32.37 21.29 0.50
N ARG E 341 -32.11 22.57 0.85
CA ARG E 341 -31.03 23.40 0.35
C ARG E 341 -29.90 23.62 1.41
N THR E 342 -29.64 22.55 2.20
CA THR E 342 -28.60 22.50 3.25
C THR E 342 -27.68 21.37 2.93
N GLY E 343 -26.38 21.63 3.04
CA GLY E 343 -25.32 20.65 2.76
C GLY E 343 -24.67 20.91 1.43
N ARG E 344 -23.44 21.41 1.48
CA ARG E 344 -22.62 21.74 0.31
C ARG E 344 -21.41 20.78 0.18
N ALA E 345 -20.88 20.61 -1.06
CA ALA E 345 -19.70 19.77 -1.38
C ALA E 345 -19.81 18.32 -0.88
N GLY E 346 -21.03 17.79 -0.90
CA GLY E 346 -21.30 16.43 -0.48
C GLY E 346 -21.32 16.19 1.01
N ARG E 347 -21.25 17.27 1.82
CA ARG E 347 -21.35 17.15 3.28
C ARG E 347 -22.84 17.10 3.61
N THR E 348 -23.20 16.37 4.68
CA THR E 348 -24.59 16.25 5.13
C THR E 348 -25.03 17.60 5.70
N GLY E 349 -26.22 18.04 5.30
CA GLY E 349 -26.81 19.29 5.76
C GLY E 349 -27.28 19.16 7.19
N VAL E 350 -27.20 20.26 7.95
CA VAL E 350 -27.59 20.25 9.37
C VAL E 350 -28.63 21.31 9.65
N CYS E 351 -29.74 20.88 10.25
CA CYS E 351 -30.82 21.79 10.69
C CYS E 351 -30.92 21.71 12.17
N ILE E 352 -30.70 22.82 12.82
CA ILE E 352 -30.79 22.90 14.26
C ILE E 352 -32.01 23.70 14.67
N CYS E 353 -32.71 23.16 15.64
CA CYS E 353 -33.86 23.77 16.22
C CYS E 353 -33.67 24.01 17.72
N PHE E 354 -33.70 25.27 18.15
CA PHE E 354 -33.60 25.57 19.57
C PHE E 354 -35.01 25.53 20.19
N TYR E 355 -35.11 25.00 21.40
CA TYR E 355 -36.38 24.94 22.10
C TYR E 355 -36.21 25.07 23.61
N GLN E 356 -37.28 25.52 24.27
CA GLN E 356 -37.38 25.66 25.74
C GLN E 356 -38.42 24.64 26.22
N HIS E 357 -38.54 24.38 27.53
CA HIS E 357 -39.54 23.44 28.04
C HIS E 357 -41.00 23.76 27.62
N LYS E 358 -41.37 25.06 27.48
CA LYS E 358 -42.70 25.48 27.05
C LYS E 358 -42.97 25.17 25.55
N GLU E 359 -41.88 25.03 24.76
CA GLU E 359 -41.94 24.76 23.32
C GLU E 359 -41.79 23.27 22.99
N GLU E 360 -41.79 22.39 24.01
CA GLU E 360 -41.63 20.93 23.84
C GLU E 360 -42.71 20.24 22.97
N TYR E 361 -44.02 20.59 23.09
CA TYR E 361 -45.06 19.99 22.25
C TYR E 361 -45.00 20.51 20.82
N GLN E 362 -44.51 21.75 20.65
CA GLN E 362 -44.33 22.45 19.38
C GLN E 362 -43.39 21.67 18.48
N LEU E 363 -42.38 21.03 19.10
CA LEU E 363 -41.36 20.19 18.47
C LEU E 363 -42.01 18.96 17.85
N VAL E 364 -42.90 18.30 18.62
CA VAL E 364 -43.70 17.15 18.23
C VAL E 364 -44.61 17.54 17.05
N GLN E 365 -45.20 18.75 17.08
CA GLN E 365 -46.06 19.25 15.98
C GLN E 365 -45.27 19.38 14.68
N VAL E 366 -44.03 19.90 14.77
CA VAL E 366 -43.12 20.05 13.63
C VAL E 366 -42.75 18.65 13.12
N GLU E 367 -42.41 17.72 14.01
CA GLU E 367 -42.07 16.35 13.63
C GLU E 367 -43.20 15.66 12.87
N GLN E 368 -44.45 15.83 13.33
CA GLN E 368 -45.67 15.26 12.75
C GLN E 368 -46.01 15.86 11.38
N LYS E 369 -45.96 17.20 11.25
CA LYS E 369 -46.28 17.89 10.01
C LYS E 369 -45.23 17.63 8.90
N ALA E 370 -43.94 17.64 9.26
CA ALA E 370 -42.79 17.49 8.35
C ALA E 370 -42.37 16.04 8.06
N GLY E 371 -42.88 15.11 8.86
CA GLY E 371 -42.55 13.68 8.76
C GLY E 371 -41.11 13.36 9.09
N ILE E 372 -40.50 14.17 9.97
CA ILE E 372 -39.11 14.11 10.45
C ILE E 372 -39.05 13.71 11.95
N LYS E 373 -37.86 13.34 12.41
CA LYS E 373 -37.59 12.99 13.80
C LYS E 373 -36.33 13.73 14.21
N PHE E 374 -36.41 14.53 15.27
CA PHE E 374 -35.29 15.28 15.82
C PHE E 374 -34.47 14.45 16.76
N LYS E 375 -33.14 14.68 16.77
CA LYS E 375 -32.20 14.11 17.72
C LYS E 375 -32.21 15.13 18.88
N ARG E 376 -32.64 14.71 20.06
CA ARG E 376 -32.76 15.63 21.18
C ARG E 376 -31.51 15.66 22.00
N ILE E 377 -30.88 16.84 22.03
CA ILE E 377 -29.63 17.12 22.75
C ILE E 377 -29.77 18.46 23.57
P AMP F . 21.85 -40.08 5.84
O1P AMP F . 21.92 -41.28 4.95
O2P AMP F . 21.12 -40.42 7.14
O3P AMP F . 23.22 -39.39 6.16
O5' AMP F . 20.94 -38.97 5.08
C5' AMP F . 20.56 -37.73 5.73
C4' AMP F . 19.16 -37.32 5.36
O4' AMP F . 19.11 -36.89 3.98
C3' AMP F . 18.05 -38.36 5.55
O3' AMP F . 16.90 -37.78 6.14
C2' AMP F . 17.76 -38.81 4.11
O2' AMP F . 16.44 -39.31 3.98
C1' AMP F . 18.03 -37.53 3.32
N9 AMP F . 18.43 -37.75 1.92
C8 AMP F . 19.42 -38.57 1.48
N7 AMP F . 19.57 -38.59 0.17
C5 AMP F . 18.60 -37.69 -0.26
C6 AMP F . 18.26 -37.22 -1.55
N6 AMP F . 18.90 -37.60 -2.66
N1 AMP F . 17.26 -36.31 -1.64
C2 AMP F . 16.65 -35.90 -0.53
N3 AMP F . 16.88 -36.28 0.73
C4 AMP F . 17.88 -37.18 0.80
P AMP G . 24.38 32.34 -14.47
O1P AMP G . 24.93 30.94 -14.81
O2P AMP G . 25.42 33.18 -13.68
O3P AMP G . 23.97 33.19 -15.67
O5' AMP G . 23.08 32.21 -13.47
C5' AMP G . 21.81 31.67 -13.90
C4' AMP G . 20.67 32.37 -13.20
O4' AMP G . 20.65 32.01 -11.80
C3' AMP G . 20.63 33.90 -13.26
O3' AMP G . 19.34 34.36 -13.61
C2' AMP G . 21.03 34.33 -11.85
O2' AMP G . 20.49 35.61 -11.50
C1' AMP G . 20.49 33.17 -11.01
N9 AMP G . 21.19 32.94 -9.74
C8 AMP G . 22.54 32.78 -9.58
N7 AMP G . 22.90 32.57 -8.34
C5 AMP G . 21.70 32.59 -7.63
C6 AMP G . 21.40 32.40 -6.27
N6 AMP G . 22.32 32.11 -5.34
N1 AMP G . 20.10 32.47 -5.90
C2 AMP G . 19.18 32.70 -6.83
N3 AMP G . 19.34 32.89 -8.14
C4 AMP G . 20.64 32.83 -8.49
P AMP H . -18.31 -25.37 10.47
O1P AMP H . -18.23 -26.57 9.58
O2P AMP H . -19.04 -25.72 11.78
O3P AMP H . -16.96 -24.64 10.78
O5' AMP H . -19.24 -24.27 9.73
C5' AMP H . -19.67 -23.05 10.39
C4' AMP H . -21.11 -22.72 10.04
O4' AMP H . -21.19 -22.29 8.66
C3' AMP H . -22.15 -23.81 10.23
O3' AMP H . -23.30 -23.33 10.91
C2' AMP H . -22.49 -24.25 8.80
O2' AMP H . -23.81 -24.76 8.68
C1' AMP H . -22.25 -22.96 8.00
N9 AMP H . -21.87 -23.16 6.61
C8 AMP H . -20.84 -23.95 6.15
N7 AMP H . -20.71 -23.95 4.85
C5 AMP H . -21.72 -23.10 4.41
C6 AMP H . -22.08 -22.64 3.14
N6 AMP H . -21.44 -22.97 2.01
N1 AMP H . -23.13 -21.78 3.05
C2 AMP H . -23.74 -21.40 4.17
N3 AMP H . -23.47 -21.74 5.43
C4 AMP H . -22.44 -22.60 5.49
P AMP I . -17.65 47.06 -9.62
O1P AMP I . -16.99 45.72 -10.05
O2P AMP I . -16.70 47.94 -8.79
O3P AMP I . -18.14 47.87 -10.80
O5' AMP I . -18.93 46.81 -8.65
C5' AMP I . -20.15 46.18 -9.08
C4' AMP I . -21.36 46.75 -8.37
O4' AMP I . -21.34 46.38 -6.97
C3' AMP I . -21.53 48.27 -8.42
O3' AMP I . -22.88 48.60 -8.73
C2' AMP I . -21.14 48.73 -7.01
O2' AMP I . -21.77 49.93 -6.62
C1' AMP I . -21.57 47.52 -6.17
N9 AMP I . -20.83 47.35 -4.92
C8 AMP I . -19.46 47.28 -4.78
N7 AMP I . -19.06 47.10 -3.54
C5 AMP I . -20.25 47.01 -2.83
C6 AMP I . -20.51 46.79 -1.46
N6 AMP I . -19.56 46.57 -0.55
N1 AMP I . -21.81 46.75 -1.07
C2 AMP I . -22.76 46.91 -1.99
N3 AMP I . -22.63 47.13 -3.30
C4 AMP I . -21.34 47.18 -3.65
P AMP J . -60.81 -9.00 15.27
O1P AMP J . -60.89 -10.23 14.40
O2P AMP J . -59.36 -8.43 15.38
O3P AMP J . -61.41 -9.28 16.66
O5' AMP J . -61.74 -7.85 14.55
C5' AMP J . -62.10 -6.61 15.20
C4' AMP J . -63.49 -6.20 14.80
O4' AMP J . -63.52 -5.81 13.41
C3' AMP J . -64.62 -7.22 15.00
O3' AMP J . -65.74 -6.66 15.65
C2' AMP J . -64.96 -7.66 13.58
O2' AMP J . -66.32 -8.08 13.45
C1' AMP J . -64.63 -6.39 12.78
N9 AMP J . -64.27 -6.63 11.38
C8 AMP J . -63.30 -7.49 10.92
N7 AMP J . -63.18 -7.50 9.62
C5 AMP J . -64.12 -6.59 9.18
C6 AMP J . -64.48 -6.13 7.90
N6 AMP J . -63.87 -6.53 6.78
N1 AMP J . -65.48 -5.21 7.81
C2 AMP J . -66.06 -4.78 8.93
N3 AMP J . -65.79 -5.13 10.19
C4 AMP J . -64.81 -6.04 10.25
#